data_5VZ2
#
_entry.id   5VZ2
#
_cell.length_a   94.562
_cell.length_b   126.131
_cell.length_c   145.794
_cell.angle_alpha   90.000
_cell.angle_beta   93.420
_cell.angle_gamma   90.000
#
_symmetry.space_group_name_H-M   'P 1 21 1'
#
loop_
_entity.id
_entity.type
_entity.pdbx_description
1 polymer 'ATP-dependent Clp protease proteolytic subunit'
2 polymer Acyldepsipeptide
3 water water
#
loop_
_entity_poly.entity_id
_entity_poly.type
_entity_poly.pdbx_seq_one_letter_code
_entity_poly.pdbx_strand_id
1 'polypeptide(L)'
;MNLIPTVIETTNRGERAYDIYSRLLKDRIIMLGSQIDDNVANSIVSQLLFLQAQDSEKDIYLYINSPGGSVTAGFAIYDT
IQHIKPDVQTICIGMAASMGSFLLAAGAKGKRFALPNAEVMIHQPLGGAQGQATEIEIAANHILKTREKLNRILSERTGQ
SIEKIQKDTDRDNFLTAEEAKEYGLIDEVMVPETKLEHHHHHH
;
A,B,C,D,E,F,G,I,K,L,M,N,S,T
2 'polypeptide(L)' (9TS)FSP(YCP)A(MP8) H,J,O,P,Q,R,U,V,X,Y,Z,a,b,c
#
# COMPACT_ATOMS: atom_id res chain seq x y z
N ILE A 4 33.91 -1.37 -2.21
CA ILE A 4 33.90 -2.66 -1.47
C ILE A 4 35.36 -2.98 -1.02
N PRO A 5 36.26 -3.39 -1.92
CA PRO A 5 37.60 -3.83 -1.43
C PRO A 5 38.59 -2.74 -0.95
N THR A 6 39.50 -3.20 -0.10
CA THR A 6 40.59 -2.42 0.53
C THR A 6 42.00 -2.85 0.00
N VAL A 7 42.95 -1.90 -0.04
CA VAL A 7 44.25 -2.13 -0.69
N TYR A 18 43.21 2.04 2.81
CA TYR A 18 42.58 2.63 1.62
C TYR A 18 41.50 1.73 0.92
N ASP A 19 40.26 2.21 0.81
CA ASP A 19 39.34 1.65 -0.20
C ASP A 19 39.95 1.93 -1.60
N ILE A 20 39.61 1.06 -2.56
CA ILE A 20 40.14 1.10 -3.90
C ILE A 20 40.05 2.48 -4.61
N TYR A 21 38.93 3.18 -4.45
CA TYR A 21 38.75 4.46 -5.12
C TYR A 21 39.63 5.55 -4.51
N SER A 22 39.80 5.49 -3.19
CA SER A 22 40.71 6.39 -2.49
C SER A 22 42.13 6.14 -2.93
N ARG A 23 42.48 4.87 -3.14
CA ARG A 23 43.78 4.56 -3.65
C ARG A 23 43.95 5.16 -5.05
N LEU A 24 42.90 5.10 -5.87
CA LEU A 24 43.02 5.65 -7.23
C LEU A 24 43.07 7.17 -7.23
N LEU A 25 42.41 7.77 -6.24
CA LEU A 25 42.42 9.21 -6.08
C LEU A 25 43.83 9.71 -5.78
N LYS A 26 44.63 8.89 -5.11
CA LYS A 26 46.05 9.20 -4.92
C LYS A 26 46.80 9.32 -6.21
N ASP A 27 46.41 8.54 -7.24
CA ASP A 27 46.91 8.72 -8.61
C ASP A 27 46.20 9.72 -9.48
N ARG A 28 45.36 10.56 -8.89
CA ARG A 28 44.67 11.65 -9.58
C ARG A 28 43.52 11.13 -10.50
N ILE A 29 43.01 9.94 -10.20
CA ILE A 29 41.85 9.36 -10.88
C ILE A 29 40.61 9.63 -10.00
N ILE A 30 39.63 10.31 -10.62
CA ILE A 30 38.26 10.47 -10.10
C ILE A 30 37.28 9.58 -10.90
N MET A 31 36.41 8.87 -10.19
CA MET A 31 35.50 7.87 -10.72
C MET A 31 34.06 8.46 -10.75
N LEU A 32 33.54 8.75 -11.94
CA LEU A 32 32.12 9.18 -12.09
C LEU A 32 31.42 7.97 -12.67
N GLY A 33 31.02 7.09 -11.76
CA GLY A 33 30.49 5.82 -12.01
C GLY A 33 29.04 5.68 -11.54
N SER A 34 28.28 6.76 -11.55
CA SER A 34 26.84 6.67 -11.25
C SER A 34 26.07 7.80 -11.84
N GLN A 35 24.76 7.78 -11.59
CA GLN A 35 23.87 8.88 -11.87
C GLN A 35 24.43 10.22 -11.31
N ILE A 36 24.23 11.30 -12.04
CA ILE A 36 24.65 12.61 -11.62
C ILE A 36 23.54 13.33 -10.85
N ASP A 37 23.75 13.45 -9.56
CA ASP A 37 22.86 14.22 -8.70
C ASP A 37 23.74 15.20 -7.89
N ASP A 38 23.10 15.97 -7.03
CA ASP A 38 23.81 17.01 -6.29
C ASP A 38 24.93 16.40 -5.37
N ASN A 39 24.64 15.31 -4.67
CA ASN A 39 25.66 14.64 -3.83
C ASN A 39 26.89 14.19 -4.60
N VAL A 40 26.67 13.56 -5.75
CA VAL A 40 27.73 13.10 -6.64
C VAL A 40 28.55 14.26 -7.17
N ALA A 41 27.87 15.29 -7.62
CA ALA A 41 28.56 16.51 -8.02
C ALA A 41 29.37 17.19 -6.90
N ASN A 42 28.88 17.14 -5.69
CA ASN A 42 29.57 17.75 -4.54
C ASN A 42 30.90 16.96 -4.29
N SER A 43 30.83 15.64 -4.36
CA SER A 43 32.04 14.79 -4.25
C SER A 43 33.00 15.04 -5.41
N ILE A 44 32.52 15.02 -6.65
CA ILE A 44 33.44 15.17 -7.77
C ILE A 44 34.10 16.55 -7.73
N VAL A 45 33.30 17.59 -7.52
CA VAL A 45 33.84 18.95 -7.40
C VAL A 45 34.96 19.00 -6.29
N SER A 46 34.64 18.45 -5.14
CA SER A 46 35.57 18.44 -4.02
C SER A 46 36.87 17.71 -4.37
N GLN A 47 36.73 16.59 -5.09
CA GLN A 47 37.90 15.83 -5.51
C GLN A 47 38.75 16.67 -6.44
N LEU A 48 38.09 17.33 -7.39
CA LEU A 48 38.79 18.14 -8.38
C LEU A 48 39.54 19.28 -7.68
N LEU A 49 38.87 19.98 -6.77
CA LEU A 49 39.46 21.07 -6.04
C LEU A 49 40.66 20.58 -5.15
N PHE A 50 40.46 19.47 -4.43
CA PHE A 50 41.52 18.83 -3.67
C PHE A 50 42.74 18.56 -4.54
N LEU A 51 42.53 17.90 -5.67
CA LEU A 51 43.62 17.52 -6.54
C LEU A 51 44.41 18.69 -7.06
N GLN A 52 43.70 19.76 -7.41
CA GLN A 52 44.30 20.95 -7.92
C GLN A 52 45.16 21.63 -6.80
N ALA A 53 44.67 21.62 -5.55
CA ALA A 53 45.39 22.15 -4.41
C ALA A 53 46.69 21.34 -4.12
N GLN A 54 46.63 20.00 -4.28
CA GLN A 54 47.79 19.16 -4.17
C GLN A 54 48.82 19.39 -5.25
N ASP A 55 48.38 19.57 -6.49
CA ASP A 55 49.28 19.80 -7.59
C ASP A 55 48.50 20.51 -8.67
N SER A 56 48.86 21.75 -8.95
CA SER A 56 48.11 22.59 -9.87
C SER A 56 48.51 22.40 -11.30
N GLU A 57 49.48 21.53 -11.55
CA GLU A 57 49.99 21.32 -12.91
C GLU A 57 49.82 19.95 -13.52
N LYS A 58 49.73 18.90 -12.71
CA LYS A 58 49.62 17.56 -13.22
C LYS A 58 48.19 17.29 -13.63
N ASP A 59 48.04 16.46 -14.63
CA ASP A 59 46.75 16.04 -15.19
C ASP A 59 45.96 15.28 -14.17
N ILE A 60 44.65 15.45 -14.27
CA ILE A 60 43.62 14.70 -13.57
C ILE A 60 42.92 13.79 -14.60
N TYR A 61 42.39 12.66 -14.13
CA TYR A 61 41.80 11.62 -15.01
C TYR A 61 40.42 11.36 -14.43
N LEU A 62 39.40 11.78 -15.18
CA LEU A 62 37.97 11.56 -14.84
C LEU A 62 37.46 10.41 -15.68
N TYR A 63 37.19 9.29 -15.01
CA TYR A 63 36.70 8.09 -15.68
C TYR A 63 35.19 8.11 -15.53
N ILE A 64 34.47 7.80 -16.59
CA ILE A 64 33.04 8.08 -16.66
C ILE A 64 32.31 6.83 -17.05
N ASN A 65 31.43 6.34 -16.17
CA ASN A 65 30.47 5.32 -16.52
C ASN A 65 29.14 5.76 -15.91
N SER A 66 28.41 6.62 -16.63
CA SER A 66 27.27 7.36 -16.06
C SER A 66 26.14 7.45 -17.05
N PRO A 67 24.90 7.28 -16.57
CA PRO A 67 23.75 7.49 -17.45
C PRO A 67 23.33 8.96 -17.48
N GLY A 68 23.99 9.84 -16.73
CA GLY A 68 23.69 11.25 -16.75
C GLY A 68 22.91 11.57 -15.51
N GLY A 69 22.03 12.54 -15.60
CA GLY A 69 21.28 13.00 -14.42
C GLY A 69 21.09 14.50 -14.52
N SER A 70 21.12 15.16 -13.37
CA SER A 70 20.81 16.61 -13.24
C SER A 70 21.79 17.50 -14.01
N VAL A 71 21.25 18.34 -14.85
CA VAL A 71 21.98 19.29 -15.67
C VAL A 71 22.74 20.31 -14.81
N THR A 72 22.09 20.82 -13.77
CA THR A 72 22.77 21.77 -12.92
C THR A 72 23.89 21.11 -12.11
N ALA A 73 23.66 19.87 -11.64
CA ALA A 73 24.74 19.13 -11.05
C ALA A 73 25.91 18.95 -12.03
N GLY A 74 25.58 18.64 -13.27
CA GLY A 74 26.57 18.40 -14.28
C GLY A 74 27.38 19.62 -14.58
N PHE A 75 26.70 20.76 -14.61
CA PHE A 75 27.35 22.00 -14.79
C PHE A 75 28.25 22.44 -13.62
N ALA A 76 27.97 22.02 -12.40
CA ALA A 76 28.88 22.28 -11.27
C ALA A 76 30.20 21.60 -11.55
N ILE A 77 30.16 20.37 -12.06
CA ILE A 77 31.33 19.61 -12.41
C ILE A 77 31.98 20.24 -13.65
N TYR A 78 31.17 20.55 -14.68
CA TYR A 78 31.71 21.17 -15.89
C TYR A 78 32.54 22.43 -15.58
N ASP A 79 31.95 23.35 -14.82
CA ASP A 79 32.56 24.64 -14.59
C ASP A 79 33.80 24.53 -13.72
N THR A 80 33.78 23.60 -12.80
CA THR A 80 34.98 23.29 -12.05
C THR A 80 36.09 22.79 -12.92
N ILE A 81 35.75 21.94 -13.88
CA ILE A 81 36.76 21.41 -14.80
C ILE A 81 37.41 22.58 -15.60
N GLN A 82 36.60 23.46 -16.17
CA GLN A 82 37.16 24.56 -16.94
C GLN A 82 37.89 25.54 -16.06
N HIS A 83 37.47 25.70 -14.81
CA HIS A 83 38.09 26.65 -13.92
C HIS A 83 39.52 26.30 -13.48
N ILE A 84 39.76 25.06 -13.14
CA ILE A 84 41.00 24.66 -12.53
C ILE A 84 42.17 24.60 -13.55
N LYS A 85 43.39 24.63 -13.03
CA LYS A 85 44.59 24.75 -13.92
C LYS A 85 44.90 23.45 -14.58
N PRO A 86 44.89 22.37 -13.85
CA PRO A 86 45.26 21.13 -14.56
C PRO A 86 44.26 20.72 -15.63
N ASP A 87 44.80 20.15 -16.69
CA ASP A 87 44.04 19.40 -17.65
C ASP A 87 43.26 18.21 -17.02
N VAL A 88 41.97 18.12 -17.35
CA VAL A 88 41.20 16.97 -16.95
C VAL A 88 41.03 16.11 -18.16
N GLN A 89 41.68 14.96 -18.13
CA GLN A 89 41.44 13.92 -19.14
C GLN A 89 40.06 13.24 -18.87
N THR A 90 39.37 12.81 -19.90
CA THR A 90 38.11 12.06 -19.71
C THR A 90 38.17 10.71 -20.42
N ILE A 91 37.69 9.66 -19.72
CA ILE A 91 37.75 8.29 -20.22
C ILE A 91 36.41 7.64 -20.01
N CYS A 92 35.71 7.37 -21.11
CA CYS A 92 34.39 6.72 -21.03
C CYS A 92 34.61 5.24 -20.96
N ILE A 93 34.21 4.62 -19.85
CA ILE A 93 34.17 3.16 -19.73
C ILE A 93 32.69 2.75 -19.68
N GLY A 94 32.29 1.81 -20.46
CA GLY A 94 30.90 1.33 -20.42
C GLY A 94 29.90 2.26 -21.11
N MET A 95 29.51 3.36 -20.43
CA MET A 95 28.48 4.28 -20.95
C MET A 95 28.71 5.72 -20.47
N ALA A 96 28.51 6.66 -21.37
CA ALA A 96 28.38 8.05 -21.00
C ALA A 96 27.16 8.54 -21.76
N ALA A 97 26.11 8.80 -21.02
CA ALA A 97 24.82 9.23 -21.63
C ALA A 97 24.39 10.55 -21.02
N SER A 98 23.74 11.35 -21.84
CA SER A 98 23.14 12.61 -21.40
C SER A 98 24.21 13.51 -20.79
N MET A 99 24.02 14.01 -19.55
CA MET A 99 24.99 14.83 -18.95
C MET A 99 26.36 14.13 -18.85
N GLY A 100 26.37 12.80 -18.91
CA GLY A 100 27.60 12.03 -18.85
C GLY A 100 28.46 12.25 -20.07
N SER A 101 27.78 12.31 -21.22
CA SER A 101 28.49 12.51 -22.48
C SER A 101 28.86 13.93 -22.62
N PHE A 102 28.06 14.83 -22.04
CA PHE A 102 28.38 16.23 -22.05
C PHE A 102 29.77 16.40 -21.32
N LEU A 103 29.89 15.79 -20.15
CA LEU A 103 31.13 15.88 -19.40
C LEU A 103 32.27 15.17 -20.11
N LEU A 104 32.03 14.04 -20.76
CA LEU A 104 33.08 13.37 -21.52
C LEU A 104 33.66 14.35 -22.55
N ALA A 105 32.73 15.06 -23.23
CA ALA A 105 33.08 16.07 -24.23
C ALA A 105 33.79 17.27 -23.63
N ALA A 106 33.59 17.52 -22.35
CA ALA A 106 34.23 18.61 -21.64
C ALA A 106 35.73 18.40 -21.24
N GLY A 107 36.30 17.23 -21.46
CA GLY A 107 37.66 16.95 -21.09
C GLY A 107 38.63 17.78 -21.94
N ALA A 108 39.84 17.90 -21.45
CA ALA A 108 40.89 18.67 -22.16
C ALA A 108 41.04 18.22 -23.59
N LYS A 109 41.18 19.19 -24.48
CA LYS A 109 41.40 18.93 -25.89
C LYS A 109 42.61 18.03 -26.17
N GLY A 110 42.36 16.90 -26.83
CA GLY A 110 43.34 15.87 -27.14
C GLY A 110 43.37 14.78 -26.12
N LYS A 111 42.63 14.93 -25.03
CA LYS A 111 42.72 13.96 -23.96
C LYS A 111 41.33 13.41 -23.57
N ARG A 112 40.48 13.15 -24.57
CA ARG A 112 39.16 12.62 -24.30
C ARG A 112 39.13 11.36 -25.06
N PHE A 113 38.83 10.30 -24.34
CA PHE A 113 38.97 8.94 -24.77
C PHE A 113 37.71 8.13 -24.45
N ALA A 114 37.50 7.07 -25.20
CA ALA A 114 36.49 6.08 -24.90
C ALA A 114 37.11 4.77 -25.23
N LEU A 115 36.79 3.78 -24.42
CA LEU A 115 37.15 2.40 -24.71
C LEU A 115 36.30 1.79 -25.86
N PRO A 116 36.81 0.76 -26.59
CA PRO A 116 36.27 0.45 -27.94
C PRO A 116 34.76 0.12 -27.92
N ASN A 117 34.27 -0.50 -26.83
CA ASN A 117 32.88 -0.96 -26.69
C ASN A 117 32.01 -0.07 -25.78
N ALA A 118 32.55 1.06 -25.39
CA ALA A 118 31.82 2.06 -24.67
C ALA A 118 30.70 2.68 -25.51
N GLU A 119 29.70 3.19 -24.84
CA GLU A 119 28.48 3.72 -25.51
C GLU A 119 28.39 5.16 -25.10
N VAL A 120 28.21 6.01 -26.09
CA VAL A 120 27.97 7.40 -25.91
C VAL A 120 26.53 7.69 -26.37
N MET A 121 25.79 8.47 -25.59
CA MET A 121 24.44 8.84 -25.99
C MET A 121 24.21 10.28 -25.73
N ILE A 122 23.72 11.00 -26.75
CA ILE A 122 23.34 12.39 -26.59
C ILE A 122 21.91 12.57 -26.89
N HIS A 123 21.32 13.55 -26.20
CA HIS A 123 19.92 13.86 -26.21
C HIS A 123 19.65 15.18 -25.52
N GLN A 124 18.46 15.67 -25.75
CA GLN A 124 18.05 16.94 -25.15
C GLN A 124 17.65 16.80 -23.70
N PRO A 125 17.67 17.92 -22.96
CA PRO A 125 17.29 17.79 -21.56
C PRO A 125 15.85 17.45 -21.30
N LEU A 126 15.64 16.77 -20.17
CA LEU A 126 14.33 16.32 -19.73
C LEU A 126 13.93 17.14 -18.55
N GLY A 127 12.65 17.42 -18.43
CA GLY A 127 12.14 18.13 -17.26
C GLY A 127 10.64 18.06 -17.11
N GLY A 128 10.12 19.01 -16.36
CA GLY A 128 8.72 18.95 -15.91
C GLY A 128 8.25 20.33 -15.51
N ALA A 129 6.94 20.52 -15.51
CA ALA A 129 6.33 21.78 -15.12
C ALA A 129 4.84 21.48 -14.83
N GLN A 130 4.33 22.04 -13.76
CA GLN A 130 2.90 22.01 -13.50
C GLN A 130 2.44 23.31 -12.91
N GLY A 131 1.15 23.54 -12.97
CA GLY A 131 0.59 24.76 -12.39
C GLY A 131 -0.13 25.65 -13.37
N GLN A 132 -0.14 26.93 -13.06
CA GLN A 132 -0.74 27.94 -13.89
C GLN A 132 0.02 28.10 -15.20
N ALA A 133 -0.71 28.57 -16.19
CA ALA A 133 -0.16 28.84 -17.54
C ALA A 133 1.17 29.62 -17.48
N THR A 134 1.17 30.72 -16.73
CA THR A 134 2.38 31.55 -16.51
C THR A 134 3.57 30.74 -15.94
N GLU A 135 3.30 29.86 -14.98
CA GLU A 135 4.28 29.00 -14.40
C GLU A 135 4.87 28.02 -15.41
N ILE A 136 4.01 27.42 -16.24
CA ILE A 136 4.47 26.55 -17.30
C ILE A 136 5.38 27.27 -18.31
N GLU A 137 5.03 28.48 -18.61
CA GLU A 137 5.73 29.25 -19.56
C GLU A 137 7.16 29.57 -19.01
N ILE A 138 7.25 30.00 -17.75
CA ILE A 138 8.52 30.22 -17.07
C ILE A 138 9.40 28.93 -17.14
N ALA A 139 8.82 27.79 -16.80
CA ALA A 139 9.52 26.54 -16.83
C ALA A 139 9.94 26.15 -18.27
N ALA A 140 9.10 26.48 -19.25
CA ALA A 140 9.43 26.20 -20.62
C ALA A 140 10.62 27.02 -21.09
N ASN A 141 10.52 28.35 -20.93
CA ASN A 141 11.61 29.30 -21.18
C ASN A 141 12.91 28.86 -20.55
N HIS A 142 12.86 28.48 -19.29
CA HIS A 142 14.07 28.05 -18.61
C HIS A 142 14.74 26.78 -19.22
N ILE A 143 13.97 25.71 -19.45
CA ILE A 143 14.55 24.52 -20.03
C ILE A 143 15.03 24.75 -21.47
N LEU A 144 14.36 25.60 -22.24
CA LEU A 144 14.83 25.98 -23.60
C LEU A 144 16.16 26.74 -23.54
N LYS A 145 16.30 27.67 -22.60
CA LYS A 145 17.59 28.31 -22.38
C LYS A 145 18.69 27.32 -21.98
N THR A 146 18.33 26.36 -21.12
CA THR A 146 19.25 25.38 -20.69
C THR A 146 19.74 24.58 -21.87
N ARG A 147 18.82 24.23 -22.77
CA ARG A 147 19.20 23.47 -23.94
C ARG A 147 20.11 24.22 -24.89
N GLU A 148 19.75 25.48 -25.16
CA GLU A 148 20.60 26.30 -26.01
C GLU A 148 22.05 26.44 -25.39
N LYS A 149 22.15 26.51 -24.06
CA LYS A 149 23.46 26.60 -23.39
C LYS A 149 24.27 25.31 -23.58
N LEU A 150 23.59 24.18 -23.42
CA LEU A 150 24.19 22.88 -23.66
C LEU A 150 24.64 22.71 -25.11
N ASN A 151 23.73 23.01 -26.01
CA ASN A 151 24.03 22.90 -27.43
C ASN A 151 25.17 23.82 -27.86
N ARG A 152 25.19 25.02 -27.38
CA ARG A 152 26.23 25.91 -27.76
C ARG A 152 27.60 25.39 -27.28
N ILE A 153 27.69 24.96 -26.04
CA ILE A 153 28.90 24.36 -25.56
C ILE A 153 29.26 23.12 -26.33
N LEU A 154 28.33 22.22 -26.59
CA LEU A 154 28.66 21.06 -27.39
C LEU A 154 29.23 21.35 -28.78
N SER A 155 28.69 22.38 -29.42
CA SER A 155 29.15 22.88 -30.71
C SER A 155 30.66 23.29 -30.65
N GLU A 156 30.98 24.15 -29.71
CA GLU A 156 32.34 24.62 -29.48
C GLU A 156 33.31 23.45 -29.20
N ARG A 157 32.85 22.46 -28.42
CA ARG A 157 33.67 21.31 -28.04
C ARG A 157 33.83 20.29 -29.09
N THR A 158 32.82 20.11 -29.96
CA THR A 158 32.87 19.09 -31.01
C THR A 158 33.40 19.61 -32.36
N GLY A 159 33.23 20.91 -32.61
CA GLY A 159 33.35 21.39 -33.98
C GLY A 159 32.10 21.32 -34.86
N GLN A 160 30.97 20.86 -34.35
CA GLN A 160 29.75 20.76 -35.14
C GLN A 160 29.00 22.03 -34.99
N SER A 161 28.18 22.36 -35.98
CA SER A 161 27.31 23.53 -35.88
C SER A 161 26.26 23.28 -34.81
N ILE A 162 25.78 24.37 -34.23
CA ILE A 162 24.74 24.28 -33.28
C ILE A 162 23.45 23.66 -33.88
N GLU A 163 23.17 23.92 -35.16
CA GLU A 163 22.01 23.39 -35.87
C GLU A 163 22.14 21.86 -35.96
N LYS A 164 23.33 21.38 -36.31
CA LYS A 164 23.56 19.95 -36.34
C LYS A 164 23.37 19.32 -34.91
N ILE A 165 23.95 19.94 -33.87
CA ILE A 165 23.73 19.46 -32.48
C ILE A 165 22.21 19.41 -32.15
N GLN A 166 21.51 20.50 -32.46
CA GLN A 166 20.04 20.64 -32.25
C GLN A 166 19.35 19.40 -32.88
N LYS A 167 19.61 19.15 -34.15
CA LYS A 167 19.04 18.00 -34.85
C LYS A 167 19.45 16.65 -34.26
N ASP A 168 20.72 16.48 -33.92
CA ASP A 168 21.19 15.14 -33.48
C ASP A 168 20.87 14.89 -32.00
N THR A 169 20.39 15.91 -31.26
CA THR A 169 19.94 15.68 -29.89
C THR A 169 18.43 15.72 -29.74
N ASP A 170 17.72 15.80 -30.89
CA ASP A 170 16.26 15.92 -30.88
C ASP A 170 15.61 14.73 -30.16
N ARG A 171 16.14 13.54 -30.46
CA ARG A 171 15.88 12.30 -29.72
C ARG A 171 17.15 11.61 -29.31
N ASP A 172 17.00 10.58 -28.51
CA ASP A 172 18.08 9.73 -28.05
C ASP A 172 18.89 9.29 -29.24
N ASN A 173 20.18 9.61 -29.21
CA ASN A 173 21.10 9.34 -30.29
C ASN A 173 22.34 8.61 -29.74
N PHE A 174 22.45 7.32 -30.03
CA PHE A 174 23.48 6.44 -29.49
C PHE A 174 24.65 6.33 -30.46
N LEU A 175 25.87 6.53 -29.98
CA LEU A 175 27.05 6.47 -30.84
C LEU A 175 27.99 5.45 -30.28
N THR A 176 28.63 4.72 -31.18
CA THR A 176 29.82 3.92 -30.85
C THR A 176 31.00 4.87 -30.47
N ALA A 177 32.03 4.32 -29.84
CA ALA A 177 33.24 5.11 -29.56
C ALA A 177 33.87 5.76 -30.84
N GLU A 178 33.98 4.97 -31.92
CA GLU A 178 34.48 5.43 -33.21
C GLU A 178 33.63 6.53 -33.72
N GLU A 179 32.31 6.39 -33.60
CA GLU A 179 31.40 7.48 -34.03
C GLU A 179 31.50 8.65 -33.14
N ALA A 180 31.76 8.43 -31.86
CA ALA A 180 31.89 9.63 -30.96
C ALA A 180 33.12 10.43 -31.34
N LYS A 181 34.15 9.70 -31.73
CA LYS A 181 35.40 10.34 -32.24
C LYS A 181 35.21 11.13 -33.55
N GLU A 182 34.58 10.50 -34.54
CA GLU A 182 34.20 11.18 -35.79
C GLU A 182 33.34 12.42 -35.54
N TYR A 183 32.50 12.35 -34.52
CA TYR A 183 31.62 13.45 -34.19
C TYR A 183 32.36 14.59 -33.48
N GLY A 184 33.45 14.26 -32.79
CA GLY A 184 34.22 15.27 -32.07
C GLY A 184 33.95 15.32 -30.57
N LEU A 185 33.20 14.34 -30.05
CA LEU A 185 32.90 14.25 -28.64
C LEU A 185 34.15 13.71 -27.87
N ILE A 186 34.95 12.87 -28.54
CA ILE A 186 36.18 12.41 -27.98
C ILE A 186 37.26 12.63 -29.04
N ASP A 187 38.51 12.52 -28.62
CA ASP A 187 39.70 12.60 -29.53
C ASP A 187 40.17 11.22 -30.02
N GLU A 188 40.06 10.21 -29.18
CA GLU A 188 40.68 8.94 -29.48
C GLU A 188 39.89 7.77 -28.94
N VAL A 189 39.79 6.71 -29.72
CA VAL A 189 39.37 5.46 -29.15
C VAL A 189 40.63 4.84 -28.50
N MET A 190 40.54 4.47 -27.22
CA MET A 190 41.64 3.81 -26.50
C MET A 190 41.75 2.31 -26.87
N VAL A 191 42.72 2.02 -27.71
CA VAL A 191 42.89 0.67 -28.25
C VAL A 191 43.75 -0.18 -27.34
N PRO A 192 43.52 -1.50 -27.31
CA PRO A 192 44.33 -2.35 -26.46
C PRO A 192 45.65 -2.70 -27.13
N ILE B 4 32.04 -11.07 4.78
CA ILE B 4 31.78 -11.17 6.25
C ILE B 4 33.06 -11.39 7.11
N PRO B 5 33.68 -12.59 7.06
CA PRO B 5 34.74 -13.01 8.03
C PRO B 5 36.17 -12.44 7.80
N THR B 6 36.98 -12.37 8.87
CA THR B 6 38.35 -11.72 8.86
C THR B 6 39.56 -12.73 8.87
N VAL B 7 40.66 -12.34 8.23
CA VAL B 7 41.71 -13.27 7.84
N ASP B 19 39.40 -8.92 6.16
CA ASP B 19 38.32 -9.14 5.14
C ASP B 19 38.75 -10.18 4.05
N ILE B 20 37.96 -11.22 3.78
CA ILE B 20 38.51 -12.34 3.02
C ILE B 20 38.75 -11.97 1.54
N TYR B 21 37.90 -11.13 1.01
CA TYR B 21 37.95 -10.78 -0.37
C TYR B 21 39.16 -9.85 -0.60
N SER B 22 39.41 -8.93 0.32
CA SER B 22 40.62 -8.10 0.25
C SER B 22 41.89 -8.94 0.41
N ARG B 23 41.82 -9.90 1.31
CA ARG B 23 42.94 -10.85 1.42
C ARG B 23 43.18 -11.57 0.09
N LEU B 24 42.12 -12.06 -0.57
CA LEU B 24 42.28 -12.71 -1.88
C LEU B 24 42.78 -11.75 -2.97
N LEU B 25 42.50 -10.47 -2.83
CA LEU B 25 42.91 -9.49 -3.82
C LEU B 25 44.41 -9.27 -3.71
N LYS B 26 44.95 -9.39 -2.50
CA LYS B 26 46.40 -9.45 -2.34
C LYS B 26 47.02 -10.55 -3.22
N ASP B 27 46.31 -11.66 -3.41
CA ASP B 27 46.74 -12.69 -4.36
C ASP B 27 46.29 -12.52 -5.77
N ARG B 28 45.80 -11.32 -6.12
CA ARG B 28 45.40 -11.02 -7.52
C ARG B 28 44.13 -11.75 -7.98
N ILE B 29 43.33 -12.24 -7.03
CA ILE B 29 42.05 -12.83 -7.28
C ILE B 29 40.97 -11.72 -7.12
N ILE B 30 40.12 -11.62 -8.14
CA ILE B 30 38.95 -10.70 -8.15
C ILE B 30 37.68 -11.53 -8.12
N MET B 31 36.78 -11.17 -7.22
CA MET B 31 35.54 -11.87 -7.13
C MET B 31 34.40 -11.11 -7.86
N LEU B 32 33.80 -11.82 -8.84
CA LEU B 32 32.58 -11.33 -9.51
C LEU B 32 31.50 -12.27 -9.09
N GLY B 33 30.89 -11.97 -7.94
CA GLY B 33 29.99 -12.86 -7.23
C GLY B 33 28.57 -12.35 -7.05
N SER B 34 28.11 -11.56 -7.99
CA SER B 34 26.81 -10.94 -7.91
C SER B 34 26.32 -10.50 -9.30
N GLN B 35 25.08 -10.11 -9.35
CA GLN B 35 24.54 -9.32 -10.46
C GLN B 35 25.50 -8.22 -10.91
N ILE B 36 25.59 -8.04 -12.21
CA ILE B 36 26.44 -7.02 -12.78
C ILE B 36 25.65 -5.70 -12.98
N ASP B 37 25.95 -4.70 -12.16
CA ASP B 37 25.45 -3.33 -12.29
C ASP B 37 26.63 -2.36 -12.27
N ASP B 38 26.34 -1.08 -12.37
CA ASP B 38 27.38 -0.06 -12.47
C ASP B 38 28.36 -0.03 -11.24
N ASN B 39 27.87 -0.20 -10.01
CA ASN B 39 28.72 -0.36 -8.83
C ASN B 39 29.74 -1.50 -8.95
N VAL B 40 29.28 -2.66 -9.38
CA VAL B 40 30.09 -3.87 -9.43
C VAL B 40 31.14 -3.62 -10.49
N ALA B 41 30.75 -3.07 -11.62
CA ALA B 41 31.68 -2.75 -12.67
C ALA B 41 32.74 -1.76 -12.23
N ASN B 42 32.32 -0.69 -11.57
CA ASN B 42 33.28 0.34 -11.18
C ASN B 42 34.38 -0.29 -10.27
N SER B 43 33.93 -1.13 -9.36
CA SER B 43 34.81 -1.89 -8.48
C SER B 43 35.70 -2.90 -9.21
N ILE B 44 35.15 -3.67 -10.14
CA ILE B 44 35.95 -4.66 -10.82
C ILE B 44 36.99 -3.95 -11.71
N VAL B 45 36.54 -2.92 -12.45
CA VAL B 45 37.41 -2.14 -13.28
C VAL B 45 38.57 -1.54 -12.42
N SER B 46 38.22 -0.91 -11.31
CA SER B 46 39.23 -0.39 -10.41
C SER B 46 40.22 -1.49 -9.94
N GLN B 47 39.69 -2.62 -9.51
CA GLN B 47 40.53 -3.72 -9.05
C GLN B 47 41.45 -4.17 -10.12
N LEU B 48 40.95 -4.29 -11.35
CA LEU B 48 41.83 -4.64 -12.42
C LEU B 48 42.95 -3.61 -12.65
N LEU B 49 42.63 -2.33 -12.69
CA LEU B 49 43.65 -1.33 -12.98
C LEU B 49 44.74 -1.29 -11.85
N PHE B 50 44.27 -1.45 -10.63
CA PHE B 50 45.10 -1.49 -9.46
C PHE B 50 46.12 -2.66 -9.54
N LEU B 51 45.62 -3.87 -9.87
CA LEU B 51 46.48 -5.03 -9.97
C LEU B 51 47.52 -4.82 -11.05
N GLN B 52 47.10 -4.30 -12.19
CA GLN B 52 48.03 -3.98 -13.25
C GLN B 52 49.16 -2.97 -12.81
N ALA B 53 48.78 -1.91 -12.06
CA ALA B 53 49.73 -0.94 -11.49
C ALA B 53 50.78 -1.58 -10.55
N GLN B 54 50.36 -2.53 -9.72
CA GLN B 54 51.28 -3.25 -8.91
C GLN B 54 52.22 -4.10 -9.74
N ASP B 55 51.70 -4.77 -10.77
CA ASP B 55 52.49 -5.72 -11.51
C ASP B 55 51.78 -5.97 -12.80
N SER B 56 52.42 -5.47 -13.86
CA SER B 56 51.87 -5.55 -15.18
C SER B 56 52.16 -6.87 -15.90
N GLU B 57 52.80 -7.84 -15.23
CA GLU B 57 53.09 -9.17 -15.82
C GLU B 57 52.45 -10.36 -15.14
N LYS B 58 52.20 -10.30 -13.85
CA LYS B 58 51.59 -11.43 -13.15
C LYS B 58 50.09 -11.52 -13.57
N ASP B 59 49.66 -12.73 -13.90
CA ASP B 59 48.25 -13.04 -14.15
C ASP B 59 47.33 -12.52 -13.05
N ILE B 60 46.09 -12.23 -13.46
CA ILE B 60 44.99 -11.91 -12.58
C ILE B 60 44.00 -13.04 -12.70
N TYR B 61 43.23 -13.31 -11.65
CA TYR B 61 42.25 -14.38 -11.68
C TYR B 61 40.89 -13.81 -11.33
N LEU B 62 39.97 -13.87 -12.31
CA LEU B 62 38.59 -13.43 -12.16
C LEU B 62 37.65 -14.62 -11.93
N TYR B 63 37.17 -14.74 -10.72
CA TYR B 63 36.25 -15.80 -10.30
C TYR B 63 34.81 -15.30 -10.49
N ILE B 64 34.01 -16.05 -11.22
CA ILE B 64 32.68 -15.64 -11.64
C ILE B 64 31.60 -16.57 -11.09
N ASN B 65 30.72 -16.03 -10.24
CA ASN B 65 29.44 -16.64 -9.90
C ASN B 65 28.38 -15.54 -10.07
N SER B 66 27.80 -15.42 -11.24
CA SER B 66 26.96 -14.23 -11.55
C SER B 66 25.82 -14.54 -12.50
N PRO B 67 24.59 -14.03 -12.23
CA PRO B 67 23.53 -14.18 -13.21
C PRO B 67 23.59 -13.14 -14.35
N GLY B 68 24.67 -12.39 -14.46
CA GLY B 68 24.74 -11.31 -15.47
C GLY B 68 24.15 -10.02 -14.91
N GLY B 69 23.65 -9.17 -15.78
CA GLY B 69 23.09 -7.85 -15.42
C GLY B 69 23.35 -6.92 -16.59
N SER B 70 23.69 -5.68 -16.27
CA SER B 70 23.84 -4.64 -17.27
C SER B 70 24.91 -4.90 -18.35
N VAL B 71 24.51 -4.70 -19.59
CA VAL B 71 25.39 -4.85 -20.72
C VAL B 71 26.50 -3.80 -20.72
N THR B 72 26.18 -2.57 -20.42
CA THR B 72 27.20 -1.51 -20.50
C THR B 72 28.18 -1.68 -19.35
N ALA B 73 27.64 -2.02 -18.18
CA ALA B 73 28.49 -2.39 -17.06
C ALA B 73 29.45 -3.55 -17.42
N GLY B 74 28.89 -4.58 -18.02
CA GLY B 74 29.63 -5.76 -18.46
C GLY B 74 30.71 -5.32 -19.44
N PHE B 75 30.39 -4.43 -20.37
CA PHE B 75 31.44 -3.93 -21.26
C PHE B 75 32.51 -3.05 -20.62
N ALA B 76 32.23 -2.39 -19.51
CA ALA B 76 33.28 -1.65 -18.81
C ALA B 76 34.31 -2.67 -18.31
N ILE B 77 33.83 -3.80 -17.78
CA ILE B 77 34.73 -4.84 -17.32
C ILE B 77 35.46 -5.50 -18.50
N TYR B 78 34.71 -5.88 -19.50
CA TYR B 78 35.30 -6.39 -20.70
C TYR B 78 36.43 -5.51 -21.32
N ASP B 79 36.16 -4.27 -21.56
CA ASP B 79 37.15 -3.44 -22.20
C ASP B 79 38.36 -3.25 -21.29
N THR B 80 38.18 -3.28 -19.96
CA THR B 80 39.30 -3.17 -19.06
C THR B 80 40.14 -4.45 -19.05
N ILE B 81 39.50 -5.60 -19.07
CA ILE B 81 40.24 -6.84 -19.22
C ILE B 81 41.11 -6.78 -20.48
N GLN B 82 40.50 -6.43 -21.61
CA GLN B 82 41.33 -6.41 -22.86
C GLN B 82 42.40 -5.30 -22.86
N HIS B 83 42.17 -4.21 -22.13
CA HIS B 83 43.10 -3.13 -22.20
C HIS B 83 44.41 -3.42 -21.44
N ILE B 84 44.32 -4.05 -20.27
CA ILE B 84 45.49 -4.24 -19.40
C ILE B 84 46.47 -5.28 -19.99
N LYS B 85 47.74 -5.21 -19.56
CA LYS B 85 48.77 -6.16 -20.06
C LYS B 85 48.60 -7.51 -19.39
N PRO B 86 48.29 -7.57 -18.10
CA PRO B 86 48.16 -8.96 -17.59
C PRO B 86 47.07 -9.83 -18.25
N ASP B 87 47.38 -11.12 -18.37
CA ASP B 87 46.40 -12.13 -18.68
C ASP B 87 45.42 -12.15 -17.58
N VAL B 88 44.12 -12.11 -17.93
CA VAL B 88 43.07 -12.31 -16.94
C VAL B 88 42.49 -13.70 -17.10
N GLN B 89 42.72 -14.57 -16.12
CA GLN B 89 42.17 -15.93 -16.16
C GLN B 89 40.73 -15.84 -15.68
N THR B 90 39.84 -16.67 -16.21
CA THR B 90 38.50 -16.72 -15.65
C THR B 90 38.14 -18.09 -15.19
N ILE B 91 37.41 -18.15 -14.09
CA ILE B 91 36.98 -19.39 -13.52
C ILE B 91 35.53 -19.26 -13.13
N CYS B 92 34.69 -20.09 -13.73
CA CYS B 92 33.28 -20.12 -13.41
C CYS B 92 33.03 -21.08 -12.29
N ILE B 93 32.59 -20.52 -11.16
CA ILE B 93 32.15 -21.28 -10.01
C ILE B 93 30.62 -21.01 -9.85
N GLY B 94 29.85 -22.08 -9.89
CA GLY B 94 28.41 -22.00 -9.73
C GLY B 94 27.72 -21.63 -11.01
N MET B 95 27.62 -20.33 -11.25
CA MET B 95 26.82 -19.83 -12.36
C MET B 95 27.53 -18.73 -13.10
N ALA B 96 27.54 -18.80 -14.42
CA ALA B 96 27.83 -17.64 -15.27
C ALA B 96 26.72 -17.59 -16.28
N ALA B 97 25.80 -16.65 -16.08
CA ALA B 97 24.70 -16.44 -17.03
C ALA B 97 24.72 -15.02 -17.68
N SER B 98 24.25 -14.96 -18.92
CA SER B 98 24.08 -13.74 -19.69
C SER B 98 25.40 -13.01 -19.77
N MET B 99 25.48 -11.76 -19.30
CA MET B 99 26.71 -11.03 -19.35
C MET B 99 27.82 -11.70 -18.48
N GLY B 100 27.42 -12.51 -17.50
CA GLY B 100 28.33 -13.36 -16.74
C GLY B 100 29.11 -14.33 -17.61
N SER B 101 28.40 -14.96 -18.53
CA SER B 101 29.03 -15.90 -19.46
C SER B 101 29.83 -15.20 -20.50
N PHE B 102 29.42 -14.00 -20.86
CA PHE B 102 30.20 -13.19 -21.81
C PHE B 102 31.64 -12.91 -21.24
N LEU B 103 31.67 -12.50 -19.99
CA LEU B 103 32.88 -12.20 -19.29
C LEU B 103 33.77 -13.44 -18.98
N LEU B 104 33.13 -14.57 -18.69
CA LEU B 104 33.80 -15.84 -18.65
C LEU B 104 34.60 -16.10 -19.93
N ALA B 105 33.93 -15.85 -21.06
CA ALA B 105 34.51 -16.07 -22.38
C ALA B 105 35.59 -15.05 -22.77
N ALA B 106 35.65 -13.93 -22.04
CA ALA B 106 36.55 -12.86 -22.34
C ALA B 106 37.93 -13.09 -21.71
N GLY B 107 38.05 -14.08 -20.83
CA GLY B 107 39.30 -14.48 -20.22
C GLY B 107 40.35 -14.73 -21.28
N ALA B 108 41.59 -14.53 -20.88
CA ALA B 108 42.76 -14.99 -21.67
C ALA B 108 42.57 -16.42 -22.19
N LYS B 109 42.75 -16.57 -23.48
CA LYS B 109 42.61 -17.82 -24.19
C LYS B 109 43.61 -18.83 -23.60
N GLY B 110 43.12 -20.04 -23.40
CA GLY B 110 43.82 -21.05 -22.66
C GLY B 110 43.65 -20.98 -21.17
N LYS B 111 43.15 -19.84 -20.66
CA LYS B 111 42.97 -19.62 -19.23
C LYS B 111 41.49 -19.32 -18.81
N ARG B 112 40.53 -19.91 -19.53
CA ARG B 112 39.12 -19.92 -19.09
C ARG B 112 38.64 -21.32 -18.62
N PHE B 113 38.18 -21.37 -17.38
CA PHE B 113 37.85 -22.60 -16.70
C PHE B 113 36.43 -22.58 -16.11
N ALA B 114 35.94 -23.76 -15.83
CA ALA B 114 34.76 -23.90 -15.02
C ALA B 114 34.89 -25.13 -14.15
N LEU B 115 34.37 -25.05 -12.94
CA LEU B 115 34.24 -26.21 -12.10
C LEU B 115 33.19 -27.11 -12.67
N PRO B 116 33.25 -28.44 -12.37
CA PRO B 116 32.55 -29.46 -13.18
C PRO B 116 31.03 -29.33 -13.16
N ASN B 117 30.51 -28.82 -12.05
CA ASN B 117 29.07 -28.69 -11.83
C ASN B 117 28.53 -27.26 -12.05
N ALA B 118 29.39 -26.35 -12.53
CA ALA B 118 29.03 -25.00 -12.93
C ALA B 118 28.09 -24.96 -14.10
N GLU B 119 27.18 -23.97 -14.06
CA GLU B 119 26.20 -23.71 -15.09
C GLU B 119 26.59 -22.45 -15.86
N VAL B 120 26.61 -22.59 -17.17
CA VAL B 120 26.82 -21.49 -18.09
C VAL B 120 25.50 -21.31 -18.85
N MET B 121 24.99 -20.08 -18.91
CA MET B 121 23.85 -19.81 -19.75
C MET B 121 24.08 -18.61 -20.63
N ILE B 122 23.64 -18.75 -21.85
CA ILE B 122 23.72 -17.68 -22.83
C ILE B 122 22.36 -17.44 -23.41
N HIS B 123 22.13 -16.20 -23.79
CA HIS B 123 20.86 -15.73 -24.31
C HIS B 123 21.00 -14.29 -24.88
N GLN B 124 19.97 -13.85 -25.57
CA GLN B 124 19.95 -12.52 -26.11
C GLN B 124 19.73 -11.41 -25.02
N PRO B 125 20.21 -10.19 -25.28
CA PRO B 125 19.92 -9.07 -24.37
C PRO B 125 18.44 -8.77 -24.17
N LEU B 126 18.11 -8.33 -22.97
CA LEU B 126 16.78 -8.00 -22.54
C LEU B 126 16.73 -6.49 -22.38
N GLY B 127 15.61 -5.88 -22.72
CA GLY B 127 15.36 -4.48 -22.41
C GLY B 127 13.88 -4.11 -22.55
N GLY B 128 13.68 -2.90 -22.98
CA GLY B 128 12.40 -2.28 -22.80
C GLY B 128 12.34 -0.93 -23.48
N ALA B 129 11.12 -0.54 -23.85
CA ALA B 129 10.89 0.69 -24.59
C ALA B 129 9.43 1.05 -24.44
N GLN B 130 9.21 2.35 -24.26
CA GLN B 130 7.90 2.94 -24.03
C GLN B 130 7.81 4.29 -24.77
N GLY B 131 6.61 4.65 -25.25
CA GLY B 131 6.38 5.96 -25.86
C GLY B 131 5.97 5.95 -27.31
N GLN B 132 6.42 6.97 -28.02
CA GLN B 132 6.09 7.14 -29.42
C GLN B 132 6.73 6.07 -30.30
N ALA B 133 6.09 5.78 -31.45
CA ALA B 133 6.58 4.81 -32.44
C ALA B 133 8.08 5.05 -32.71
N THR B 134 8.44 6.31 -32.98
CA THR B 134 9.81 6.76 -33.23
C THR B 134 10.78 6.46 -32.06
N GLU B 135 10.31 6.55 -30.82
CA GLU B 135 11.14 6.26 -29.66
C GLU B 135 11.35 4.77 -29.54
N ILE B 136 10.31 4.01 -29.79
CA ILE B 136 10.41 2.55 -29.79
C ILE B 136 11.38 2.01 -30.88
N GLU B 137 11.31 2.59 -32.07
CA GLU B 137 12.22 2.32 -33.13
C GLU B 137 13.69 2.49 -32.69
N ILE B 138 14.02 3.69 -32.20
CA ILE B 138 15.33 4.05 -31.69
C ILE B 138 15.71 3.02 -30.64
N ALA B 139 14.86 2.77 -29.65
CA ALA B 139 15.24 1.75 -28.67
C ALA B 139 15.48 0.33 -29.29
N ALA B 140 14.65 -0.04 -30.27
CA ALA B 140 14.76 -1.32 -30.93
C ALA B 140 16.08 -1.43 -31.67
N ASN B 141 16.37 -0.44 -32.51
CA ASN B 141 17.64 -0.32 -33.20
C ASN B 141 18.82 -0.40 -32.25
N HIS B 142 18.69 0.28 -31.10
CA HIS B 142 19.81 0.28 -30.15
C HIS B 142 20.05 -1.13 -29.57
N ILE B 143 18.99 -1.80 -29.13
CA ILE B 143 19.18 -3.12 -28.57
C ILE B 143 19.60 -4.19 -29.63
N LEU B 144 19.14 -4.04 -30.86
CA LEU B 144 19.58 -4.92 -31.94
C LEU B 144 21.09 -4.69 -32.25
N LYS B 145 21.52 -3.45 -32.24
CA LYS B 145 22.92 -3.13 -32.41
C LYS B 145 23.79 -3.71 -31.28
N THR B 146 23.35 -3.52 -30.07
CA THR B 146 23.99 -4.14 -28.93
C THR B 146 24.10 -5.67 -29.08
N ARG B 147 23.07 -6.34 -29.58
CA ARG B 147 23.13 -7.79 -29.77
C ARG B 147 24.17 -8.21 -30.81
N GLU B 148 24.18 -7.53 -31.93
CA GLU B 148 25.17 -7.72 -32.92
C GLU B 148 26.59 -7.56 -32.38
N LYS B 149 26.83 -6.51 -31.59
CA LYS B 149 28.14 -6.29 -30.98
C LYS B 149 28.54 -7.42 -30.06
N LEU B 150 27.63 -7.84 -29.17
CA LEU B 150 27.78 -9.03 -28.38
C LEU B 150 28.06 -10.33 -29.15
N ASN B 151 27.31 -10.59 -30.21
CA ASN B 151 27.50 -11.80 -31.00
C ASN B 151 28.85 -11.80 -31.76
N ARG B 152 29.20 -10.66 -32.39
CA ARG B 152 30.48 -10.47 -33.06
C ARG B 152 31.70 -10.79 -32.13
N ILE B 153 31.72 -10.22 -30.93
CA ILE B 153 32.76 -10.51 -29.99
C ILE B 153 32.70 -11.94 -29.47
N LEU B 154 31.52 -12.46 -29.22
CA LEU B 154 31.41 -13.83 -28.76
C LEU B 154 31.90 -14.81 -29.84
N SER B 155 31.66 -14.49 -31.08
CA SER B 155 32.13 -15.29 -32.17
C SER B 155 33.66 -15.42 -32.12
N GLU B 156 34.27 -14.27 -32.14
CA GLU B 156 35.70 -14.24 -32.14
C GLU B 156 36.37 -14.96 -30.94
N ARG B 157 35.73 -14.89 -29.80
CA ARG B 157 36.18 -15.66 -28.62
C ARG B 157 35.90 -17.11 -28.56
N THR B 158 34.81 -17.49 -29.20
CA THR B 158 34.51 -18.88 -29.10
C THR B 158 35.05 -19.65 -30.31
N GLY B 159 35.23 -18.97 -31.43
CA GLY B 159 35.41 -19.57 -32.74
C GLY B 159 34.07 -19.91 -33.44
N GLN B 160 32.91 -19.75 -32.79
CA GLN B 160 31.62 -20.08 -33.44
C GLN B 160 31.27 -18.93 -34.37
N SER B 161 30.53 -19.23 -35.45
CA SER B 161 30.00 -18.21 -36.32
C SER B 161 28.96 -17.28 -35.59
N ILE B 162 28.83 -16.09 -36.11
CA ILE B 162 27.81 -15.11 -35.72
C ILE B 162 26.37 -15.71 -35.85
N GLU B 163 26.11 -16.39 -36.99
CA GLU B 163 24.85 -17.12 -37.28
C GLU B 163 24.56 -18.17 -36.23
N LYS B 164 25.57 -18.92 -35.83
CA LYS B 164 25.34 -19.94 -34.84
C LYS B 164 25.02 -19.31 -33.47
N ILE B 165 25.84 -18.33 -33.09
CA ILE B 165 25.66 -17.56 -31.83
C ILE B 165 24.23 -16.97 -31.80
N GLN B 166 23.81 -16.35 -32.89
CA GLN B 166 22.47 -15.82 -33.03
C GLN B 166 21.37 -16.85 -32.71
N LYS B 167 21.45 -18.02 -33.34
CA LYS B 167 20.44 -19.06 -33.13
C LYS B 167 20.50 -19.66 -31.74
N ASP B 168 21.72 -19.85 -31.23
CA ASP B 168 21.89 -20.48 -29.94
C ASP B 168 21.45 -19.60 -28.80
N THR B 169 21.41 -18.30 -29.03
CA THR B 169 21.02 -17.36 -28.00
C THR B 169 19.57 -16.85 -28.12
N ASP B 170 18.82 -17.39 -29.06
CA ASP B 170 17.50 -16.91 -29.33
C ASP B 170 16.61 -17.05 -28.10
N ARG B 171 16.81 -18.13 -27.36
CA ARG B 171 16.14 -18.42 -26.09
C ARG B 171 17.21 -18.83 -25.08
N ASP B 172 16.87 -18.84 -23.81
CA ASP B 172 17.76 -19.25 -22.73
C ASP B 172 18.36 -20.59 -23.09
N ASN B 173 19.70 -20.64 -23.14
CA ASN B 173 20.45 -21.87 -23.52
C ASN B 173 21.48 -22.19 -22.40
N PHE B 174 21.11 -23.18 -21.60
CA PHE B 174 21.90 -23.74 -20.49
C PHE B 174 22.89 -24.80 -20.95
N LEU B 175 24.12 -24.72 -20.44
CA LEU B 175 25.22 -25.61 -20.80
C LEU B 175 25.86 -26.09 -19.55
N THR B 176 26.28 -27.35 -19.58
CA THR B 176 27.18 -27.92 -18.57
C THR B 176 28.56 -27.37 -18.81
N ALA B 177 29.41 -27.49 -17.81
CA ALA B 177 30.82 -27.08 -17.98
C ALA B 177 31.47 -27.68 -19.23
N GLU B 178 31.20 -28.96 -19.41
CA GLU B 178 31.74 -29.69 -20.53
C GLU B 178 31.20 -29.20 -21.85
N GLU B 179 29.91 -28.93 -21.90
CA GLU B 179 29.31 -28.25 -23.07
C GLU B 179 29.88 -26.86 -23.31
N ALA B 180 30.09 -26.07 -22.23
CA ALA B 180 30.75 -24.74 -22.42
C ALA B 180 32.15 -24.90 -23.07
N LYS B 181 32.92 -25.88 -22.60
CA LYS B 181 34.23 -26.19 -23.21
C LYS B 181 34.11 -26.54 -24.66
N GLU B 182 33.18 -27.44 -25.01
CA GLU B 182 33.00 -27.79 -26.43
C GLU B 182 32.53 -26.60 -27.27
N TYR B 183 31.76 -25.70 -26.66
CA TYR B 183 31.33 -24.51 -27.38
C TYR B 183 32.48 -23.51 -27.66
N GLY B 184 33.52 -23.52 -26.82
CA GLY B 184 34.64 -22.55 -26.90
C GLY B 184 34.51 -21.34 -25.95
N LEU B 185 33.55 -21.39 -25.03
CA LEU B 185 33.36 -20.35 -24.02
C LEU B 185 34.42 -20.43 -22.90
N ILE B 186 34.87 -21.66 -22.60
CA ILE B 186 35.97 -21.92 -21.68
C ILE B 186 36.93 -22.86 -22.40
N ASP B 187 38.11 -23.08 -21.81
CA ASP B 187 39.12 -23.96 -22.39
C ASP B 187 39.23 -25.28 -21.64
N GLU B 188 38.90 -25.32 -20.34
CA GLU B 188 39.01 -26.53 -19.54
C GLU B 188 37.98 -26.56 -18.43
N VAL B 189 37.54 -27.78 -18.16
CA VAL B 189 36.79 -28.08 -16.98
C VAL B 189 37.86 -28.36 -15.93
N MET B 190 37.79 -27.68 -14.81
CA MET B 190 38.78 -27.83 -13.77
C MET B 190 38.46 -29.08 -12.92
N VAL B 191 39.17 -30.17 -13.19
CA VAL B 191 38.95 -31.44 -12.47
C VAL B 191 39.59 -31.40 -11.07
N PRO B 192 39.02 -32.18 -10.11
CA PRO B 192 39.62 -32.36 -8.79
C PRO B 192 40.84 -33.34 -8.67
N GLU B 193 41.82 -32.99 -7.84
CA GLU B 193 42.82 -33.96 -7.24
C GLU B 193 42.33 -34.57 -5.88
N ILE C 4 27.21 -11.24 16.59
CA ILE C 4 27.50 -10.09 17.49
C ILE C 4 28.90 -10.13 18.17
N PRO C 5 29.14 -11.09 19.10
CA PRO C 5 30.25 -11.02 20.11
C PRO C 5 31.71 -11.31 19.68
N THR C 6 32.67 -10.86 20.51
CA THR C 6 34.13 -10.76 20.13
C THR C 6 35.18 -11.47 21.10
N VAL C 7 36.37 -11.78 20.55
CA VAL C 7 37.46 -12.41 21.31
N ASP C 19 35.80 -10.99 16.03
CA ASP C 19 34.49 -11.66 16.15
C ASP C 19 34.61 -13.19 16.16
N ILE C 20 33.60 -13.83 16.70
CA ILE C 20 33.69 -15.23 17.12
C ILE C 20 33.91 -16.22 15.95
N TYR C 21 33.28 -15.95 14.81
CA TYR C 21 33.42 -16.75 13.62
C TYR C 21 34.80 -16.56 13.05
N SER C 22 35.35 -15.36 13.18
CA SER C 22 36.71 -15.14 12.70
C SER C 22 37.62 -15.99 13.57
N ARG C 23 37.37 -16.00 14.88
CA ARG C 23 38.17 -16.84 15.76
C ARG C 23 38.07 -18.31 15.36
N LEU C 24 36.87 -18.79 15.02
CA LEU C 24 36.67 -20.21 14.57
C LEU C 24 37.32 -20.54 13.25
N LEU C 25 37.34 -19.58 12.36
CA LEU C 25 38.01 -19.77 11.10
C LEU C 25 39.52 -20.00 11.34
N LYS C 26 40.13 -19.31 12.32
CA LYS C 26 41.54 -19.63 12.78
C LYS C 26 41.73 -21.14 13.04
N ASP C 27 40.72 -21.79 13.63
CA ASP C 27 40.73 -23.27 13.85
C ASP C 27 40.21 -24.10 12.69
N ARG C 28 40.05 -23.45 11.53
CA ARG C 28 39.62 -24.10 10.29
C ARG C 28 38.15 -24.62 10.29
N ILE C 29 37.34 -23.97 11.11
CA ILE C 29 35.91 -24.19 11.22
C ILE C 29 35.25 -23.11 10.40
N ILE C 30 34.48 -23.52 9.40
CA ILE C 30 33.60 -22.64 8.62
C ILE C 30 32.14 -22.91 8.98
N MET C 31 31.40 -21.83 9.26
CA MET C 31 29.95 -21.84 9.55
C MET C 31 29.05 -21.58 8.32
N LEU C 32 28.26 -22.59 7.92
CA LEU C 32 27.14 -22.36 7.01
C LEU C 32 25.88 -22.43 7.85
N GLY C 33 25.51 -21.28 8.38
CA GLY C 33 24.40 -21.17 9.28
C GLY C 33 23.28 -20.27 8.77
N SER C 34 23.10 -20.22 7.45
CA SER C 34 21.97 -19.50 6.92
C SER C 34 21.46 -20.14 5.65
N GLN C 35 20.46 -19.54 5.08
CA GLN C 35 20.01 -19.86 3.72
C GLN C 35 21.16 -19.73 2.75
N ILE C 36 21.22 -20.58 1.75
CA ILE C 36 22.31 -20.54 0.76
C ILE C 36 21.97 -19.64 -0.43
N ASP C 37 22.61 -18.48 -0.52
CA ASP C 37 22.49 -17.62 -1.70
C ASP C 37 23.91 -17.42 -2.22
N ASP C 38 24.05 -16.61 -3.25
CA ASP C 38 25.31 -16.26 -3.82
C ASP C 38 26.30 -15.58 -2.83
N ASN C 39 25.85 -14.62 -2.04
CA ASN C 39 26.74 -14.04 -1.05
C ASN C 39 27.31 -15.12 -0.11
N VAL C 40 26.51 -16.10 0.31
CA VAL C 40 26.94 -17.07 1.31
C VAL C 40 27.96 -18.00 0.64
N ALA C 41 27.61 -18.40 -0.57
CA ALA C 41 28.52 -19.24 -1.34
C ALA C 41 29.89 -18.63 -1.57
N ASN C 42 29.91 -17.36 -1.96
CA ASN C 42 31.13 -16.65 -2.21
C ASN C 42 31.95 -16.54 -0.91
N SER C 43 31.31 -16.37 0.24
CA SER C 43 32.01 -16.36 1.51
C SER C 43 32.56 -17.77 1.76
N ILE C 44 31.73 -18.79 1.64
CA ILE C 44 32.17 -20.12 1.98
C ILE C 44 33.29 -20.56 1.02
N VAL C 45 33.15 -20.22 -0.26
CA VAL C 45 34.08 -20.66 -1.23
C VAL C 45 35.44 -20.02 -0.87
N SER C 46 35.39 -18.71 -0.62
CA SER C 46 36.57 -17.96 -0.32
C SER C 46 37.29 -18.55 0.93
N GLN C 47 36.52 -18.90 1.97
CA GLN C 47 37.03 -19.46 3.19
C GLN C 47 37.75 -20.77 2.94
N LEU C 48 37.18 -21.60 2.08
CA LEU C 48 37.74 -22.86 1.76
C LEU C 48 39.09 -22.72 1.10
N LEU C 49 39.16 -21.77 0.17
CA LEU C 49 40.35 -21.58 -0.64
C LEU C 49 41.47 -20.99 0.20
N PHE C 50 41.11 -20.08 1.12
CA PHE C 50 42.03 -19.41 2.02
C PHE C 50 42.66 -20.45 2.95
N LEU C 51 41.82 -21.27 3.57
CA LEU C 51 42.29 -22.37 4.39
C LEU C 51 43.12 -23.40 3.64
N GLN C 52 42.79 -23.73 2.39
CA GLN C 52 43.70 -24.60 1.63
C GLN C 52 45.07 -23.97 1.48
N ALA C 53 45.09 -22.66 1.22
CA ALA C 53 46.36 -21.95 0.98
C ALA C 53 47.18 -21.78 2.25
N GLN C 54 46.51 -21.76 3.40
CA GLN C 54 47.16 -21.71 4.69
C GLN C 54 47.78 -23.06 5.04
N ASP C 55 47.13 -24.15 4.65
CA ASP C 55 47.60 -25.51 4.92
C ASP C 55 46.79 -26.48 4.08
N SER C 56 47.40 -27.07 3.05
CA SER C 56 46.71 -27.97 2.14
C SER C 56 46.57 -29.41 2.63
N GLU C 57 46.86 -29.65 3.91
CA GLU C 57 46.93 -31.00 4.53
C GLU C 57 45.86 -31.24 5.58
N LYS C 58 45.83 -30.34 6.57
CA LYS C 58 44.96 -30.38 7.74
C LYS C 58 43.47 -30.29 7.36
N ASP C 59 42.63 -30.98 8.12
CA ASP C 59 41.21 -31.03 7.84
C ASP C 59 40.55 -29.66 7.97
N ILE C 60 39.49 -29.49 7.20
CA ILE C 60 38.58 -28.35 7.38
C ILE C 60 37.24 -28.81 7.94
N TYR C 61 36.61 -27.96 8.73
CA TYR C 61 35.38 -28.33 9.41
C TYR C 61 34.24 -27.39 9.04
N LEU C 62 33.20 -27.94 8.42
CA LEU C 62 32.02 -27.20 7.92
C LEU C 62 30.80 -27.52 8.75
N TYR C 63 30.44 -26.58 9.61
CA TYR C 63 29.29 -26.72 10.48
C TYR C 63 28.07 -26.15 9.71
N ILE C 64 26.99 -26.95 9.65
CA ILE C 64 25.81 -26.73 8.81
C ILE C 64 24.54 -26.71 9.65
N ASN C 65 23.89 -25.55 9.66
CA ASN C 65 22.54 -25.33 10.15
C ASN C 65 21.86 -24.45 9.11
N SER C 66 21.29 -25.06 8.07
CA SER C 66 20.77 -24.33 6.92
C SER C 66 19.52 -24.94 6.34
N PRO C 67 18.55 -24.09 5.97
CA PRO C 67 17.34 -24.63 5.28
C PRO C 67 17.54 -24.88 3.77
N GLY C 68 18.73 -24.63 3.23
CA GLY C 68 18.97 -24.85 1.80
C GLY C 68 18.95 -23.53 1.07
N GLY C 69 18.63 -23.56 -0.21
CA GLY C 69 18.62 -22.35 -0.99
C GLY C 69 18.97 -22.62 -2.41
N SER C 70 19.70 -21.69 -3.00
CA SER C 70 20.02 -21.77 -4.43
C SER C 70 20.91 -22.98 -4.68
N VAL C 71 20.53 -23.76 -5.69
CA VAL C 71 21.26 -24.88 -6.18
C VAL C 71 22.61 -24.51 -6.77
N THR C 72 22.65 -23.49 -7.63
CA THR C 72 23.94 -23.10 -8.26
C THR C 72 24.95 -22.60 -7.22
N ALA C 73 24.49 -21.95 -6.18
CA ALA C 73 25.39 -21.51 -5.14
C ALA C 73 25.87 -22.70 -4.31
N GLY C 74 24.97 -23.65 -4.11
CA GLY C 74 25.28 -24.88 -3.42
C GLY C 74 26.33 -25.69 -4.18
N PHE C 75 26.22 -25.71 -5.50
CA PHE C 75 27.22 -26.31 -6.32
C PHE C 75 28.57 -25.61 -6.36
N ALA C 76 28.58 -24.31 -6.19
CA ALA C 76 29.82 -23.59 -5.99
C ALA C 76 30.56 -24.12 -4.74
N ILE C 77 29.86 -24.19 -3.62
CA ILE C 77 30.42 -24.73 -2.39
C ILE C 77 30.80 -26.17 -2.69
N TYR C 78 29.90 -26.93 -3.31
CA TYR C 78 30.16 -28.36 -3.55
C TYR C 78 31.45 -28.59 -4.32
N ASP C 79 31.55 -27.97 -5.50
CA ASP C 79 32.68 -28.17 -6.32
C ASP C 79 34.00 -27.73 -5.64
N THR C 80 33.97 -26.66 -4.85
CA THR C 80 35.15 -26.18 -4.22
C THR C 80 35.59 -27.22 -3.16
N ILE C 81 34.63 -27.83 -2.44
CA ILE C 81 34.94 -28.91 -1.51
C ILE C 81 35.73 -30.04 -2.21
N GLN C 82 35.23 -30.47 -3.36
CA GLN C 82 35.81 -31.58 -4.03
C GLN C 82 37.17 -31.17 -4.58
N HIS C 83 37.37 -29.90 -4.93
CA HIS C 83 38.62 -29.48 -5.61
C HIS C 83 39.83 -29.33 -4.68
N ILE C 84 39.63 -28.91 -3.45
CA ILE C 84 40.76 -28.65 -2.55
C ILE C 84 41.31 -30.00 -2.03
N LYS C 85 42.59 -30.02 -1.65
CA LYS C 85 43.20 -31.25 -1.10
C LYS C 85 42.57 -31.70 0.25
N PRO C 86 42.52 -30.83 1.25
CA PRO C 86 42.06 -31.28 2.55
C PRO C 86 40.70 -31.88 2.61
N ASP C 87 40.57 -32.88 3.47
CA ASP C 87 39.31 -33.40 3.87
C ASP C 87 38.46 -32.26 4.51
N VAL C 88 37.20 -32.17 4.06
CA VAL C 88 36.23 -31.26 4.64
C VAL C 88 35.23 -32.15 5.35
N GLN C 89 35.26 -32.04 6.66
CA GLN C 89 34.31 -32.72 7.49
C GLN C 89 33.05 -31.87 7.48
N THR C 90 31.90 -32.52 7.59
CA THR C 90 30.62 -31.84 7.74
C THR C 90 29.90 -32.29 8.98
N ILE C 91 29.38 -31.32 9.72
CA ILE C 91 28.68 -31.53 10.98
C ILE C 91 27.35 -30.78 10.92
N CYS C 92 26.23 -31.51 10.96
CA CYS C 92 24.92 -30.90 11.00
C CYS C 92 24.50 -30.63 12.44
N ILE C 93 24.34 -29.36 12.77
CA ILE C 93 23.77 -28.94 14.04
C ILE C 93 22.39 -28.35 13.72
N GLY C 94 21.35 -28.76 14.43
CA GLY C 94 20.00 -28.20 14.19
C GLY C 94 19.34 -28.70 12.93
N MET C 95 19.71 -28.14 11.78
CA MET C 95 18.99 -28.44 10.52
C MET C 95 19.89 -28.48 9.32
N ALA C 96 19.65 -29.41 8.43
CA ALA C 96 20.18 -29.32 7.13
C ALA C 96 19.08 -29.79 6.23
N ALA C 97 18.44 -28.85 5.54
CA ALA C 97 17.41 -29.22 4.49
C ALA C 97 17.87 -28.87 3.09
N SER C 98 17.39 -29.63 2.14
CA SER C 98 17.52 -29.39 0.72
C SER C 98 18.96 -29.32 0.32
N MET C 99 19.40 -28.20 -0.28
CA MET C 99 20.79 -28.09 -0.66
C MET C 99 21.71 -28.12 0.60
N GLY C 100 21.18 -27.82 1.79
CA GLY C 100 21.91 -28.00 3.09
C GLY C 100 22.33 -29.47 3.35
N SER C 101 21.40 -30.37 3.08
CA SER C 101 21.58 -31.78 3.26
C SER C 101 22.43 -32.31 2.13
N PHE C 102 22.31 -31.73 0.95
CA PHE C 102 23.20 -32.12 -0.12
C PHE C 102 24.67 -31.83 0.30
N LEU C 103 24.90 -30.65 0.90
CA LEU C 103 26.26 -30.28 1.30
C LEU C 103 26.77 -31.14 2.48
N LEU C 104 25.91 -31.41 3.47
CA LEU C 104 26.18 -32.37 4.54
C LEU C 104 26.72 -33.68 3.99
N ALA C 105 26.05 -34.15 2.95
CA ALA C 105 26.41 -35.40 2.29
C ALA C 105 27.72 -35.32 1.49
N ALA C 106 28.24 -34.12 1.27
CA ALA C 106 29.36 -33.91 0.42
C ALA C 106 30.70 -33.87 1.19
N GLY C 107 30.67 -34.04 2.48
CA GLY C 107 31.87 -34.07 3.30
C GLY C 107 32.70 -35.30 3.01
N ALA C 108 33.93 -35.23 3.47
CA ALA C 108 34.88 -36.35 3.35
C ALA C 108 34.25 -37.62 3.93
N LYS C 109 34.24 -38.69 3.13
CA LYS C 109 33.79 -40.00 3.59
C LYS C 109 34.40 -40.35 4.94
N GLY C 110 33.57 -40.90 5.81
CA GLY C 110 33.93 -41.12 7.17
C GLY C 110 33.82 -39.92 8.07
N LYS C 111 33.68 -38.69 7.54
CA LYS C 111 33.71 -37.49 8.42
C LYS C 111 32.47 -36.55 8.31
N ARG C 112 31.31 -37.19 8.09
CA ARG C 112 30.00 -36.55 8.01
C ARG C 112 29.16 -36.94 9.22
N PHE C 113 28.89 -35.93 10.04
CA PHE C 113 28.27 -36.11 11.33
C PHE C 113 26.97 -35.30 11.44
N ALA C 114 26.09 -35.74 12.31
CA ALA C 114 24.93 -34.94 12.78
C ALA C 114 24.88 -35.06 14.30
N LEU C 115 24.51 -33.97 14.97
CA LEU C 115 24.14 -34.04 16.35
C LEU C 115 22.82 -34.85 16.46
N PRO C 116 22.57 -35.50 17.61
CA PRO C 116 21.51 -36.50 17.68
C PRO C 116 20.08 -35.96 17.41
N ASN C 117 19.81 -34.72 17.84
CA ASN C 117 18.54 -34.07 17.60
C ASN C 117 18.47 -33.26 16.31
N ALA C 118 19.48 -33.34 15.47
CA ALA C 118 19.54 -32.59 14.20
C ALA C 118 18.51 -33.15 13.25
N GLU C 119 18.00 -32.26 12.41
CA GLU C 119 16.98 -32.61 11.40
C GLU C 119 17.60 -32.57 10.02
N VAL C 120 17.38 -33.60 9.25
CA VAL C 120 17.84 -33.66 7.88
C VAL C 120 16.60 -33.79 7.04
N MET C 121 16.58 -33.13 5.91
CA MET C 121 15.43 -33.18 5.02
C MET C 121 15.92 -33.13 3.60
N ILE C 122 15.37 -34.00 2.79
CA ILE C 122 15.71 -34.08 1.39
C ILE C 122 14.39 -34.03 0.63
N HIS C 123 14.50 -33.52 -0.60
CA HIS C 123 13.35 -33.26 -1.51
C HIS C 123 13.89 -32.87 -2.90
N GLN C 124 12.99 -32.56 -3.82
CA GLN C 124 13.40 -32.30 -5.18
C GLN C 124 13.56 -30.77 -5.30
N PRO C 125 14.27 -30.31 -6.34
CA PRO C 125 14.40 -28.86 -6.50
C PRO C 125 13.08 -28.16 -6.87
N LEU C 126 12.98 -26.92 -6.45
CA LEU C 126 11.83 -26.06 -6.62
C LEU C 126 12.22 -24.99 -7.60
N GLY C 127 11.30 -24.61 -8.47
CA GLY C 127 11.48 -23.42 -9.26
C GLY C 127 10.20 -22.90 -9.86
N GLY C 128 10.36 -22.29 -11.02
CA GLY C 128 9.28 -21.51 -11.65
C GLY C 128 9.54 -21.24 -13.13
N ALA C 129 8.49 -20.94 -13.87
CA ALA C 129 8.63 -20.56 -15.28
C ALA C 129 7.39 -19.84 -15.68
N GLN C 130 7.56 -18.87 -16.56
CA GLN C 130 6.46 -18.05 -17.02
C GLN C 130 6.71 -17.67 -18.48
N GLY C 131 5.65 -17.66 -19.30
CA GLY C 131 5.75 -17.20 -20.69
C GLY C 131 5.18 -18.16 -21.71
N GLN C 132 5.77 -18.12 -22.88
CA GLN C 132 5.41 -18.99 -23.98
C GLN C 132 5.62 -20.51 -23.65
N ALA C 133 4.77 -21.36 -24.23
CA ALA C 133 4.92 -22.82 -24.12
C ALA C 133 6.41 -23.24 -24.23
N THR C 134 7.08 -22.73 -25.27
CA THR C 134 8.49 -23.04 -25.58
C THR C 134 9.42 -22.65 -24.43
N GLU C 135 9.20 -21.46 -23.86
CA GLU C 135 9.95 -20.97 -22.68
C GLU C 135 9.80 -21.86 -21.49
N ILE C 136 8.58 -22.32 -21.27
CA ILE C 136 8.28 -23.18 -20.15
C ILE C 136 8.95 -24.57 -20.33
N GLU C 137 9.03 -25.04 -21.56
CA GLU C 137 9.68 -26.32 -21.88
C GLU C 137 11.20 -26.27 -21.51
N ILE C 138 11.84 -25.17 -21.90
CA ILE C 138 13.24 -24.87 -21.56
C ILE C 138 13.46 -24.88 -20.07
N ALA C 139 12.58 -24.17 -19.38
CA ALA C 139 12.70 -24.15 -17.94
C ALA C 139 12.48 -25.53 -17.34
N ALA C 140 11.48 -26.26 -17.84
CA ALA C 140 11.19 -27.59 -17.31
C ALA C 140 12.37 -28.59 -17.52
N ASN C 141 12.87 -28.63 -18.74
CA ASN C 141 14.05 -29.38 -19.10
C ASN C 141 15.25 -29.02 -18.22
N HIS C 142 15.43 -27.74 -17.92
CA HIS C 142 16.53 -27.31 -17.11
C HIS C 142 16.37 -27.81 -15.70
N ILE C 143 15.18 -27.66 -15.12
CA ILE C 143 15.05 -28.06 -13.73
C ILE C 143 15.14 -29.61 -13.60
N LEU C 144 14.65 -30.35 -14.59
CA LEU C 144 14.68 -31.82 -14.57
C LEU C 144 16.17 -32.33 -14.61
N LYS C 145 16.97 -31.75 -15.52
CA LYS C 145 18.41 -32.06 -15.62
C LYS C 145 19.16 -31.65 -14.34
N THR C 146 18.72 -30.57 -13.73
CA THR C 146 19.31 -30.21 -12.46
C THR C 146 19.00 -31.28 -11.46
N ARG C 147 17.77 -31.80 -11.49
CA ARG C 147 17.41 -32.82 -10.53
C ARG C 147 18.23 -34.14 -10.69
N GLU C 148 18.33 -34.61 -11.93
CA GLU C 148 19.15 -35.78 -12.31
C GLU C 148 20.59 -35.66 -11.75
N LYS C 149 21.20 -34.48 -12.00
CA LYS C 149 22.52 -34.13 -11.50
C LYS C 149 22.59 -34.24 -9.97
N LEU C 150 21.66 -33.63 -9.26
CA LEU C 150 21.63 -33.80 -7.81
C LEU C 150 21.49 -35.27 -7.35
N ASN C 151 20.66 -36.00 -8.07
CA ASN C 151 20.35 -37.38 -7.80
C ASN C 151 21.54 -38.32 -8.08
N ARG C 152 22.13 -38.18 -9.26
CA ARG C 152 23.34 -38.89 -9.66
C ARG C 152 24.34 -38.83 -8.48
N ILE C 153 24.63 -37.61 -8.04
CA ILE C 153 25.60 -37.39 -7.03
C ILE C 153 25.19 -37.89 -5.62
N LEU C 154 23.93 -37.71 -5.23
CA LEU C 154 23.47 -38.17 -3.92
C LEU C 154 23.57 -39.69 -3.78
N SER C 155 23.25 -40.37 -4.88
CA SER C 155 23.43 -41.79 -5.08
C SER C 155 24.86 -42.27 -4.76
N GLU C 156 25.80 -41.70 -5.49
CA GLU C 156 27.20 -41.99 -5.30
C GLU C 156 27.67 -41.76 -3.90
N ARG C 157 27.19 -40.68 -3.28
CA ARG C 157 27.57 -40.35 -1.89
C ARG C 157 26.88 -41.21 -0.84
N THR C 158 25.67 -41.68 -1.12
CA THR C 158 24.93 -42.43 -0.13
C THR C 158 25.12 -43.97 -0.32
N GLY C 159 25.45 -44.41 -1.51
CA GLY C 159 25.40 -45.80 -1.90
C GLY C 159 24.04 -46.16 -2.44
N GLN C 160 23.01 -45.39 -2.11
CA GLN C 160 21.65 -45.69 -2.59
C GLN C 160 21.57 -45.53 -4.09
N SER C 161 20.77 -46.37 -4.74
CA SER C 161 20.54 -46.28 -6.19
C SER C 161 19.77 -45.00 -6.56
N ILE C 162 19.85 -44.64 -7.85
CA ILE C 162 19.22 -43.45 -8.42
C ILE C 162 17.69 -43.45 -8.31
N GLU C 163 17.12 -44.65 -8.47
CA GLU C 163 15.67 -44.87 -8.36
C GLU C 163 15.13 -44.63 -6.96
N LYS C 164 15.88 -45.02 -5.94
CA LYS C 164 15.43 -44.82 -4.57
C LYS C 164 15.55 -43.34 -4.08
N ILE C 165 16.51 -42.60 -4.65
CA ILE C 165 16.72 -41.19 -4.35
C ILE C 165 15.51 -40.43 -4.99
N GLN C 166 15.32 -40.58 -6.29
CA GLN C 166 14.09 -40.15 -6.99
C GLN C 166 12.83 -40.32 -6.12
N LYS C 167 12.58 -41.54 -5.65
CA LYS C 167 11.34 -41.84 -4.91
C LYS C 167 11.35 -41.24 -3.50
N ASP C 168 12.48 -41.33 -2.80
CA ASP C 168 12.57 -40.72 -1.47
C ASP C 168 12.64 -39.17 -1.47
N THR C 169 12.80 -38.55 -2.65
CA THR C 169 12.84 -37.05 -2.78
C THR C 169 11.59 -36.44 -3.41
N ASP C 170 10.71 -37.27 -3.90
CA ASP C 170 9.48 -36.84 -4.54
C ASP C 170 8.74 -35.85 -3.72
N ARG C 171 8.67 -36.05 -2.41
CA ARG C 171 8.13 -35.07 -1.44
C ARG C 171 9.09 -34.85 -0.30
N ASP C 172 8.77 -33.84 0.49
CA ASP C 172 9.56 -33.52 1.64
C ASP C 172 9.75 -34.80 2.48
N ASN C 173 11.01 -35.14 2.75
CA ASN C 173 11.37 -36.38 3.44
C ASN C 173 12.32 -36.00 4.55
N PHE C 174 11.76 -35.93 5.75
CA PHE C 174 12.41 -35.63 6.99
C PHE C 174 13.04 -36.85 7.64
N LEU C 175 14.32 -36.74 8.02
CA LEU C 175 15.07 -37.79 8.69
C LEU C 175 15.65 -37.30 10.04
N THR C 176 15.67 -38.22 11.00
CA THR C 176 16.45 -38.06 12.24
C THR C 176 17.92 -38.22 11.90
N ALA C 177 18.78 -37.78 12.80
CA ALA C 177 20.19 -38.04 12.62
C ALA C 177 20.46 -39.54 12.39
N GLU C 178 19.81 -40.35 13.21
CA GLU C 178 19.99 -41.81 13.13
C GLU C 178 19.52 -42.34 11.76
N GLU C 179 18.38 -41.84 11.27
CA GLU C 179 17.85 -42.33 9.96
C GLU C 179 18.71 -41.83 8.79
N ALA C 180 19.34 -40.66 8.97
CA ALA C 180 20.29 -40.12 8.00
C ALA C 180 21.59 -40.92 7.93
N LYS C 181 22.09 -41.34 9.10
CA LYS C 181 23.19 -42.31 9.17
C LYS C 181 22.80 -43.56 8.42
N GLU C 182 21.67 -44.14 8.78
CA GLU C 182 21.15 -45.33 8.07
C GLU C 182 20.99 -45.15 6.55
N TYR C 183 20.58 -43.97 6.09
CA TYR C 183 20.43 -43.72 4.64
C TYR C 183 21.78 -43.55 3.91
N GLY C 184 22.81 -43.14 4.64
CA GLY C 184 24.14 -42.87 4.07
C GLY C 184 24.44 -41.40 3.76
N LEU C 185 23.69 -40.50 4.41
CA LEU C 185 23.87 -39.07 4.24
C LEU C 185 24.99 -38.60 5.18
N ILE C 186 25.15 -39.31 6.28
CA ILE C 186 26.22 -39.03 7.24
C ILE C 186 26.74 -40.39 7.66
N ASP C 187 27.86 -40.39 8.36
CA ASP C 187 28.56 -41.61 8.75
C ASP C 187 28.33 -41.96 10.22
N GLU C 188 28.20 -40.93 11.06
CA GLU C 188 28.03 -41.11 12.47
C GLU C 188 27.11 -40.05 13.04
N VAL C 189 26.36 -40.44 14.07
CA VAL C 189 25.69 -39.54 14.95
C VAL C 189 26.65 -39.25 16.09
N MET C 190 26.80 -37.96 16.38
CA MET C 190 27.79 -37.47 17.29
C MET C 190 27.17 -37.49 18.70
N VAL C 191 27.29 -38.64 19.35
CA VAL C 191 26.81 -38.81 20.73
C VAL C 191 27.66 -37.99 21.73
N PRO C 192 27.07 -37.58 22.87
CA PRO C 192 27.90 -37.05 23.96
C PRO C 192 28.70 -38.16 24.70
N PRO D 5 26.75 -0.21 25.36
CA PRO D 5 27.80 0.53 26.10
C PRO D 5 29.14 -0.19 26.04
N THR D 6 30.23 0.53 26.36
CA THR D 6 31.62 -0.04 26.31
C THR D 6 32.29 -0.20 27.70
N VAL D 7 33.05 -1.28 27.83
CA VAL D 7 33.86 -1.59 28.99
C VAL D 7 35.36 -1.73 28.59
N ASP D 19 32.66 -3.85 24.42
CA ASP D 19 31.22 -3.88 24.68
C ASP D 19 30.80 -4.93 25.75
N ILE D 20 29.71 -4.63 26.46
CA ILE D 20 29.43 -5.35 27.71
C ILE D 20 29.21 -6.87 27.57
N TYR D 21 28.53 -7.30 26.51
CA TYR D 21 28.30 -8.76 26.25
C TYR D 21 29.58 -9.55 25.98
N SER D 22 30.54 -8.90 25.32
CA SER D 22 31.88 -9.49 25.10
C SER D 22 32.67 -9.57 26.42
N ARG D 23 32.49 -8.58 27.27
CA ARG D 23 33.13 -8.56 28.56
C ARG D 23 32.54 -9.69 29.45
N LEU D 24 31.22 -9.94 29.39
CA LEU D 24 30.60 -10.97 30.24
C LEU D 24 30.99 -12.37 29.83
N LEU D 25 31.29 -12.53 28.56
CA LEU D 25 31.71 -13.79 28.01
C LEU D 25 33.16 -14.17 28.45
N LYS D 26 33.97 -13.16 28.78
CA LYS D 26 35.29 -13.36 29.39
C LYS D 26 35.08 -14.14 30.71
N ASP D 27 34.03 -13.80 31.47
CA ASP D 27 33.56 -14.57 32.65
C ASP D 27 32.71 -15.82 32.33
N ARG D 28 32.80 -16.32 31.11
CA ARG D 28 32.04 -17.48 30.71
C ARG D 28 30.45 -17.36 30.81
N ILE D 29 29.94 -16.16 30.63
CA ILE D 29 28.51 -15.89 30.59
C ILE D 29 28.09 -15.65 29.13
N ILE D 30 27.09 -16.41 28.69
CA ILE D 30 26.47 -16.26 27.36
C ILE D 30 25.05 -15.73 27.51
N MET D 31 24.65 -14.71 26.75
CA MET D 31 23.25 -14.19 26.82
C MET D 31 22.41 -14.79 25.69
N LEU D 32 21.25 -15.31 26.06
CA LEU D 32 20.18 -15.61 25.16
C LEU D 32 19.08 -14.67 25.59
N GLY D 33 19.12 -13.49 24.97
CA GLY D 33 18.29 -12.35 25.33
C GLY D 33 17.33 -12.00 24.19
N SER D 34 17.04 -12.93 23.29
CA SER D 34 16.20 -12.58 22.15
C SER D 34 15.39 -13.80 21.72
N GLN D 35 14.61 -13.62 20.67
CA GLN D 35 13.98 -14.69 19.93
C GLN D 35 15.05 -15.63 19.42
N ILE D 36 14.70 -16.89 19.29
CA ILE D 36 15.63 -17.90 18.88
C ILE D 36 15.45 -18.12 17.40
N ASP D 37 16.42 -17.62 16.63
CA ASP D 37 16.51 -17.91 15.18
C ASP D 37 17.87 -18.53 14.85
N ASP D 38 18.01 -18.92 13.61
CA ASP D 38 19.25 -19.45 13.14
C ASP D 38 20.49 -18.54 13.47
N ASN D 39 20.36 -17.21 13.42
CA ASN D 39 21.49 -16.35 13.75
C ASN D 39 21.87 -16.44 15.23
N VAL D 40 20.86 -16.46 16.09
CA VAL D 40 21.05 -16.53 17.54
C VAL D 40 21.70 -17.89 17.92
N ALA D 41 21.22 -18.96 17.31
CA ALA D 41 21.71 -20.31 17.49
C ALA D 41 23.18 -20.44 17.09
N ASN D 42 23.52 -20.09 15.85
CA ASN D 42 24.94 -20.11 15.41
C ASN D 42 25.88 -19.35 16.33
N SER D 43 25.43 -18.20 16.83
CA SER D 43 26.16 -17.43 17.79
C SER D 43 26.21 -18.06 19.20
N ILE D 44 25.09 -18.59 19.73
CA ILE D 44 25.12 -19.26 21.07
C ILE D 44 26.01 -20.48 20.95
N VAL D 45 25.90 -21.22 19.85
CA VAL D 45 26.70 -22.42 19.63
C VAL D 45 28.22 -22.13 19.60
N SER D 46 28.59 -21.17 18.78
CA SER D 46 29.97 -20.72 18.68
C SER D 46 30.51 -20.30 20.02
N GLN D 47 29.73 -19.52 20.79
CA GLN D 47 30.16 -19.15 22.10
C GLN D 47 30.39 -20.38 23.00
N LEU D 48 29.53 -21.41 22.90
CA LEU D 48 29.70 -22.62 23.71
C LEU D 48 30.98 -23.32 23.31
N LEU D 49 31.20 -23.45 22.02
CA LEU D 49 32.34 -24.19 21.53
C LEU D 49 33.63 -23.49 21.96
N PHE D 50 33.65 -22.19 21.78
CA PHE D 50 34.75 -21.35 22.18
C PHE D 50 35.08 -21.47 23.67
N LEU D 51 34.06 -21.46 24.52
CA LEU D 51 34.30 -21.46 25.96
C LEU D 51 34.84 -22.81 26.44
N GLN D 52 34.47 -23.88 25.72
CA GLN D 52 34.94 -25.21 26.02
C GLN D 52 36.42 -25.27 25.68
N ALA D 53 36.79 -24.77 24.49
CA ALA D 53 38.17 -24.67 24.02
C ALA D 53 39.10 -23.92 24.97
N GLN D 54 38.65 -22.80 25.51
CA GLN D 54 39.41 -22.10 26.53
C GLN D 54 39.60 -22.88 27.87
N ASP D 55 38.66 -23.78 28.20
CA ASP D 55 38.66 -24.50 29.48
C ASP D 55 37.53 -25.53 29.50
N SER D 56 37.83 -26.80 29.24
CA SER D 56 36.83 -27.84 29.26
C SER D 56 36.30 -28.23 30.65
N GLU D 57 36.74 -27.54 31.71
CA GLU D 57 36.40 -27.89 33.08
C GLU D 57 35.48 -26.87 33.76
N LYS D 58 35.74 -25.58 33.59
CA LYS D 58 34.91 -24.56 34.25
C LYS D 58 33.47 -24.53 33.70
N ASP D 59 32.53 -24.26 34.59
CA ASP D 59 31.14 -24.11 34.23
C ASP D 59 30.90 -22.94 33.26
N ILE D 60 29.88 -23.08 32.42
CA ILE D 60 29.36 -21.99 31.58
C ILE D 60 28.06 -21.53 32.22
N TYR D 61 27.79 -20.24 32.17
CA TYR D 61 26.52 -19.68 32.60
C TYR D 61 25.73 -19.10 31.38
N LEU D 62 24.48 -19.57 31.20
CA LEU D 62 23.55 -19.19 30.14
C LEU D 62 22.34 -18.45 30.75
N TYR D 63 22.30 -17.16 30.47
CA TYR D 63 21.27 -16.30 30.98
C TYR D 63 20.17 -16.28 29.91
N ILE D 64 18.93 -16.59 30.30
CA ILE D 64 17.78 -16.70 29.36
C ILE D 64 16.71 -15.66 29.66
N ASN D 65 16.46 -14.78 28.66
CA ASN D 65 15.28 -13.91 28.58
C ASN D 65 14.85 -13.97 27.10
N SER D 66 14.01 -14.96 26.81
CA SER D 66 13.63 -15.28 25.44
C SER D 66 12.17 -15.72 25.38
N PRO D 67 11.41 -15.26 24.36
CA PRO D 67 10.07 -15.78 24.06
C PRO D 67 10.11 -17.05 23.25
N GLY D 68 11.27 -17.55 22.91
CA GLY D 68 11.36 -18.82 22.18
C GLY D 68 11.66 -18.51 20.75
N GLY D 69 11.28 -19.43 19.87
CA GLY D 69 11.54 -19.26 18.46
C GLY D 69 11.56 -20.60 17.77
N SER D 70 12.47 -20.73 16.84
CA SER D 70 12.57 -21.89 16.01
C SER D 70 13.07 -23.05 16.84
N VAL D 71 12.51 -24.19 16.52
CA VAL D 71 12.72 -25.44 17.18
C VAL D 71 14.06 -26.02 16.81
N THR D 72 14.35 -26.11 15.51
CA THR D 72 15.64 -26.67 15.03
C THR D 72 16.83 -25.79 15.49
N ALA D 73 16.62 -24.47 15.53
CA ALA D 73 17.60 -23.55 16.06
C ALA D 73 17.91 -23.87 17.52
N GLY D 74 16.82 -24.04 18.28
CA GLY D 74 16.84 -24.36 19.69
C GLY D 74 17.50 -25.72 19.98
N PHE D 75 17.25 -26.70 19.11
CA PHE D 75 18.00 -27.95 19.16
C PHE D 75 19.50 -27.88 18.78
N ALA D 76 19.89 -26.95 17.94
CA ALA D 76 21.33 -26.70 17.72
C ALA D 76 21.97 -26.34 19.06
N ILE D 77 21.30 -25.51 19.84
CA ILE D 77 21.80 -25.05 21.10
C ILE D 77 21.73 -26.19 22.12
N TYR D 78 20.62 -26.93 22.14
CA TYR D 78 20.45 -28.00 23.13
C TYR D 78 21.53 -29.04 22.96
N ASP D 79 21.71 -29.51 21.74
CA ASP D 79 22.69 -30.55 21.47
C ASP D 79 24.13 -30.14 21.73
N THR D 80 24.43 -28.85 21.51
CA THR D 80 25.74 -28.34 21.77
C THR D 80 26.00 -28.32 23.27
N ILE D 81 24.99 -27.87 24.03
CA ILE D 81 25.03 -27.97 25.50
C ILE D 81 25.33 -29.40 26.01
N GLN D 82 24.57 -30.37 25.53
CA GLN D 82 24.79 -31.73 25.92
C GLN D 82 26.17 -32.23 25.50
N HIS D 83 26.64 -31.85 24.31
CA HIS D 83 27.89 -32.41 23.79
C HIS D 83 29.19 -32.04 24.54
N ILE D 84 29.30 -30.77 24.93
CA ILE D 84 30.52 -30.24 25.48
C ILE D 84 30.69 -30.75 26.91
N LYS D 85 31.95 -30.77 27.40
CA LYS D 85 32.29 -31.26 28.75
C LYS D 85 31.72 -30.35 29.87
N PRO D 86 31.93 -29.04 29.80
CA PRO D 86 31.46 -28.29 30.92
C PRO D 86 29.97 -28.30 31.15
N ASP D 87 29.60 -28.16 32.41
CA ASP D 87 28.26 -27.90 32.80
C ASP D 87 27.86 -26.50 32.30
N VAL D 88 26.60 -26.40 31.87
CA VAL D 88 26.00 -25.14 31.50
C VAL D 88 24.89 -24.86 32.49
N GLN D 89 25.12 -23.88 33.36
CA GLN D 89 24.04 -23.36 34.22
C GLN D 89 23.10 -22.49 33.37
N THR D 90 21.80 -22.50 33.73
CA THR D 90 20.78 -21.73 33.05
C THR D 90 20.11 -20.93 34.09
N ILE D 91 19.96 -19.64 33.80
CA ILE D 91 19.35 -18.65 34.69
C ILE D 91 18.27 -17.88 33.91
N CYS D 92 17.01 -18.02 34.34
CA CYS D 92 15.92 -17.34 33.66
C CYS D 92 15.69 -16.01 34.27
N ILE D 93 15.87 -14.95 33.47
CA ILE D 93 15.64 -13.60 33.94
C ILE D 93 14.48 -13.10 33.10
N GLY D 94 13.49 -12.54 33.75
CA GLY D 94 12.30 -12.04 33.10
C GLY D 94 11.37 -13.10 32.52
N MET D 95 11.80 -13.78 31.45
CA MET D 95 10.96 -14.77 30.80
C MET D 95 11.70 -15.82 29.99
N ALA D 96 11.20 -17.03 30.05
CA ALA D 96 11.60 -18.06 29.17
C ALA D 96 10.33 -18.76 28.76
N ALA D 97 9.99 -18.60 27.48
CA ALA D 97 8.80 -19.19 26.88
C ALA D 97 9.16 -20.07 25.71
N SER D 98 8.33 -21.07 25.52
CA SER D 98 8.45 -22.04 24.43
C SER D 98 9.80 -22.67 24.41
N MET D 99 10.48 -22.69 23.26
CA MET D 99 11.85 -23.09 23.23
C MET D 99 12.75 -22.41 24.26
N GLY D 100 12.40 -21.26 24.76
CA GLY D 100 13.22 -20.64 25.78
C GLY D 100 13.19 -21.43 27.10
N SER D 101 11.98 -21.87 27.47
CA SER D 101 11.73 -22.76 28.63
C SER D 101 12.36 -24.17 28.45
N PHE D 102 12.41 -24.67 27.22
CA PHE D 102 13.02 -25.93 26.96
C PHE D 102 14.52 -25.83 27.27
N LEU D 103 15.13 -24.71 26.89
CA LEU D 103 16.56 -24.60 27.04
C LEU D 103 16.87 -24.34 28.49
N LEU D 104 16.02 -23.59 29.20
CA LEU D 104 16.16 -23.41 30.66
C LEU D 104 16.23 -24.78 31.38
N ALA D 105 15.31 -25.65 30.98
CA ALA D 105 15.25 -27.03 31.46
C ALA D 105 16.47 -27.86 31.11
N ALA D 106 17.14 -27.50 30.03
CA ALA D 106 18.30 -28.21 29.51
C ALA D 106 19.61 -27.91 30.23
N GLY D 107 19.60 -26.95 31.14
CA GLY D 107 20.77 -26.69 32.00
C GLY D 107 21.17 -27.87 32.91
N ALA D 108 22.40 -27.84 33.41
CA ALA D 108 22.93 -28.97 34.20
C ALA D 108 22.08 -29.17 35.45
N LYS D 109 21.71 -30.42 35.71
CA LYS D 109 20.82 -30.73 36.83
C LYS D 109 21.45 -30.26 38.14
N GLY D 110 20.65 -29.63 38.96
CA GLY D 110 21.14 -28.87 40.08
C GLY D 110 21.54 -27.43 39.84
N LYS D 111 21.81 -27.06 38.59
CA LYS D 111 22.29 -25.69 38.27
C LYS D 111 21.34 -24.88 37.33
N ARG D 112 20.04 -25.08 37.52
CA ARG D 112 19.01 -24.39 36.77
C ARG D 112 18.20 -23.51 37.68
N PHE D 113 18.23 -22.21 37.41
CA PHE D 113 17.66 -21.19 38.26
C PHE D 113 16.66 -20.28 37.51
N ALA D 114 15.77 -19.64 38.24
CA ALA D 114 15.02 -18.52 37.73
C ALA D 114 15.03 -17.51 38.81
N LEU D 115 14.93 -16.24 38.43
CA LEU D 115 14.81 -15.20 39.39
C LEU D 115 13.38 -15.23 39.91
N PRO D 116 13.10 -14.60 41.07
CA PRO D 116 11.82 -14.81 41.76
C PRO D 116 10.56 -14.34 41.02
N ASN D 117 10.68 -13.29 40.22
CA ASN D 117 9.54 -12.74 39.46
C ASN D 117 9.59 -13.07 37.97
N ALA D 118 10.49 -13.99 37.62
CA ALA D 118 10.56 -14.51 36.28
C ALA D 118 9.40 -15.43 35.97
N GLU D 119 9.15 -15.57 34.68
CA GLU D 119 8.00 -16.29 34.14
C GLU D 119 8.54 -17.35 33.24
N VAL D 120 7.90 -18.49 33.25
CA VAL D 120 8.27 -19.58 32.38
C VAL D 120 6.99 -19.96 31.70
N MET D 121 7.05 -20.30 30.41
CA MET D 121 5.84 -20.70 29.74
C MET D 121 6.16 -21.87 28.85
N ILE D 122 5.30 -22.89 28.90
CA ILE D 122 5.48 -24.09 28.06
C ILE D 122 4.24 -24.32 27.22
N HIS D 123 4.41 -25.02 26.12
CA HIS D 123 3.33 -25.20 25.14
C HIS D 123 3.79 -26.07 24.02
N GLN D 124 2.87 -26.41 23.14
CA GLN D 124 3.17 -27.30 22.04
C GLN D 124 3.71 -26.46 20.85
N PRO D 125 4.48 -27.10 19.95
CA PRO D 125 5.03 -26.37 18.82
C PRO D 125 3.97 -25.76 17.89
N LEU D 126 4.34 -24.64 17.25
CA LEU D 126 3.52 -23.93 16.26
C LEU D 126 4.13 -24.16 14.88
N GLY D 127 3.28 -24.30 13.88
CA GLY D 127 3.68 -24.31 12.49
C GLY D 127 2.54 -24.06 11.49
N GLY D 128 2.74 -24.58 10.29
CA GLY D 128 1.78 -24.46 9.25
C GLY D 128 2.08 -25.34 8.07
N ALA D 129 1.09 -25.45 7.19
CA ALA D 129 1.22 -26.19 5.96
C ALA D 129 0.15 -25.77 5.02
N GLN D 130 0.47 -25.69 3.73
CA GLN D 130 -0.51 -25.53 2.67
C GLN D 130 -0.18 -26.48 1.53
N GLY D 131 -1.15 -26.76 0.66
CA GLY D 131 -0.95 -27.57 -0.55
C GLY D 131 -1.89 -28.75 -0.59
N GLN D 132 -1.43 -29.79 -1.25
CA GLN D 132 -2.20 -31.00 -1.43
C GLN D 132 -2.35 -31.72 -0.10
N ALA D 133 -3.43 -32.49 -0.03
CA ALA D 133 -3.69 -33.40 1.11
C ALA D 133 -2.44 -34.16 1.65
N THR D 134 -1.72 -34.83 0.74
CA THR D 134 -0.43 -35.44 1.00
C THR D 134 0.59 -34.53 1.70
N GLU D 135 0.75 -33.31 1.21
CA GLU D 135 1.76 -32.40 1.73
C GLU D 135 1.34 -31.97 3.12
N ILE D 136 0.05 -31.79 3.33
CA ILE D 136 -0.45 -31.47 4.67
C ILE D 136 -0.24 -32.66 5.65
N GLU D 137 -0.42 -33.88 5.17
CA GLU D 137 -0.12 -35.11 5.92
C GLU D 137 1.36 -35.12 6.35
N ILE D 138 2.27 -34.91 5.40
CA ILE D 138 3.71 -34.87 5.69
C ILE D 138 4.05 -33.86 6.77
N ALA D 139 3.53 -32.66 6.60
CA ALA D 139 3.82 -31.61 7.56
C ALA D 139 3.15 -31.90 8.90
N ALA D 140 1.98 -32.53 8.91
CA ALA D 140 1.36 -32.86 10.22
C ALA D 140 2.21 -33.90 10.99
N ASN D 141 2.57 -34.98 10.31
CA ASN D 141 3.49 -36.03 10.86
C ASN D 141 4.80 -35.44 11.40
N HIS D 142 5.40 -34.53 10.64
CA HIS D 142 6.65 -33.92 11.06
C HIS D 142 6.51 -33.13 12.34
N ILE D 143 5.45 -32.34 12.39
CA ILE D 143 5.29 -31.49 13.55
C ILE D 143 4.83 -32.30 14.80
N LEU D 144 4.04 -33.34 14.61
CA LEU D 144 3.71 -34.26 15.73
C LEU D 144 4.91 -35.09 16.27
N LYS D 145 5.76 -35.58 15.35
CA LYS D 145 7.09 -36.12 15.70
C LYS D 145 7.99 -35.15 16.48
N THR D 146 8.01 -33.88 16.08
CA THR D 146 8.75 -32.88 16.79
C THR D 146 8.16 -32.67 18.17
N ARG D 147 6.84 -32.72 18.26
CA ARG D 147 6.22 -32.62 19.58
C ARG D 147 6.69 -33.75 20.55
N GLU D 148 6.64 -35.00 20.06
CA GLU D 148 7.04 -36.20 20.77
C GLU D 148 8.46 -36.03 21.31
N LYS D 149 9.38 -35.73 20.39
CA LYS D 149 10.78 -35.44 20.70
C LYS D 149 10.89 -34.38 21.81
N LEU D 150 10.21 -33.26 21.66
CA LEU D 150 10.34 -32.24 22.71
C LEU D 150 9.86 -32.71 24.11
N ASN D 151 8.75 -33.42 24.08
CA ASN D 151 8.04 -33.88 25.27
C ASN D 151 8.81 -35.03 26.00
N ARG D 152 9.34 -35.98 25.22
CA ARG D 152 10.26 -36.99 25.74
C ARG D 152 11.35 -36.31 26.65
N ILE D 153 12.03 -35.34 26.03
CA ILE D 153 13.14 -34.69 26.66
C ILE D 153 12.65 -33.89 27.86
N LEU D 154 11.55 -33.17 27.74
CA LEU D 154 11.05 -32.45 28.90
C LEU D 154 10.70 -33.41 30.08
N SER D 155 10.27 -34.64 29.76
CA SER D 155 9.91 -35.63 30.79
C SER D 155 11.17 -35.99 31.57
N GLU D 156 12.18 -36.40 30.80
CA GLU D 156 13.46 -36.78 31.35
C GLU D 156 14.02 -35.70 32.25
N ARG D 157 13.91 -34.47 31.75
CA ARG D 157 14.45 -33.34 32.46
C ARG D 157 13.66 -32.85 33.63
N THR D 158 12.32 -33.02 33.60
CA THR D 158 11.45 -32.58 34.71
C THR D 158 11.16 -33.67 35.75
N GLY D 159 11.24 -34.93 35.33
CA GLY D 159 10.69 -35.98 36.16
C GLY D 159 9.16 -36.15 36.06
N GLN D 160 8.47 -35.30 35.28
CA GLN D 160 7.04 -35.50 34.96
C GLN D 160 6.89 -36.53 33.90
N SER D 161 5.76 -37.25 33.94
CA SER D 161 5.45 -38.24 32.89
C SER D 161 5.17 -37.51 31.57
N ILE D 162 5.47 -38.22 30.49
CA ILE D 162 5.20 -37.78 29.15
C ILE D 162 3.71 -37.38 28.93
N GLU D 163 2.77 -38.13 29.50
CA GLU D 163 1.36 -37.86 29.41
C GLU D 163 1.04 -36.58 30.19
N LYS D 164 1.69 -36.36 31.34
CA LYS D 164 1.45 -35.14 32.07
C LYS D 164 1.95 -33.91 31.22
N ILE D 165 3.07 -34.11 30.49
CA ILE D 165 3.70 -33.05 29.70
C ILE D 165 2.76 -32.70 28.53
N GLN D 166 2.34 -33.72 27.80
CA GLN D 166 1.34 -33.63 26.74
C GLN D 166 0.12 -32.80 27.19
N LYS D 167 -0.49 -33.20 28.29
CA LYS D 167 -1.60 -32.47 28.87
C LYS D 167 -1.27 -31.01 29.27
N ASP D 168 -0.14 -30.82 29.95
CA ASP D 168 0.20 -29.51 30.42
C ASP D 168 0.73 -28.57 29.30
N THR D 169 1.07 -29.13 28.13
CA THR D 169 1.46 -28.35 26.95
C THR D 169 0.41 -28.18 25.85
N ASP D 170 -0.83 -28.60 26.12
CA ASP D 170 -1.85 -28.61 25.11
C ASP D 170 -2.15 -27.17 24.74
N ARG D 171 -2.20 -26.28 25.74
CA ARG D 171 -2.32 -24.81 25.58
C ARG D 171 -1.20 -24.06 26.31
N ASP D 172 -1.11 -22.76 26.09
CA ASP D 172 -0.09 -21.95 26.76
C ASP D 172 -0.26 -22.13 28.28
N ASN D 173 0.81 -22.48 28.99
CA ASN D 173 0.75 -22.67 30.45
C ASN D 173 1.86 -21.81 31.12
N PHE D 174 1.44 -20.76 31.79
CA PHE D 174 2.30 -19.83 32.50
C PHE D 174 2.62 -20.26 33.96
N LEU D 175 3.91 -20.39 34.26
CA LEU D 175 4.39 -20.76 35.57
C LEU D 175 5.16 -19.63 36.23
N THR D 176 4.89 -19.43 37.50
CA THR D 176 5.76 -18.64 38.38
C THR D 176 7.09 -19.34 38.54
N ALA D 177 8.07 -18.63 39.06
CA ALA D 177 9.39 -19.29 39.27
C ALA D 177 9.24 -20.49 40.24
N GLU D 178 8.58 -20.23 41.36
CA GLU D 178 8.23 -21.29 42.37
C GLU D 178 7.52 -22.47 41.69
N GLU D 179 6.51 -22.19 40.83
CA GLU D 179 5.79 -23.29 40.14
C GLU D 179 6.70 -24.05 39.19
N ALA D 180 7.64 -23.34 38.56
CA ALA D 180 8.62 -23.92 37.62
C ALA D 180 9.57 -24.88 38.36
N LYS D 181 9.98 -24.46 39.56
CA LYS D 181 10.73 -25.34 40.49
C LYS D 181 9.92 -26.60 40.82
N GLU D 182 8.68 -26.41 41.28
CA GLU D 182 7.79 -27.56 41.63
C GLU D 182 7.54 -28.45 40.45
N TYR D 183 7.57 -27.87 39.25
CA TYR D 183 7.36 -28.66 38.08
C TYR D 183 8.60 -29.44 37.70
N GLY D 184 9.79 -29.03 38.16
CA GLY D 184 11.03 -29.67 37.70
C GLY D 184 11.69 -29.06 36.45
N LEU D 185 11.28 -27.86 36.04
CA LEU D 185 11.95 -27.20 34.92
C LEU D 185 13.29 -26.60 35.40
N ILE D 186 13.24 -25.99 36.57
CA ILE D 186 14.39 -25.47 37.29
C ILE D 186 14.56 -26.19 38.64
N ASP D 187 15.72 -26.01 39.25
CA ASP D 187 15.99 -26.54 40.59
C ASP D 187 15.84 -25.52 41.66
N GLU D 188 16.15 -24.27 41.35
CA GLU D 188 16.22 -23.26 42.38
C GLU D 188 15.63 -21.94 41.91
N VAL D 189 14.90 -21.32 42.81
CA VAL D 189 14.55 -19.92 42.71
C VAL D 189 15.63 -19.13 43.43
N MET D 190 16.40 -18.39 42.65
CA MET D 190 17.49 -17.58 43.16
C MET D 190 16.96 -16.37 43.96
N VAL D 191 17.00 -16.51 45.27
CA VAL D 191 16.45 -15.53 46.16
C VAL D 191 17.52 -14.42 46.37
N PRO D 192 17.10 -13.19 46.69
CA PRO D 192 18.11 -12.17 47.01
C PRO D 192 19.02 -12.56 48.21
N PRO E 5 27.64 11.33 20.31
CA PRO E 5 28.65 12.29 20.83
C PRO E 5 29.69 11.70 21.84
N THR E 6 30.94 12.15 21.72
CA THR E 6 32.17 11.60 22.41
C THR E 6 32.85 12.52 23.52
N VAL E 7 33.45 11.89 24.55
CA VAL E 7 34.17 12.62 25.59
N ASP E 19 32.67 7.62 23.92
CA ASP E 19 31.21 7.63 23.97
C ASP E 19 30.65 8.16 25.32
N ILE E 20 29.55 8.94 25.29
CA ILE E 20 29.06 9.66 26.51
C ILE E 20 28.45 8.72 27.58
N TYR E 21 27.56 7.81 27.18
CA TYR E 21 26.94 6.83 28.09
C TYR E 21 27.94 5.85 28.70
N SER E 22 28.89 5.38 27.91
CA SER E 22 30.03 4.63 28.42
C SER E 22 30.90 5.38 29.45
N ARG E 23 30.99 6.71 29.34
CA ARG E 23 31.75 7.50 30.33
C ARG E 23 30.94 7.61 31.64
N LEU E 24 29.63 7.70 31.54
CA LEU E 24 28.82 7.74 32.76
C LEU E 24 28.78 6.38 33.45
N LEU E 25 28.94 5.32 32.66
CA LEU E 25 28.94 3.98 33.19
C LEU E 25 30.16 3.76 34.05
N LYS E 26 31.30 4.35 33.71
CA LYS E 26 32.48 4.36 34.60
C LYS E 26 32.20 4.98 35.96
N ASP E 27 31.35 6.00 36.01
CA ASP E 27 30.84 6.54 37.27
C ASP E 27 29.67 5.78 37.89
N ARG E 28 29.37 4.57 37.41
CA ARG E 28 28.31 3.73 37.94
C ARG E 28 26.88 4.25 37.63
N ILE E 29 26.75 5.06 36.57
CA ILE E 29 25.50 5.64 36.14
C ILE E 29 25.00 4.77 34.99
N ILE E 30 23.77 4.28 35.16
CA ILE E 30 23.01 3.55 34.09
C ILE E 30 21.78 4.39 33.67
N MET E 31 21.64 4.61 32.35
CA MET E 31 20.51 5.34 31.76
C MET E 31 19.41 4.37 31.28
N LEU E 32 18.22 4.50 31.87
CA LEU E 32 17.03 3.85 31.33
C LEU E 32 16.25 5.00 30.68
N GLY E 33 16.50 5.20 29.39
CA GLY E 33 16.02 6.39 28.68
C GLY E 33 15.20 6.05 27.45
N SER E 34 14.57 4.88 27.46
CA SER E 34 13.73 4.45 26.40
C SER E 34 12.59 3.51 26.90
N GLN E 35 11.80 3.07 25.92
CA GLN E 35 10.80 2.01 26.07
C GLN E 35 11.51 0.75 26.54
N ILE E 36 10.92 0.05 27.50
CA ILE E 36 11.48 -1.18 28.04
C ILE E 36 11.09 -2.38 27.16
N ASP E 37 12.05 -2.88 26.43
CA ASP E 37 11.91 -4.12 25.70
C ASP E 37 13.01 -5.07 26.14
N ASP E 38 13.02 -6.25 25.55
CA ASP E 38 13.99 -7.24 25.87
C ASP E 38 15.46 -6.74 25.63
N ASN E 39 15.74 -5.96 24.59
CA ASN E 39 17.14 -5.51 24.35
C ASN E 39 17.57 -4.55 25.42
N VAL E 40 16.67 -3.69 25.84
CA VAL E 40 16.96 -2.71 26.84
C VAL E 40 17.27 -3.43 28.15
N ALA E 41 16.42 -4.40 28.48
CA ALA E 41 16.52 -5.19 29.71
C ALA E 41 17.83 -5.92 29.77
N ASN E 42 18.17 -6.60 28.70
CA ASN E 42 19.44 -7.30 28.57
C ASN E 42 20.61 -6.36 28.84
N SER E 43 20.53 -5.15 28.27
CA SER E 43 21.61 -4.20 28.43
C SER E 43 21.70 -3.67 29.85
N ILE E 44 20.57 -3.28 30.43
CA ILE E 44 20.52 -2.78 31.80
C ILE E 44 21.01 -3.89 32.78
N VAL E 45 20.52 -5.12 32.60
CA VAL E 45 20.94 -6.22 33.44
C VAL E 45 22.48 -6.37 33.41
N SER E 46 23.04 -6.37 32.21
CA SER E 46 24.46 -6.63 32.05
C SER E 46 25.28 -5.54 32.74
N GLN E 47 24.86 -4.30 32.55
CA GLN E 47 25.41 -3.18 33.20
C GLN E 47 25.38 -3.33 34.73
N LEU E 48 24.22 -3.68 35.31
CA LEU E 48 24.10 -3.89 36.78
C LEU E 48 25.07 -4.96 37.30
N LEU E 49 25.12 -6.08 36.61
CA LEU E 49 25.98 -7.20 37.00
C LEU E 49 27.47 -6.86 36.96
N PHE E 50 27.85 -6.22 35.86
CA PHE E 50 29.17 -5.73 35.59
C PHE E 50 29.60 -4.79 36.70
N LEU E 51 28.74 -3.85 37.08
CA LEU E 51 29.07 -2.88 38.09
C LEU E 51 29.29 -3.51 39.44
N GLN E 52 28.54 -4.58 39.73
CA GLN E 52 28.73 -5.37 40.94
C GLN E 52 30.11 -6.00 40.93
N ALA E 53 30.48 -6.58 39.79
CA ALA E 53 31.75 -7.27 39.63
C ALA E 53 32.97 -6.39 39.87
N GLN E 54 32.91 -5.16 39.37
CA GLN E 54 33.94 -4.15 39.59
C GLN E 54 34.06 -3.75 41.05
N ASP E 55 32.92 -3.52 41.70
CA ASP E 55 32.86 -3.13 43.12
C ASP E 55 31.48 -3.47 43.64
N SER E 56 31.41 -4.39 44.62
CA SER E 56 30.13 -4.90 45.15
C SER E 56 29.58 -4.14 46.36
N GLU E 57 30.31 -3.12 46.81
CA GLU E 57 29.88 -2.25 47.95
C GLU E 57 29.31 -0.90 47.47
N LYS E 58 29.93 -0.28 46.47
CA LYS E 58 29.58 1.09 46.05
C LYS E 58 28.17 1.11 45.40
N ASP E 59 27.46 2.20 45.63
CA ASP E 59 26.15 2.43 45.06
C ASP E 59 26.17 2.50 43.53
N ILE E 60 25.04 2.08 42.93
CA ILE E 60 24.76 2.25 41.46
C ILE E 60 23.65 3.31 41.31
N TYR E 61 23.68 4.09 40.22
CA TYR E 61 22.63 5.12 39.98
C TYR E 61 21.94 4.76 38.66
N LEU E 62 20.63 4.46 38.76
CA LEU E 62 19.77 4.15 37.59
C LEU E 62 18.93 5.38 37.34
N TYR E 63 19.20 6.02 36.21
CA TYR E 63 18.47 7.26 35.80
C TYR E 63 17.33 6.85 34.86
N ILE E 64 16.14 7.38 35.06
CA ILE E 64 14.94 6.79 34.44
C ILE E 64 14.15 7.89 33.78
N ASN E 65 14.10 7.84 32.44
CA ASN E 65 13.18 8.61 31.58
C ASN E 65 12.54 7.61 30.62
N SER E 66 11.34 7.11 30.95
CA SER E 66 10.82 5.88 30.29
C SER E 66 9.32 5.82 30.38
N PRO E 67 8.65 5.44 29.27
CA PRO E 67 7.16 5.36 29.29
C PRO E 67 6.68 3.97 29.68
N GLY E 68 7.61 3.04 29.89
CA GLY E 68 7.29 1.72 30.25
C GLY E 68 7.59 0.79 29.13
N GLY E 69 6.81 -0.29 29.05
CA GLY E 69 7.04 -1.35 28.09
C GLY E 69 6.72 -2.73 28.65
N SER E 70 7.44 -3.72 28.15
CA SER E 70 7.22 -5.09 28.52
C SER E 70 7.42 -5.30 30.03
N VAL E 71 6.46 -6.01 30.63
CA VAL E 71 6.37 -6.29 32.02
C VAL E 71 7.44 -7.30 32.35
N THR E 72 7.56 -8.34 31.56
CA THR E 72 8.61 -9.33 31.81
C THR E 72 10.04 -8.76 31.67
N ALA E 73 10.24 -7.83 30.73
CA ALA E 73 11.52 -7.22 30.56
C ALA E 73 11.79 -6.33 31.77
N GLY E 74 10.73 -5.70 32.25
CA GLY E 74 10.84 -4.84 33.44
C GLY E 74 11.19 -5.61 34.71
N PHE E 75 10.69 -6.85 34.78
CA PHE E 75 10.95 -7.70 35.90
C PHE E 75 12.34 -8.26 35.82
N ALA E 76 12.86 -8.45 34.62
CA ALA E 76 14.25 -8.83 34.44
C ALA E 76 15.12 -7.84 35.18
N ILE E 77 14.88 -6.56 34.94
CA ILE E 77 15.63 -5.51 35.59
C ILE E 77 15.37 -5.45 37.12
N TYR E 78 14.09 -5.54 37.53
CA TYR E 78 13.68 -5.56 38.92
C TYR E 78 14.43 -6.62 39.71
N ASP E 79 14.35 -7.87 39.29
CA ASP E 79 15.02 -8.96 40.00
C ASP E 79 16.53 -8.82 40.10
N THR E 80 17.15 -8.19 39.10
CA THR E 80 18.58 -7.92 39.09
C THR E 80 18.90 -6.84 40.07
N ILE E 81 18.09 -5.79 40.12
CA ILE E 81 18.33 -4.78 41.17
C ILE E 81 18.33 -5.42 42.60
N GLN E 82 17.31 -6.25 42.87
CA GLN E 82 17.08 -6.73 44.22
C GLN E 82 18.13 -7.75 44.63
N HIS E 83 18.62 -8.47 43.63
CA HIS E 83 19.59 -9.53 43.83
C HIS E 83 21.04 -9.07 44.10
N ILE E 84 21.51 -8.02 43.43
CA ILE E 84 22.88 -7.56 43.59
C ILE E 84 23.11 -6.86 44.95
N LYS E 85 24.35 -6.89 45.42
CA LYS E 85 24.75 -6.35 46.75
C LYS E 85 24.68 -4.79 46.79
N PRO E 86 25.21 -4.10 45.79
CA PRO E 86 25.05 -2.65 45.87
C PRO E 86 23.59 -2.15 45.85
N ASP E 87 23.35 -1.12 46.61
CA ASP E 87 22.17 -0.32 46.53
C ASP E 87 22.14 0.33 45.14
N VAL E 88 20.94 0.36 44.52
CA VAL E 88 20.67 1.03 43.24
C VAL E 88 19.79 2.22 43.51
N GLN E 89 20.32 3.43 43.37
CA GLN E 89 19.50 4.64 43.54
C GLN E 89 18.67 4.81 42.26
N THR E 90 17.53 5.46 42.38
CA THR E 90 16.72 5.71 41.22
C THR E 90 16.39 7.17 41.17
N ILE E 91 16.55 7.72 39.96
CA ILE E 91 16.28 9.14 39.71
C ILE E 91 15.42 9.24 38.46
N CYS E 92 14.23 9.76 38.67
CA CYS E 92 13.31 9.97 37.61
C CYS E 92 13.57 11.34 37.04
N ILE E 93 13.92 11.36 35.76
CA ILE E 93 14.12 12.61 35.01
C ILE E 93 13.06 12.60 33.89
N GLY E 94 12.32 13.67 33.75
CA GLY E 94 11.27 13.73 32.72
C GLY E 94 10.01 12.93 33.02
N MET E 95 10.10 11.61 32.86
CA MET E 95 8.95 10.70 32.95
C MET E 95 9.31 9.30 33.40
N ALA E 96 8.52 8.79 34.32
CA ALA E 96 8.53 7.37 34.64
C ALA E 96 7.08 6.93 34.65
N ALA E 97 6.69 6.11 33.66
CA ALA E 97 5.28 5.68 33.46
C ALA E 97 5.24 4.21 33.45
N SER E 98 4.20 3.60 34.05
CA SER E 98 3.90 2.17 33.85
C SER E 98 5.09 1.33 34.41
N MET E 99 5.65 0.34 33.71
CA MET E 99 6.85 -0.32 34.22
C MET E 99 8.02 0.62 34.62
N GLY E 100 8.04 1.80 34.01
CA GLY E 100 8.97 2.82 34.40
C GLY E 100 8.82 3.20 35.85
N SER E 101 7.61 3.55 36.25
CA SER E 101 7.31 3.99 37.59
C SER E 101 7.58 2.85 38.58
N PHE E 102 7.31 1.63 38.15
CA PHE E 102 7.58 0.48 38.94
C PHE E 102 9.07 0.42 39.30
N LEU E 103 9.91 0.57 38.27
CA LEU E 103 11.37 0.51 38.47
C LEU E 103 11.92 1.66 39.31
N LEU E 104 11.29 2.83 39.21
CA LEU E 104 11.65 3.95 40.05
C LEU E 104 11.40 3.55 41.53
N ALA E 105 10.27 2.88 41.75
CA ALA E 105 9.84 2.47 43.05
C ALA E 105 10.66 1.31 43.60
N ALA E 106 11.35 0.58 42.72
CA ALA E 106 12.23 -0.50 43.08
C ALA E 106 13.65 -0.14 43.60
N GLY E 107 14.03 1.14 43.62
CA GLY E 107 15.34 1.58 44.11
C GLY E 107 15.50 1.42 45.63
N ALA E 108 16.75 1.35 46.10
CA ALA E 108 17.05 1.16 47.49
C ALA E 108 16.29 2.20 48.27
N LYS E 109 15.66 1.74 49.34
CA LYS E 109 14.78 2.56 50.14
C LYS E 109 15.63 3.70 50.71
N GLY E 110 15.05 4.88 50.74
CA GLY E 110 15.77 6.11 51.02
C GLY E 110 16.59 6.73 49.88
N LYS E 111 16.82 6.01 48.79
CA LYS E 111 17.59 6.52 47.63
C LYS E 111 16.79 6.52 46.27
N ARG E 112 15.53 6.92 46.35
CA ARG E 112 14.67 6.96 45.14
C ARG E 112 14.29 8.37 44.99
N PHE E 113 14.70 9.00 43.89
CA PHE E 113 14.41 10.46 43.72
C PHE E 113 13.58 10.76 42.46
N ALA E 114 13.00 11.97 42.41
CA ALA E 114 12.54 12.52 41.14
C ALA E 114 12.92 14.01 41.08
N LEU E 115 13.25 14.48 39.87
CA LEU E 115 13.45 15.90 39.67
C LEU E 115 12.11 16.58 39.78
N PRO E 116 12.06 17.89 40.15
CA PRO E 116 10.82 18.55 40.52
C PRO E 116 9.70 18.55 39.48
N ASN E 117 10.03 18.53 38.17
CA ASN E 117 8.99 18.64 37.14
C ASN E 117 8.80 17.30 36.44
N ALA E 118 9.33 16.24 36.99
CA ALA E 118 9.22 14.93 36.38
C ALA E 118 7.86 14.37 36.63
N GLU E 119 7.48 13.42 35.80
CA GLU E 119 6.10 12.92 35.77
C GLU E 119 6.15 11.46 36.11
N VAL E 120 5.27 11.04 36.99
CA VAL E 120 5.17 9.62 37.29
C VAL E 120 3.75 9.18 36.97
N MET E 121 3.62 8.03 36.31
CA MET E 121 2.30 7.56 36.01
C MET E 121 2.19 6.09 36.34
N ILE E 122 1.05 5.70 36.92
CA ILE E 122 0.84 4.31 37.32
C ILE E 122 -0.48 3.92 36.74
N HIS E 123 -0.54 2.69 36.30
CA HIS E 123 -1.79 2.19 35.73
C HIS E 123 -1.77 0.68 35.72
N GLN E 124 -2.85 0.08 35.30
CA GLN E 124 -2.84 -1.37 35.20
C GLN E 124 -2.17 -1.83 33.92
N PRO E 125 -1.68 -3.08 33.91
CA PRO E 125 -1.05 -3.58 32.70
C PRO E 125 -2.02 -3.76 31.53
N LEU E 126 -1.44 -3.79 30.34
CA LEU E 126 -2.14 -3.83 29.07
C LEU E 126 -1.76 -5.09 28.34
N GLY E 127 -2.69 -5.60 27.54
CA GLY E 127 -2.40 -6.80 26.75
C GLY E 127 -3.49 -7.08 25.76
N GLY E 128 -3.49 -8.30 25.29
CA GLY E 128 -4.40 -8.69 24.22
C GLY E 128 -4.51 -10.18 24.06
N ALA E 129 -5.58 -10.61 23.41
CA ALA E 129 -5.81 -12.04 23.14
C ALA E 129 -6.87 -12.20 22.07
N GLN E 130 -6.66 -13.16 21.18
CA GLN E 130 -7.66 -13.50 20.20
C GLN E 130 -7.67 -15.00 20.05
N GLY E 131 -8.82 -15.52 19.62
CA GLY E 131 -8.98 -16.94 19.34
C GLY E 131 -10.14 -17.56 20.11
N GLN E 132 -9.99 -18.82 20.44
CA GLN E 132 -10.99 -19.60 21.15
C GLN E 132 -11.18 -19.09 22.55
N ALA E 133 -12.41 -19.20 23.04
CA ALA E 133 -12.77 -18.82 24.40
C ALA E 133 -11.73 -19.32 25.43
N THR E 134 -11.25 -20.55 25.27
CA THR E 134 -10.23 -21.12 26.18
C THR E 134 -8.90 -20.33 26.12
N GLU E 135 -8.49 -19.96 24.91
CA GLU E 135 -7.29 -19.11 24.77
C GLU E 135 -7.50 -17.77 25.40
N ILE E 136 -8.68 -17.19 25.22
CA ILE E 136 -8.91 -15.91 25.87
C ILE E 136 -8.91 -16.01 27.41
N GLU E 137 -9.39 -17.15 27.93
CA GLU E 137 -9.39 -17.38 29.40
C GLU E 137 -7.98 -17.39 29.94
N ILE E 138 -7.13 -18.14 29.28
CA ILE E 138 -5.71 -18.24 29.62
C ILE E 138 -5.01 -16.85 29.60
N ALA E 139 -5.16 -16.09 28.53
CA ALA E 139 -4.60 -14.74 28.50
C ALA E 139 -5.23 -13.86 29.58
N ALA E 140 -6.52 -13.92 29.81
CA ALA E 140 -7.06 -13.16 30.92
C ALA E 140 -6.50 -13.56 32.30
N ASN E 141 -6.44 -14.84 32.58
CA ASN E 141 -5.84 -15.34 33.85
C ASN E 141 -4.39 -14.89 34.03
N HIS E 142 -3.57 -15.05 32.98
CA HIS E 142 -2.20 -14.62 33.01
C HIS E 142 -2.01 -13.12 33.30
N ILE E 143 -2.76 -12.29 32.59
CA ILE E 143 -2.71 -10.86 32.85
C ILE E 143 -3.29 -10.45 34.23
N LEU E 144 -4.31 -11.11 34.76
CA LEU E 144 -4.78 -10.72 36.10
C LEU E 144 -3.74 -11.13 37.16
N LYS E 145 -3.08 -12.28 36.98
CA LYS E 145 -1.97 -12.68 37.84
C LYS E 145 -0.78 -11.72 37.78
N THR E 146 -0.47 -11.23 36.58
CA THR E 146 0.60 -10.25 36.45
C THR E 146 0.21 -8.97 37.21
N ARG E 147 -1.06 -8.56 37.13
CA ARG E 147 -1.41 -7.33 37.82
C ARG E 147 -1.30 -7.53 39.33
N GLU E 148 -1.67 -8.72 39.77
CA GLU E 148 -1.72 -9.07 41.20
C GLU E 148 -0.29 -8.98 41.78
N LYS E 149 0.65 -9.62 41.08
CA LYS E 149 2.07 -9.57 41.40
C LYS E 149 2.63 -8.14 41.47
N LEU E 150 2.33 -7.32 40.46
CA LEU E 150 2.75 -5.93 40.41
C LEU E 150 2.16 -5.09 41.56
N ASN E 151 0.89 -5.32 41.87
CA ASN E 151 0.25 -4.57 42.96
C ASN E 151 0.78 -4.99 44.34
N ARG E 152 1.08 -6.28 44.50
CA ARG E 152 1.66 -6.82 45.74
C ARG E 152 3.02 -6.14 46.03
N ILE E 153 3.89 -6.13 45.02
CA ILE E 153 5.20 -5.49 45.13
C ILE E 153 5.11 -3.99 45.39
N LEU E 154 4.24 -3.31 44.65
CA LEU E 154 4.05 -1.86 44.88
C LEU E 154 3.49 -1.53 46.29
N SER E 155 2.64 -2.42 46.81
CA SER E 155 2.17 -2.28 48.19
C SER E 155 3.33 -2.27 49.15
N GLU E 156 4.20 -3.25 49.01
CA GLU E 156 5.36 -3.38 49.87
C GLU E 156 6.34 -2.23 49.73
N ARG E 157 6.53 -1.77 48.49
CA ARG E 157 7.47 -0.64 48.21
C ARG E 157 7.00 0.70 48.63
N THR E 158 5.70 0.89 48.63
CA THR E 158 5.19 2.21 48.92
C THR E 158 4.56 2.31 50.32
N GLY E 159 4.28 1.17 50.95
CA GLY E 159 3.51 1.14 52.17
C GLY E 159 2.03 1.44 52.01
N GLN E 160 1.48 1.39 50.80
CA GLN E 160 0.04 1.55 50.65
C GLN E 160 -0.57 0.16 50.69
N SER E 161 -1.84 0.06 51.04
CA SER E 161 -2.53 -1.25 50.96
C SER E 161 -2.66 -1.73 49.50
N ILE E 162 -2.84 -3.01 49.30
CA ILE E 162 -3.13 -3.58 48.01
C ILE E 162 -4.45 -3.05 47.40
N GLU E 163 -5.44 -2.82 48.26
CA GLU E 163 -6.75 -2.40 47.85
C GLU E 163 -6.64 -0.99 47.31
N LYS E 164 -5.87 -0.15 48.00
CA LYS E 164 -5.67 1.21 47.55
C LYS E 164 -4.90 1.27 46.19
N ILE E 165 -3.92 0.38 45.96
CA ILE E 165 -3.09 0.38 44.73
C ILE E 165 -3.97 -0.04 43.55
N GLN E 166 -4.78 -1.07 43.78
CA GLN E 166 -5.78 -1.56 42.83
C GLN E 166 -6.72 -0.42 42.37
N LYS E 167 -7.31 0.25 43.34
CA LYS E 167 -8.15 1.38 43.06
C LYS E 167 -7.34 2.47 42.30
N ASP E 168 -6.16 2.83 42.80
CA ASP E 168 -5.44 3.98 42.28
C ASP E 168 -4.82 3.75 40.86
N THR E 169 -4.70 2.48 40.45
CA THR E 169 -4.18 2.06 39.17
C THR E 169 -5.26 1.52 38.16
N ASP E 170 -6.51 1.63 38.52
CA ASP E 170 -7.58 1.12 37.67
C ASP E 170 -7.57 1.83 36.31
N ARG E 171 -7.31 3.14 36.36
CA ARG E 171 -7.03 3.99 35.20
C ARG E 171 -5.68 4.73 35.34
N ASP E 172 -5.23 5.32 34.22
CA ASP E 172 -4.05 6.17 34.17
C ASP E 172 -4.07 7.22 35.27
N ASN E 173 -3.03 7.21 36.10
CA ASN E 173 -2.99 8.07 37.22
C ASN E 173 -1.65 8.78 37.24
N PHE E 174 -1.70 10.09 37.01
CA PHE E 174 -0.50 10.93 36.83
C PHE E 174 -0.17 11.63 38.13
N LEU E 175 1.08 11.50 38.57
CA LEU E 175 1.54 12.13 39.78
C LEU E 175 2.69 13.10 39.54
N THR E 176 2.62 14.26 40.20
CA THR E 176 3.78 15.18 40.29
C THR E 176 4.86 14.54 41.09
N ALA E 177 6.07 15.09 41.04
CA ALA E 177 7.16 14.57 41.87
C ALA E 177 6.76 14.55 43.38
N GLU E 178 6.16 15.63 43.83
CA GLU E 178 5.77 15.83 45.20
C GLU E 178 4.72 14.84 45.58
N GLU E 179 3.74 14.58 44.69
CA GLU E 179 2.76 13.52 44.93
C GLU E 179 3.31 12.14 44.98
N ALA E 180 4.31 11.86 44.15
CA ALA E 180 4.92 10.50 44.14
C ALA E 180 5.70 10.19 45.43
N LYS E 181 6.20 11.25 46.08
CA LYS E 181 6.82 11.19 47.38
C LYS E 181 5.81 10.81 48.47
N GLU E 182 4.75 11.59 48.58
CA GLU E 182 3.60 11.33 49.48
C GLU E 182 3.03 9.94 49.28
N TYR E 183 2.97 9.48 48.03
CA TYR E 183 2.39 8.17 47.74
C TYR E 183 3.33 7.06 48.20
N GLY E 184 4.62 7.36 48.28
CA GLY E 184 5.57 6.36 48.67
C GLY E 184 6.33 5.76 47.53
N LEU E 185 6.13 6.30 46.33
CA LEU E 185 6.83 5.78 45.14
C LEU E 185 8.29 6.22 45.14
N ILE E 186 8.54 7.43 45.62
CA ILE E 186 9.90 7.92 45.82
C ILE E 186 10.06 8.46 47.23
N ASP E 187 11.30 8.75 47.61
CA ASP E 187 11.64 9.30 48.94
C ASP E 187 11.93 10.75 48.97
N GLU E 188 12.61 11.23 47.94
CA GLU E 188 12.93 12.65 47.88
C GLU E 188 12.66 13.27 46.49
N VAL E 189 12.16 14.48 46.48
CA VAL E 189 12.20 15.36 45.31
C VAL E 189 13.55 16.10 45.33
N MET E 190 14.38 15.79 44.37
CA MET E 190 15.70 16.40 44.25
C MET E 190 15.61 17.87 43.79
N VAL E 191 15.74 18.78 44.73
CA VAL E 191 15.58 20.23 44.50
C VAL E 191 16.92 20.82 44.06
N PRO E 192 16.90 21.88 43.26
CA PRO E 192 18.18 22.43 42.80
C PRO E 192 18.85 23.37 43.82
N GLU E 193 20.10 23.05 44.24
CA GLU E 193 20.90 23.91 45.17
C GLU E 193 21.36 25.20 44.49
N ILE F 4 28.34 15.74 10.19
CA ILE F 4 29.04 15.12 9.02
C ILE F 4 30.57 15.26 9.27
N PRO F 5 31.11 16.48 9.15
CA PRO F 5 32.56 16.58 9.01
C PRO F 5 33.39 16.29 10.31
N THR F 6 34.66 15.96 10.08
CA THR F 6 35.69 15.61 11.09
C THR F 6 36.68 16.82 11.21
N VAL F 7 36.81 17.43 12.38
CA VAL F 7 37.55 18.71 12.52
C VAL F 7 38.96 18.52 13.05
N TYR F 18 37.89 13.57 16.20
CA TYR F 18 36.59 14.13 16.58
C TYR F 18 35.63 14.48 15.38
N ASP F 19 34.33 14.31 15.57
CA ASP F 19 33.32 15.00 14.76
C ASP F 19 33.15 16.45 15.28
N ILE F 20 32.45 17.28 14.50
CA ILE F 20 32.38 18.71 14.74
C ILE F 20 31.62 19.00 16.02
N TYR F 21 30.55 18.29 16.26
CA TYR F 21 29.82 18.43 17.51
C TYR F 21 30.62 18.04 18.76
N SER F 22 31.33 16.93 18.65
CA SER F 22 32.23 16.48 19.70
C SER F 22 33.33 17.48 19.96
N ARG F 23 33.76 18.20 18.92
CA ARG F 23 34.74 19.25 19.07
C ARG F 23 34.19 20.46 19.80
N LEU F 24 32.93 20.76 19.54
CA LEU F 24 32.29 21.85 20.22
C LEU F 24 31.99 21.50 21.66
N LEU F 25 31.74 20.22 21.93
CA LEU F 25 31.48 19.74 23.27
C LEU F 25 32.66 20.03 24.20
N LYS F 26 33.88 19.97 23.69
CA LYS F 26 35.09 20.28 24.45
C LYS F 26 35.16 21.76 24.84
N ASP F 27 34.55 22.65 24.07
CA ASP F 27 34.41 24.03 24.51
C ASP F 27 33.14 24.27 25.35
N ARG F 28 32.51 23.19 25.82
CA ARG F 28 31.26 23.24 26.61
C ARG F 28 30.03 23.79 25.85
N ILE F 29 29.99 23.57 24.52
CA ILE F 29 28.82 23.86 23.72
C ILE F 29 28.04 22.60 23.48
N ILE F 30 26.75 22.64 23.81
CA ILE F 30 25.76 21.58 23.49
C ILE F 30 24.77 22.09 22.40
N MET F 31 24.56 21.27 21.37
CA MET F 31 23.65 21.54 20.23
C MET F 31 22.32 20.89 20.47
N LEU F 32 21.27 21.72 20.54
CA LEU F 32 19.90 21.17 20.52
C LEU F 32 19.34 21.60 19.18
N GLY F 33 19.61 20.75 18.18
CA GLY F 33 19.42 21.09 16.78
C GLY F 33 18.32 20.26 16.06
N SER F 34 17.40 19.71 16.83
CA SER F 34 16.38 18.89 16.25
C SER F 34 15.16 18.86 17.12
N GLN F 35 14.23 18.02 16.71
CA GLN F 35 13.04 17.77 17.45
C GLN F 35 13.46 17.20 18.82
N ILE F 36 12.74 17.62 19.82
CA ILE F 36 12.93 17.07 21.18
C ILE F 36 12.12 15.80 21.42
N ASP F 37 12.81 14.67 21.45
CA ASP F 37 12.26 13.40 21.91
C ASP F 37 13.16 12.80 23.03
N ASP F 38 12.85 11.60 23.48
CA ASP F 38 13.53 10.98 24.59
C ASP F 38 15.03 10.79 24.33
N ASN F 39 15.40 10.35 23.11
CA ASN F 39 16.78 10.13 22.74
C ASN F 39 17.64 11.37 22.81
N VAL F 40 17.11 12.47 22.27
CA VAL F 40 17.72 13.79 22.31
C VAL F 40 17.85 14.29 23.76
N ALA F 41 16.81 14.12 24.56
CA ALA F 41 16.82 14.60 25.93
C ALA F 41 17.87 13.84 26.66
N ASN F 42 17.93 12.54 26.43
CA ASN F 42 18.93 11.74 27.11
C ASN F 42 20.35 12.18 26.78
N SER F 43 20.57 12.51 25.52
CA SER F 43 21.89 12.93 25.06
C SER F 43 22.24 14.27 25.73
N ILE F 44 21.35 15.26 25.62
CA ILE F 44 21.60 16.59 26.18
C ILE F 44 21.83 16.50 27.69
N VAL F 45 21.01 15.69 28.37
CA VAL F 45 21.09 15.55 29.84
C VAL F 45 22.48 15.01 30.24
N SER F 46 22.90 13.95 29.56
CA SER F 46 24.20 13.32 29.77
C SER F 46 25.34 14.29 29.49
N GLN F 47 25.22 15.03 28.40
CA GLN F 47 26.16 16.10 28.08
C GLN F 47 26.23 17.13 29.18
N LEU F 48 25.08 17.55 29.71
CA LEU F 48 25.13 18.56 30.78
C LEU F 48 25.84 18.00 32.02
N LEU F 49 25.54 16.75 32.36
CA LEU F 49 26.09 16.13 33.57
C LEU F 49 27.59 15.96 33.41
N PHE F 50 27.99 15.55 32.20
CA PHE F 50 29.38 15.36 31.89
C PHE F 50 30.15 16.65 32.09
N LEU F 51 29.68 17.73 31.47
CA LEU F 51 30.36 18.99 31.55
C LEU F 51 30.48 19.53 32.97
N GLN F 52 29.43 19.34 33.78
CA GLN F 52 29.48 19.73 35.19
C GLN F 52 30.57 18.97 36.01
N ALA F 53 30.68 17.67 35.78
CA ALA F 53 31.64 16.84 36.45
C ALA F 53 33.05 17.19 36.00
N GLN F 54 33.22 17.59 34.75
CA GLN F 54 34.53 18.08 34.32
C GLN F 54 34.92 19.38 35.01
N ASP F 55 33.95 20.25 35.14
CA ASP F 55 34.17 21.56 35.72
C ASP F 55 32.84 22.19 36.13
N SER F 56 32.66 22.31 37.45
CA SER F 56 31.40 22.73 38.02
C SER F 56 31.27 24.23 38.11
N GLU F 57 32.27 24.98 37.63
CA GLU F 57 32.21 26.47 37.62
C GLU F 57 32.05 27.17 36.27
N LYS F 58 32.63 26.62 35.20
CA LYS F 58 32.57 27.28 33.88
C LYS F 58 31.15 27.13 33.27
N ASP F 59 30.77 28.12 32.51
CA ASP F 59 29.52 28.16 31.81
C ASP F 59 29.44 27.03 30.82
N ILE F 60 28.22 26.60 30.56
CA ILE F 60 27.84 25.69 29.47
C ILE F 60 27.03 26.53 28.53
N TYR F 61 27.15 26.25 27.22
CA TYR F 61 26.43 27.02 26.19
C TYR F 61 25.53 26.04 25.45
N LEU F 62 24.20 26.31 25.54
CA LEU F 62 23.16 25.51 24.86
C LEU F 62 22.69 26.25 23.61
N TYR F 63 23.09 25.71 22.48
CA TYR F 63 22.73 26.24 21.17
C TYR F 63 21.43 25.58 20.67
N ILE F 64 20.45 26.40 20.33
CA ILE F 64 19.09 25.93 20.12
C ILE F 64 18.60 26.31 18.71
N ASN F 65 18.30 25.30 17.92
CA ASN F 65 17.54 25.38 16.64
C ASN F 65 16.58 24.19 16.56
N SER F 66 15.35 24.38 17.00
CA SER F 66 14.46 23.21 17.34
C SER F 66 13.04 23.62 17.20
N PRO F 67 12.20 22.77 16.54
CA PRO F 67 10.80 23.07 16.50
C PRO F 67 10.08 22.62 17.78
N GLY F 68 10.78 22.08 18.76
CA GLY F 68 10.17 21.55 19.99
C GLY F 68 10.04 20.05 19.94
N GLY F 69 8.95 19.54 20.53
CA GLY F 69 8.73 18.11 20.72
C GLY F 69 8.11 17.75 22.08
N SER F 70 8.47 16.55 22.57
CA SER F 70 7.87 16.04 23.80
C SER F 70 8.16 16.97 25.01
N VAL F 71 7.11 17.23 25.73
CA VAL F 71 7.11 18.00 26.94
C VAL F 71 7.93 17.39 28.06
N THR F 72 7.79 16.08 28.26
CA THR F 72 8.46 15.42 29.34
C THR F 72 9.95 15.26 29.01
N ALA F 73 10.29 15.00 27.75
CA ALA F 73 11.68 15.07 27.33
C ALA F 73 12.26 16.44 27.60
N GLY F 74 11.46 17.45 27.33
CA GLY F 74 11.90 18.83 27.48
C GLY F 74 12.09 19.21 28.94
N PHE F 75 11.18 18.80 29.81
CA PHE F 75 11.39 18.87 31.25
C PHE F 75 12.58 18.07 31.81
N ALA F 76 12.91 16.89 31.29
CA ALA F 76 14.15 16.23 31.67
C ALA F 76 15.36 17.12 31.46
N ILE F 77 15.38 17.81 30.31
CA ILE F 77 16.45 18.77 30.01
C ILE F 77 16.37 19.96 30.94
N TYR F 78 15.17 20.53 31.09
CA TYR F 78 14.95 21.71 31.94
C TYR F 78 15.39 21.50 33.41
N ASP F 79 14.89 20.43 34.06
CA ASP F 79 15.30 20.07 35.42
C ASP F 79 16.84 19.80 35.57
N THR F 80 17.45 19.14 34.58
CA THR F 80 18.86 18.98 34.59
C THR F 80 19.60 20.33 34.49
N ILE F 81 19.11 21.26 33.64
CA ILE F 81 19.73 22.59 33.61
C ILE F 81 19.72 23.31 35.01
N GLN F 82 18.57 23.21 35.68
CA GLN F 82 18.33 23.92 36.89
C GLN F 82 19.08 23.19 38.04
N HIS F 83 19.28 21.89 37.95
CA HIS F 83 19.97 21.16 38.97
C HIS F 83 21.47 21.52 39.06
N ILE F 84 22.15 21.63 37.91
CA ILE F 84 23.61 21.74 37.89
C ILE F 84 24.07 23.12 38.35
N LYS F 85 25.34 23.17 38.78
CA LYS F 85 25.93 24.42 39.29
C LYS F 85 26.30 25.37 38.18
N PRO F 86 26.90 24.86 37.09
CA PRO F 86 27.18 25.79 35.99
C PRO F 86 25.93 26.49 35.47
N ASP F 87 26.06 27.76 35.25
CA ASP F 87 25.20 28.50 34.40
C ASP F 87 25.19 27.91 32.96
N VAL F 88 23.99 27.69 32.47
CA VAL F 88 23.72 27.32 31.06
C VAL F 88 23.16 28.54 30.30
N GLN F 89 24.00 29.07 29.40
CA GLN F 89 23.62 30.13 28.47
C GLN F 89 22.79 29.47 27.36
N THR F 90 21.82 30.19 26.80
CA THR F 90 21.01 29.63 25.72
C THR F 90 21.11 30.61 24.57
N ILE F 91 21.31 30.04 23.38
CA ILE F 91 21.36 30.85 22.15
C ILE F 91 20.43 30.30 21.04
N CYS F 92 19.43 31.09 20.66
CA CYS F 92 18.54 30.73 19.61
C CYS F 92 19.14 31.08 18.26
N ILE F 93 19.39 30.07 17.44
CA ILE F 93 19.80 30.25 16.03
C ILE F 93 18.67 29.61 15.18
N GLY F 94 18.18 30.32 14.19
CA GLY F 94 17.16 29.77 13.29
C GLY F 94 15.77 29.80 13.90
N MET F 95 15.47 28.89 14.84
CA MET F 95 14.13 28.81 15.38
C MET F 95 14.13 28.18 16.75
N ALA F 96 13.29 28.68 17.64
CA ALA F 96 13.02 27.96 18.89
C ALA F 96 11.54 28.01 19.03
N ALA F 97 10.88 26.88 18.77
CA ALA F 97 9.44 26.84 18.87
C ALA F 97 8.99 25.87 19.95
N SER F 98 7.87 26.22 20.60
CA SER F 98 7.20 25.28 21.54
C SER F 98 8.16 24.92 22.68
N MET F 99 8.40 23.64 22.98
CA MET F 99 9.32 23.29 24.06
C MET F 99 10.74 23.83 23.79
N GLY F 100 11.10 24.08 22.54
CA GLY F 100 12.36 24.77 22.21
C GLY F 100 12.43 26.19 22.76
N SER F 101 11.38 26.97 22.58
CA SER F 101 11.30 28.30 23.25
C SER F 101 11.26 28.24 24.80
N PHE F 102 10.65 27.20 25.31
CA PHE F 102 10.64 26.99 26.75
C PHE F 102 12.09 26.81 27.23
N LEU F 103 12.84 25.94 26.55
CA LEU F 103 14.25 25.74 26.87
C LEU F 103 15.11 26.99 26.68
N LEU F 104 14.78 27.79 25.67
CA LEU F 104 15.51 29.02 25.47
C LEU F 104 15.36 29.94 26.70
N ALA F 105 14.15 30.01 27.24
CA ALA F 105 13.82 30.83 28.39
C ALA F 105 14.37 30.27 29.72
N ALA F 106 14.73 28.98 29.72
CA ALA F 106 15.30 28.26 30.86
C ALA F 106 16.75 28.52 31.18
N GLY F 107 17.44 29.24 30.30
CA GLY F 107 18.84 29.54 30.49
C GLY F 107 19.02 30.57 31.60
N ALA F 108 20.27 30.71 32.02
CA ALA F 108 20.63 31.59 33.21
C ALA F 108 20.31 33.00 32.89
N LYS F 109 19.62 33.67 33.80
CA LYS F 109 19.08 34.99 33.54
C LYS F 109 20.29 35.89 33.22
N GLY F 110 20.14 36.80 32.28
CA GLY F 110 21.22 37.56 31.69
C GLY F 110 22.03 36.86 30.61
N LYS F 111 21.83 35.58 30.36
CA LYS F 111 22.70 34.84 29.40
C LYS F 111 21.85 34.03 28.40
N ARG F 112 20.70 34.58 28.06
CA ARG F 112 19.78 34.02 27.06
C ARG F 112 19.72 34.95 25.84
N PHE F 113 20.09 34.41 24.69
CA PHE F 113 20.29 35.23 23.45
C PHE F 113 19.50 34.64 22.28
N ALA F 114 19.23 35.49 21.31
CA ALA F 114 18.79 35.04 20.01
C ALA F 114 19.56 35.89 18.99
N LEU F 115 19.93 35.26 17.92
CA LEU F 115 20.43 35.96 16.75
C LEU F 115 19.29 36.76 16.11
N PRO F 116 19.62 37.80 15.34
CA PRO F 116 18.60 38.80 14.98
C PRO F 116 17.44 38.34 14.13
N ASN F 117 17.68 37.40 13.23
CA ASN F 117 16.63 36.89 12.35
C ASN F 117 16.00 35.57 12.81
N ALA F 118 16.42 35.09 13.99
CA ALA F 118 15.80 33.94 14.62
C ALA F 118 14.34 34.19 14.95
N GLU F 119 13.61 33.09 14.91
CA GLU F 119 12.17 33.02 15.17
C GLU F 119 11.96 32.21 16.47
N VAL F 120 11.11 32.73 17.33
CA VAL F 120 10.71 32.10 18.56
C VAL F 120 9.22 31.97 18.49
N MET F 121 8.69 30.84 18.87
CA MET F 121 7.23 30.69 18.81
C MET F 121 6.80 30.03 20.07
N ILE F 122 5.69 30.54 20.64
CA ILE F 122 5.06 29.95 21.80
C ILE F 122 3.63 29.60 21.43
N HIS F 123 3.14 28.55 22.06
CA HIS F 123 1.80 28.03 21.87
C HIS F 123 1.44 27.04 23.00
N GLN F 124 0.19 26.63 23.04
CA GLN F 124 -0.21 25.59 23.98
C GLN F 124 0.26 24.21 23.63
N PRO F 125 0.36 23.31 24.63
CA PRO F 125 0.66 21.93 24.30
C PRO F 125 -0.39 21.23 23.42
N LEU F 126 0.06 20.20 22.73
CA LEU F 126 -0.73 19.48 21.75
C LEU F 126 -0.76 18.08 22.25
N GLY F 127 -1.86 17.39 22.04
CA GLY F 127 -1.99 16.00 22.43
C GLY F 127 -3.18 15.34 21.80
N GLY F 128 -3.52 14.21 22.39
CA GLY F 128 -4.54 13.30 21.89
C GLY F 128 -5.13 12.45 23.01
N ALA F 129 -6.19 11.74 22.67
CA ALA F 129 -7.00 10.99 23.62
C ALA F 129 -8.15 10.36 22.87
N GLN F 130 -8.43 9.15 23.23
CA GLN F 130 -9.27 8.25 22.45
C GLN F 130 -9.78 7.17 23.43
N GLY F 131 -11.08 6.90 23.43
CA GLY F 131 -11.68 5.88 24.33
C GLY F 131 -12.94 6.33 25.05
N GLN F 132 -13.09 5.87 26.28
CA GLN F 132 -14.30 6.16 27.06
C GLN F 132 -14.31 7.60 27.51
N ALA F 133 -15.51 8.15 27.71
CA ALA F 133 -15.63 9.49 28.30
C ALA F 133 -14.70 9.70 29.50
N THR F 134 -14.65 8.69 30.37
CA THR F 134 -13.75 8.66 31.54
C THR F 134 -12.24 8.73 31.17
N GLU F 135 -11.78 7.95 30.20
CA GLU F 135 -10.37 8.06 29.73
C GLU F 135 -10.09 9.45 29.13
N ILE F 136 -11.07 10.02 28.43
CA ILE F 136 -10.86 11.30 27.77
C ILE F 136 -10.75 12.42 28.81
N GLU F 137 -11.58 12.34 29.86
CA GLU F 137 -11.51 13.25 30.96
C GLU F 137 -10.11 13.24 31.59
N ILE F 138 -9.56 12.07 31.83
CA ILE F 138 -8.25 11.90 32.44
C ILE F 138 -7.21 12.51 31.53
N ALA F 139 -7.27 12.20 30.24
CA ALA F 139 -6.41 12.87 29.28
C ALA F 139 -6.54 14.41 29.29
N ALA F 140 -7.76 14.91 29.25
CA ALA F 140 -7.96 16.35 29.28
C ALA F 140 -7.36 17.01 30.53
N ASN F 141 -7.62 16.39 31.68
CA ASN F 141 -7.08 16.86 32.94
C ASN F 141 -5.55 16.85 33.01
N HIS F 142 -4.91 15.80 32.52
CA HIS F 142 -3.49 15.75 32.44
C HIS F 142 -2.88 16.88 31.56
N ILE F 143 -3.45 17.11 30.36
CA ILE F 143 -2.87 18.08 29.48
C ILE F 143 -3.09 19.51 30.02
N LEU F 144 -4.24 19.75 30.68
CA LEU F 144 -4.48 21.08 31.26
C LEU F 144 -3.51 21.35 32.46
N LYS F 145 -3.19 20.31 33.23
CA LYS F 145 -2.29 20.41 34.36
C LYS F 145 -0.90 20.70 33.74
N THR F 146 -0.63 20.00 32.65
CA THR F 146 0.65 20.15 32.00
C THR F 146 0.83 21.59 31.56
N ARG F 147 -0.18 22.14 30.91
CA ARG F 147 -0.15 23.51 30.50
C ARG F 147 0.03 24.50 31.63
N GLU F 148 -0.61 24.23 32.77
CA GLU F 148 -0.45 25.12 33.98
C GLU F 148 0.99 25.12 34.49
N LYS F 149 1.57 23.93 34.51
CA LYS F 149 2.96 23.78 34.87
C LYS F 149 3.88 24.60 33.94
N LEU F 150 3.69 24.43 32.64
CA LEU F 150 4.50 25.20 31.70
C LEU F 150 4.33 26.69 31.88
N ASN F 151 3.08 27.12 31.93
CA ASN F 151 2.80 28.54 32.02
C ASN F 151 3.41 29.15 33.31
N ARG F 152 3.38 28.39 34.40
CA ARG F 152 3.84 28.90 35.66
C ARG F 152 5.36 29.10 35.58
N ILE F 153 6.06 28.11 35.07
CA ILE F 153 7.45 28.22 34.86
C ILE F 153 7.77 29.30 33.87
N LEU F 154 7.04 29.40 32.80
CA LEU F 154 7.39 30.47 31.83
C LEU F 154 7.18 31.88 32.42
N SER F 155 6.20 31.97 33.32
CA SER F 155 5.91 33.27 33.92
C SER F 155 7.13 33.73 34.71
N GLU F 156 7.51 32.85 35.61
CA GLU F 156 8.62 33.15 36.48
C GLU F 156 9.90 33.56 35.73
N ARG F 157 10.10 32.89 34.60
CA ARG F 157 11.24 33.17 33.71
C ARG F 157 11.20 34.39 32.86
N THR F 158 10.00 34.67 32.35
CA THR F 158 9.91 35.86 31.55
C THR F 158 9.60 37.11 32.33
N GLY F 159 9.00 36.96 33.52
CA GLY F 159 8.41 38.12 34.23
C GLY F 159 7.01 38.44 33.72
N GLN F 160 6.43 37.59 32.86
CA GLN F 160 5.06 37.87 32.41
C GLN F 160 4.12 37.13 33.32
N SER F 161 2.92 37.66 33.49
CA SER F 161 1.95 36.98 34.33
C SER F 161 1.47 35.71 33.67
N ILE F 162 0.95 34.81 34.50
CA ILE F 162 0.33 33.56 34.02
C ILE F 162 -0.90 33.86 33.18
N GLU F 163 -1.64 34.91 33.53
CA GLU F 163 -2.82 35.29 32.77
C GLU F 163 -2.42 35.72 31.35
N LYS F 164 -1.34 36.50 31.23
CA LYS F 164 -0.89 36.98 29.92
C LYS F 164 -0.33 35.81 29.06
N ILE F 165 0.51 34.92 29.64
CA ILE F 165 1.06 33.75 29.02
C ILE F 165 -0.07 32.82 28.48
N GLN F 166 -1.12 32.63 29.29
CA GLN F 166 -2.26 31.79 28.92
C GLN F 166 -2.94 32.45 27.69
N LYS F 167 -3.12 33.75 27.72
CA LYS F 167 -3.67 34.42 26.56
C LYS F 167 -2.75 34.32 25.28
N ASP F 168 -1.46 34.54 25.45
CA ASP F 168 -0.58 34.67 24.35
C ASP F 168 -0.18 33.32 23.73
N THR F 169 -0.44 32.22 24.43
CA THR F 169 -0.17 30.87 23.91
C THR F 169 -1.41 30.14 23.39
N ASP F 170 -2.54 30.82 23.36
CA ASP F 170 -3.78 30.20 23.00
C ASP F 170 -3.68 29.66 21.58
N ARG F 171 -3.07 30.46 20.71
CA ARG F 171 -2.81 30.08 19.34
C ARG F 171 -1.32 30.31 19.18
N ASP F 172 -0.82 29.81 18.07
CA ASP F 172 0.57 29.90 17.70
C ASP F 172 0.94 31.36 17.63
N ASN F 173 2.00 31.73 18.30
CA ASN F 173 2.36 33.14 18.42
C ASN F 173 3.86 33.23 18.08
N PHE F 174 4.15 33.81 16.94
CA PHE F 174 5.52 33.95 16.43
C PHE F 174 6.11 35.25 16.89
N LEU F 175 7.34 35.23 17.40
CA LEU F 175 8.02 36.45 17.82
C LEU F 175 9.33 36.55 17.05
N THR F 176 9.65 37.75 16.65
CA THR F 176 11.03 38.12 16.29
C THR F 176 11.94 38.13 17.51
N ALA F 177 13.23 38.15 17.25
CA ALA F 177 14.20 38.13 18.35
C ALA F 177 13.97 39.32 19.32
N GLU F 178 13.78 40.47 18.76
CA GLU F 178 13.54 41.68 19.49
C GLU F 178 12.27 41.55 20.35
N GLU F 179 11.21 40.96 19.78
CA GLU F 179 9.96 40.80 20.48
C GLU F 179 10.07 39.83 21.62
N ALA F 180 10.91 38.82 21.43
CA ALA F 180 11.19 37.79 22.43
C ALA F 180 11.96 38.37 23.63
N LYS F 181 12.90 39.27 23.33
CA LYS F 181 13.58 40.07 24.35
C LYS F 181 12.61 40.99 25.12
N GLU F 182 11.72 41.72 24.45
CA GLU F 182 10.67 42.50 25.13
C GLU F 182 9.73 41.66 25.99
N TYR F 183 9.45 40.45 25.52
CA TYR F 183 8.65 39.49 26.21
C TYR F 183 9.35 38.96 27.45
N GLY F 184 10.67 38.87 27.42
CA GLY F 184 11.42 38.28 28.54
C GLY F 184 11.85 36.84 28.32
N LEU F 185 11.59 36.29 27.13
CA LEU F 185 12.06 34.94 26.83
C LEU F 185 13.60 34.90 26.62
N ILE F 186 14.20 36.02 26.23
CA ILE F 186 15.64 36.18 26.17
C ILE F 186 16.05 37.51 26.81
N ASP F 187 17.33 37.70 27.04
CA ASP F 187 17.90 38.93 27.63
C ASP F 187 18.41 39.90 26.59
N GLU F 188 18.93 39.39 25.48
CA GLU F 188 19.65 40.20 24.51
C GLU F 188 19.54 39.62 23.11
N VAL F 189 19.36 40.46 22.13
CA VAL F 189 19.58 40.12 20.75
C VAL F 189 21.07 40.18 20.52
N MET F 190 21.62 39.06 20.12
CA MET F 190 23.01 39.00 19.81
C MET F 190 23.25 39.68 18.46
N VAL F 191 23.86 40.84 18.48
CA VAL F 191 23.96 41.72 17.31
C VAL F 191 25.29 41.55 16.59
N PRO F 192 25.38 41.82 15.25
CA PRO F 192 26.68 41.56 14.57
C PRO F 192 27.59 42.80 14.44
N ILE G 4 32.36 10.53 0.39
CA ILE G 4 32.73 9.11 0.07
C ILE G 4 34.26 8.85 0.12
N PRO G 5 35.07 9.50 -0.72
CA PRO G 5 36.51 9.12 -0.73
C PRO G 5 37.36 9.73 0.44
N THR G 6 38.40 8.99 0.85
CA THR G 6 39.38 9.35 1.91
C THR G 6 40.70 9.92 1.31
N VAL G 7 41.36 10.84 2.04
CA VAL G 7 42.53 11.60 1.54
C VAL G 7 43.67 11.52 2.53
N TYR G 18 41.51 11.55 6.32
CA TYR G 18 40.27 12.34 6.27
C TYR G 18 39.34 12.05 5.05
N ASP G 19 38.02 12.10 5.24
CA ASP G 19 37.11 12.23 4.10
C ASP G 19 37.37 13.59 3.38
N ILE G 20 36.97 13.66 2.14
CA ILE G 20 37.28 14.78 1.33
C ILE G 20 36.73 16.13 1.82
N TYR G 21 35.53 16.14 2.39
CA TYR G 21 34.93 17.38 2.88
C TYR G 21 35.70 17.90 4.10
N SER G 22 36.12 16.98 4.95
CA SER G 22 36.86 17.32 6.15
C SER G 22 38.21 17.89 5.81
N ARG G 23 38.83 17.32 4.77
CA ARG G 23 40.08 17.83 4.18
C ARG G 23 39.91 19.26 3.61
N LEU G 24 38.80 19.53 2.94
CA LEU G 24 38.59 20.92 2.47
C LEU G 24 38.31 21.91 3.61
N LEU G 25 37.72 21.41 4.71
CA LEU G 25 37.38 22.23 5.84
C LEU G 25 38.65 22.75 6.52
N LYS G 26 39.69 21.92 6.45
CA LYS G 26 41.00 22.28 6.88
C LYS G 26 41.50 23.50 6.10
N ASP G 27 41.13 23.66 4.82
CA ASP G 27 41.45 24.91 4.07
C ASP G 27 40.37 26.01 4.13
N ARG G 28 39.45 25.91 5.09
CA ARG G 28 38.40 26.90 5.32
C ARG G 28 37.29 26.89 4.26
N ILE G 29 37.09 25.75 3.63
CA ILE G 29 36.04 25.60 2.66
C ILE G 29 34.97 24.77 3.29
N ILE G 30 33.78 25.33 3.27
CA ILE G 30 32.53 24.68 3.62
C ILE G 30 31.70 24.39 2.35
N MET G 31 31.20 23.17 2.21
CA MET G 31 30.45 22.73 1.04
C MET G 31 28.94 22.64 1.41
N LEU G 32 28.13 23.47 0.75
CA LEU G 32 26.66 23.40 0.88
C LEU G 32 26.18 22.87 -0.46
N GLY G 33 26.01 21.55 -0.53
CA GLY G 33 25.63 20.87 -1.73
C GLY G 33 24.35 20.10 -1.61
N SER G 34 23.39 20.62 -0.87
CA SER G 34 22.14 19.89 -0.74
C SER G 34 21.02 20.82 -0.42
N GLN G 35 19.83 20.27 -0.31
CA GLN G 35 18.70 20.92 0.31
C GLN G 35 19.11 21.48 1.69
N ILE G 36 18.65 22.67 2.03
CA ILE G 36 18.84 23.26 3.38
C ILE G 36 17.77 22.86 4.37
N ASP G 37 18.10 21.94 5.25
CA ASP G 37 17.24 21.56 6.38
C ASP G 37 18.02 21.78 7.70
N ASP G 38 17.39 21.41 8.82
CA ASP G 38 17.92 21.71 10.14
C ASP G 38 19.29 21.06 10.32
N ASN G 39 19.44 19.82 9.90
CA ASN G 39 20.70 19.09 10.01
C ASN G 39 21.85 19.74 9.22
N VAL G 40 21.59 20.09 7.97
CA VAL G 40 22.56 20.82 7.16
C VAL G 40 22.93 22.20 7.81
N ALA G 41 21.95 22.94 8.29
CA ALA G 41 22.20 24.21 8.89
C ALA G 41 23.01 24.03 10.16
N ASN G 42 22.65 23.05 10.99
CA ASN G 42 23.42 22.85 12.19
C ASN G 42 24.89 22.48 11.87
N SER G 43 25.12 21.67 10.86
CA SER G 43 26.45 21.35 10.46
C SER G 43 27.23 22.58 9.93
N ILE G 44 26.59 23.39 9.10
CA ILE G 44 27.26 24.54 8.50
C ILE G 44 27.54 25.55 9.58
N VAL G 45 26.55 25.79 10.45
CA VAL G 45 26.73 26.68 11.61
C VAL G 45 27.99 26.23 12.44
N SER G 46 28.05 24.94 12.74
CA SER G 46 29.13 24.41 13.55
C SER G 46 30.43 24.66 12.81
N GLN G 47 30.44 24.41 11.50
CA GLN G 47 31.65 24.59 10.72
C GLN G 47 32.10 26.04 10.72
N LEU G 48 31.15 26.96 10.60
CA LEU G 48 31.50 28.34 10.59
C LEU G 48 32.06 28.76 11.93
N LEU G 49 31.41 28.33 13.01
CA LEU G 49 31.91 28.65 14.36
C LEU G 49 33.30 28.07 14.59
N PHE G 50 33.51 26.83 14.12
CA PHE G 50 34.82 26.18 14.22
C PHE G 50 35.90 26.96 13.46
N LEU G 51 35.62 27.41 12.25
CA LEU G 51 36.59 28.13 11.51
C LEU G 51 36.98 29.52 12.10
N GLN G 52 36.02 30.24 12.62
CA GLN G 52 36.25 31.49 13.31
C GLN G 52 37.12 31.32 14.58
N ALA G 53 36.86 30.26 15.35
CA ALA G 53 37.69 29.92 16.51
C ALA G 53 39.13 29.63 16.07
N GLN G 54 39.31 28.82 15.05
CA GLN G 54 40.62 28.53 14.55
C GLN G 54 41.41 29.76 14.11
N ASP G 55 40.75 30.67 13.44
CA ASP G 55 41.37 31.90 13.02
C ASP G 55 40.31 32.95 12.75
N SER G 56 40.26 33.98 13.59
CA SER G 56 39.19 34.95 13.52
C SER G 56 39.31 35.91 12.35
N GLU G 57 40.38 35.86 11.57
CA GLU G 57 40.69 36.90 10.56
C GLU G 57 40.71 36.39 9.11
N LYS G 58 41.19 35.19 8.91
CA LYS G 58 41.26 34.56 7.64
C LYS G 58 39.85 34.24 7.06
N ASP G 59 39.71 34.54 5.78
CA ASP G 59 38.57 34.27 4.95
C ASP G 59 38.09 32.85 5.03
N ILE G 60 36.76 32.71 4.99
CA ILE G 60 36.08 31.42 4.80
C ILE G 60 35.46 31.40 3.40
N TYR G 61 35.46 30.22 2.78
CA TYR G 61 34.89 30.02 1.44
C TYR G 61 33.69 29.08 1.52
N LEU G 62 32.50 29.60 1.22
CA LEU G 62 31.26 28.81 1.23
C LEU G 62 30.82 28.52 -0.22
N TYR G 63 30.90 27.26 -0.60
CA TYR G 63 30.51 26.78 -1.91
C TYR G 63 29.06 26.37 -1.83
N ILE G 64 28.24 26.93 -2.73
CA ILE G 64 26.82 26.72 -2.73
C ILE G 64 26.36 26.03 -4.00
N ASN G 65 25.78 24.85 -3.84
CA ASN G 65 25.00 24.15 -4.88
C ASN G 65 23.74 23.63 -4.19
N SER G 66 22.68 24.43 -4.17
CA SER G 66 21.52 24.07 -3.35
C SER G 66 20.21 24.59 -3.97
N PRO G 67 19.16 23.75 -4.00
CA PRO G 67 17.80 24.21 -4.39
C PRO G 67 17.11 25.00 -3.28
N GLY G 68 17.78 25.25 -2.16
CA GLY G 68 17.13 25.97 -1.08
C GLY G 68 16.56 25.04 -0.03
N GLY G 69 15.48 25.45 0.61
CA GLY G 69 14.95 24.70 1.74
C GLY G 69 14.30 25.56 2.83
N SER G 70 14.43 25.13 4.06
CA SER G 70 13.78 25.75 5.17
C SER G 70 14.34 27.14 5.34
N VAL G 71 13.45 28.11 5.51
CA VAL G 71 13.83 29.49 5.70
C VAL G 71 14.51 29.70 7.08
N THR G 72 14.03 29.02 8.10
CA THR G 72 14.59 29.22 9.41
C THR G 72 16.00 28.61 9.43
N ALA G 73 16.13 27.41 8.87
CA ALA G 73 17.42 26.77 8.73
C ALA G 73 18.39 27.69 7.99
N GLY G 74 17.91 28.29 6.92
CA GLY G 74 18.72 29.23 6.17
C GLY G 74 19.06 30.48 6.95
N PHE G 75 18.14 30.98 7.75
CA PHE G 75 18.53 32.13 8.58
C PHE G 75 19.51 31.79 9.73
N ALA G 76 19.56 30.54 10.18
CA ALA G 76 20.57 30.12 11.14
C ALA G 76 21.95 30.30 10.51
N ILE G 77 22.07 29.84 9.27
CA ILE G 77 23.31 30.04 8.50
C ILE G 77 23.57 31.53 8.25
N TYR G 78 22.58 32.27 7.77
CA TYR G 78 22.72 33.69 7.46
C TYR G 78 23.31 34.51 8.66
N ASP G 79 22.71 34.35 9.82
CA ASP G 79 22.98 35.13 10.98
C ASP G 79 24.31 34.70 11.56
N THR G 80 24.66 33.43 11.44
CA THR G 80 26.00 33.01 11.77
C THR G 80 27.08 33.72 10.92
N ILE G 81 26.90 33.68 9.60
CA ILE G 81 27.77 34.43 8.68
C ILE G 81 27.97 35.91 9.17
N GLN G 82 26.90 36.59 9.54
CA GLN G 82 27.00 38.02 9.86
C GLN G 82 27.65 38.26 11.19
N HIS G 83 27.43 37.33 12.12
CA HIS G 83 27.99 37.48 13.45
C HIS G 83 29.50 37.30 13.54
N ILE G 84 30.04 36.30 12.87
CA ILE G 84 31.45 36.03 12.90
C ILE G 84 32.31 37.16 12.22
N LYS G 85 33.57 37.22 12.61
CA LYS G 85 34.51 38.25 12.12
C LYS G 85 35.03 37.94 10.71
N PRO G 86 35.42 36.71 10.44
CA PRO G 86 35.88 36.52 9.08
C PRO G 86 34.86 36.86 8.00
N ASP G 87 35.39 37.39 6.91
CA ASP G 87 34.68 37.46 5.69
C ASP G 87 34.34 36.02 5.20
N VAL G 88 33.08 35.81 4.82
CA VAL G 88 32.62 34.57 4.14
C VAL G 88 32.36 34.87 2.66
N GLN G 89 33.25 34.36 1.84
CA GLN G 89 33.08 34.36 0.40
C GLN G 89 32.01 33.29 0.03
N THR G 90 31.14 33.64 -0.91
CA THR G 90 30.16 32.71 -1.42
C THR G 90 30.49 32.48 -2.87
N ILE G 91 30.45 31.21 -3.27
CA ILE G 91 30.73 30.81 -4.65
C ILE G 91 29.60 29.84 -5.10
N CYS G 92 28.80 30.28 -6.06
CA CYS G 92 27.77 29.42 -6.64
C CYS G 92 28.32 28.52 -7.73
N ILE G 93 28.15 27.23 -7.56
CA ILE G 93 28.48 26.25 -8.60
C ILE G 93 27.16 25.46 -8.86
N GLY G 94 26.78 25.30 -10.10
CA GLY G 94 25.57 24.54 -10.43
C GLY G 94 24.32 25.40 -10.29
N MET G 95 23.76 25.47 -9.07
CA MET G 95 22.52 26.18 -8.82
C MET G 95 22.50 26.77 -7.45
N ALA G 96 21.96 27.96 -7.31
CA ALA G 96 21.63 28.48 -5.99
C ALA G 96 20.22 29.00 -6.11
N ALA G 97 19.29 28.27 -5.53
CA ALA G 97 17.86 28.63 -5.63
C ALA G 97 17.28 28.88 -4.25
N SER G 98 16.31 29.79 -4.21
CA SER G 98 15.51 30.16 -3.04
C SER G 98 16.39 30.61 -1.91
N MET G 99 16.28 29.96 -0.74
CA MET G 99 17.24 30.19 0.34
C MET G 99 18.70 30.02 -0.09
N GLY G 100 18.96 29.18 -1.09
CA GLY G 100 20.29 29.00 -1.57
C GLY G 100 20.82 30.27 -2.20
N SER G 101 19.95 31.00 -2.89
CA SER G 101 20.41 32.28 -3.50
C SER G 101 20.51 33.41 -2.50
N PHE G 102 19.64 33.36 -1.50
CA PHE G 102 19.66 34.29 -0.41
C PHE G 102 21.04 34.19 0.32
N LEU G 103 21.48 32.97 0.59
CA LEU G 103 22.77 32.79 1.20
C LEU G 103 23.89 33.22 0.27
N LEU G 104 23.76 32.97 -1.03
CA LEU G 104 24.77 33.39 -1.97
C LEU G 104 24.95 34.89 -1.85
N ALA G 105 23.83 35.60 -1.84
CA ALA G 105 23.81 37.04 -1.68
C ALA G 105 24.35 37.56 -0.34
N ALA G 106 24.46 36.67 0.65
CA ALA G 106 24.87 37.03 2.01
C ALA G 106 26.40 37.04 2.29
N GLY G 107 27.18 36.64 1.29
CA GLY G 107 28.61 36.54 1.40
C GLY G 107 29.18 37.97 1.45
N ALA G 108 30.44 38.08 1.87
CA ALA G 108 31.04 39.39 2.18
C ALA G 108 31.04 40.15 0.87
N LYS G 109 30.77 41.43 0.91
CA LYS G 109 30.69 42.25 -0.32
C LYS G 109 32.01 42.38 -1.02
N GLY G 110 31.96 42.31 -2.32
CA GLY G 110 33.09 42.05 -3.18
C GLY G 110 33.54 40.60 -3.27
N LYS G 111 33.03 39.70 -2.43
CA LYS G 111 33.48 38.30 -2.48
C LYS G 111 32.32 37.26 -2.67
N ARG G 112 31.32 37.66 -3.45
CA ARG G 112 30.23 36.75 -3.92
C ARG G 112 30.42 36.45 -5.40
N PHE G 113 30.51 35.16 -5.73
CA PHE G 113 30.86 34.72 -7.06
C PHE G 113 29.89 33.69 -7.55
N ALA G 114 29.79 33.55 -8.86
CA ALA G 114 29.21 32.34 -9.45
C ALA G 114 30.09 31.93 -10.60
N LEU G 115 30.16 30.64 -10.84
CA LEU G 115 30.77 30.13 -12.03
C LEU G 115 29.85 30.42 -13.29
N PRO G 116 30.43 30.44 -14.51
CA PRO G 116 29.75 31.02 -15.71
C PRO G 116 28.43 30.38 -16.10
N ASN G 117 28.33 29.08 -15.86
CA ASN G 117 27.14 28.31 -16.19
C ASN G 117 26.25 27.99 -15.02
N ALA G 118 26.56 28.57 -13.85
CA ALA G 118 25.78 28.41 -12.65
C ALA G 118 24.47 29.22 -12.76
N GLU G 119 23.41 28.73 -12.15
CA GLU G 119 22.11 29.38 -12.23
C GLU G 119 21.72 29.84 -10.88
N VAL G 120 21.09 30.97 -10.83
CA VAL G 120 20.63 31.54 -9.59
C VAL G 120 19.12 31.68 -9.81
N MET G 121 18.37 31.37 -8.80
CA MET G 121 16.93 31.54 -8.89
C MET G 121 16.37 32.15 -7.63
N ILE G 122 15.58 33.21 -7.82
CA ILE G 122 14.88 33.89 -6.72
C ILE G 122 13.35 33.79 -6.86
N HIS G 123 12.66 33.72 -5.74
CA HIS G 123 11.25 33.52 -5.71
C HIS G 123 10.73 33.79 -4.28
N GLN G 124 9.43 33.71 -4.09
CA GLN G 124 8.88 34.01 -2.81
C GLN G 124 8.87 32.74 -1.95
N PRO G 125 8.81 32.91 -0.62
CA PRO G 125 8.69 31.70 0.28
C PRO G 125 7.45 30.85 0.04
N LEU G 126 7.60 29.57 0.33
CA LEU G 126 6.57 28.57 0.09
C LEU G 126 6.11 28.04 1.45
N GLY G 127 4.85 27.68 1.59
CA GLY G 127 4.38 27.11 2.84
C GLY G 127 2.99 26.54 2.71
N GLY G 128 2.35 26.37 3.85
CA GLY G 128 1.14 25.59 3.95
C GLY G 128 0.43 25.84 5.25
N ALA G 129 -0.90 25.93 5.19
CA ALA G 129 -1.75 25.86 6.40
C ALA G 129 -3.13 25.25 6.15
N GLN G 130 -3.60 24.57 7.20
CA GLN G 130 -4.82 23.81 7.18
C GLN G 130 -5.44 23.99 8.56
N GLY G 131 -6.76 24.15 8.63
CA GLY G 131 -7.50 24.28 9.88
C GLY G 131 -8.52 25.41 9.85
N GLN G 132 -8.75 26.00 11.02
CA GLN G 132 -9.70 27.07 11.21
C GLN G 132 -9.30 28.33 10.46
N ALA G 133 -10.27 29.19 10.14
CA ALA G 133 -9.96 30.40 9.48
C ALA G 133 -8.86 31.24 10.23
N THR G 134 -9.02 31.33 11.55
CA THR G 134 -8.03 31.99 12.44
C THR G 134 -6.61 31.42 12.34
N GLU G 135 -6.51 30.10 12.25
CA GLU G 135 -5.20 29.49 12.14
C GLU G 135 -4.61 29.78 10.78
N ILE G 136 -5.46 29.89 9.75
CA ILE G 136 -4.97 30.18 8.40
C ILE G 136 -4.46 31.62 8.36
N GLU G 137 -5.18 32.50 9.03
CA GLU G 137 -4.82 33.90 9.15
C GLU G 137 -3.43 34.02 9.76
N ILE G 138 -3.21 33.30 10.84
CA ILE G 138 -1.90 33.32 11.53
C ILE G 138 -0.76 32.85 10.66
N ALA G 139 -0.97 31.70 10.01
CA ALA G 139 -0.01 31.17 9.06
C ALA G 139 0.28 32.13 7.94
N ALA G 140 -0.75 32.78 7.42
CA ALA G 140 -0.55 33.75 6.38
C ALA G 140 0.26 34.99 6.81
N ASN G 141 -0.11 35.57 7.96
CA ASN G 141 0.60 36.74 8.47
C ASN G 141 2.05 36.35 8.65
N HIS G 142 2.31 35.15 9.17
CA HIS G 142 3.65 34.73 9.42
C HIS G 142 4.47 34.62 8.13
N ILE G 143 3.89 34.00 7.10
CA ILE G 143 4.65 33.81 5.85
C ILE G 143 4.85 35.16 5.10
N LEU G 144 3.86 36.04 5.16
CA LEU G 144 4.03 37.39 4.65
C LEU G 144 5.15 38.21 5.34
N LYS G 145 5.22 38.08 6.67
CA LYS G 145 6.26 38.77 7.46
C LYS G 145 7.62 38.18 7.12
N THR G 146 7.65 36.86 7.04
CA THR G 146 8.86 36.17 6.62
C THR G 146 9.32 36.68 5.25
N ARG G 147 8.39 36.79 4.32
CA ARG G 147 8.76 37.36 3.02
C ARG G 147 9.37 38.77 3.07
N GLU G 148 8.71 39.63 3.81
CA GLU G 148 9.12 41.00 4.03
C GLU G 148 10.55 41.07 4.61
N LYS G 149 10.84 40.25 5.59
CA LYS G 149 12.15 40.15 6.15
C LYS G 149 13.18 39.71 5.09
N LEU G 150 12.85 38.71 4.27
CA LEU G 150 13.76 38.27 3.23
C LEU G 150 13.98 39.36 2.14
N ASN G 151 12.92 40.02 1.72
CA ASN G 151 13.03 41.08 0.72
C ASN G 151 13.82 42.32 1.20
N ARG G 152 13.62 42.71 2.44
CA ARG G 152 14.32 43.83 2.98
C ARG G 152 15.82 43.53 3.01
N ILE G 153 16.18 42.34 3.50
CA ILE G 153 17.59 41.97 3.54
C ILE G 153 18.18 41.93 2.13
N LEU G 154 17.46 41.33 1.19
CA LEU G 154 17.90 41.27 -0.15
C LEU G 154 18.05 42.64 -0.80
N SER G 155 17.19 43.57 -0.44
CA SER G 155 17.27 44.91 -0.91
C SER G 155 18.57 45.51 -0.49
N GLU G 156 18.89 45.40 0.76
CA GLU G 156 20.13 45.91 1.29
C GLU G 156 21.39 45.25 0.71
N ARG G 157 21.32 43.93 0.42
CA ARG G 157 22.46 43.20 -0.18
C ARG G 157 22.68 43.42 -1.63
N THR G 158 21.59 43.68 -2.36
CA THR G 158 21.75 43.90 -3.80
C THR G 158 21.82 45.35 -4.25
N GLY G 159 21.23 46.27 -3.46
CA GLY G 159 21.02 47.67 -3.86
C GLY G 159 19.71 47.87 -4.65
N GLN G 160 18.95 46.82 -4.93
CA GLN G 160 17.63 47.00 -5.55
C GLN G 160 16.60 47.52 -4.55
N SER G 161 15.65 48.32 -5.03
CA SER G 161 14.55 48.72 -4.12
C SER G 161 13.76 47.49 -3.64
N ILE G 162 13.12 47.62 -2.49
CA ILE G 162 12.16 46.63 -1.98
C ILE G 162 11.02 46.30 -2.96
N GLU G 163 10.53 47.33 -3.61
CA GLU G 163 9.41 47.21 -4.54
C GLU G 163 9.84 46.39 -5.76
N LYS G 164 11.07 46.62 -6.21
CA LYS G 164 11.60 45.83 -7.28
C LYS G 164 11.81 44.33 -6.87
N ILE G 165 12.38 44.09 -5.70
CA ILE G 165 12.58 42.69 -5.21
C ILE G 165 11.20 41.96 -5.20
N GLN G 166 10.18 42.67 -4.69
CA GLN G 166 8.83 42.17 -4.54
C GLN G 166 8.31 41.68 -5.86
N LYS G 167 8.39 42.55 -6.87
CA LYS G 167 7.95 42.23 -8.25
C LYS G 167 8.77 41.07 -8.85
N ASP G 168 10.08 41.16 -8.74
CA ASP G 168 10.95 40.20 -9.33
C ASP G 168 10.95 38.82 -8.65
N THR G 169 10.37 38.71 -7.46
CA THR G 169 10.30 37.39 -6.75
C THR G 169 8.91 36.82 -6.78
N ASP G 170 8.02 37.53 -7.45
CA ASP G 170 6.63 37.14 -7.46
C ASP G 170 6.47 35.72 -8.03
N ARG G 171 7.20 35.41 -9.09
CA ARG G 171 7.29 34.06 -9.67
C ARG G 171 8.74 33.59 -9.70
N ASP G 172 8.97 32.29 -9.95
CA ASP G 172 10.28 31.76 -10.19
C ASP G 172 10.99 32.64 -11.23
N ASN G 173 12.14 33.20 -10.84
CA ASN G 173 12.92 34.03 -11.70
C ASN G 173 14.39 33.49 -11.76
N PHE G 174 14.66 32.81 -12.86
CA PHE G 174 15.96 32.25 -13.24
C PHE G 174 16.93 33.27 -13.81
N LEU G 175 18.09 33.40 -13.17
CA LEU G 175 19.14 34.27 -13.64
C LEU G 175 20.35 33.50 -14.05
N THR G 176 21.01 33.96 -15.12
CA THR G 176 22.36 33.47 -15.38
C THR G 176 23.33 34.12 -14.41
N ALA G 177 24.54 33.60 -14.35
CA ALA G 177 25.55 34.21 -13.47
C ALA G 177 25.78 35.73 -13.72
N GLU G 178 25.83 36.06 -14.98
CA GLU G 178 26.01 37.43 -15.41
C GLU G 178 24.79 38.27 -15.08
N GLU G 179 23.57 37.73 -15.25
CA GLU G 179 22.41 38.46 -14.72
C GLU G 179 22.34 38.67 -13.23
N ALA G 180 22.77 37.66 -12.48
CA ALA G 180 22.82 37.79 -11.01
C ALA G 180 23.86 38.85 -10.56
N LYS G 181 24.96 39.00 -11.31
CA LYS G 181 25.94 40.06 -11.07
C LYS G 181 25.30 41.41 -11.33
N GLU G 182 24.68 41.57 -12.48
CA GLU G 182 23.92 42.79 -12.77
C GLU G 182 22.87 43.10 -11.73
N TYR G 183 22.17 42.06 -11.24
CA TYR G 183 21.13 42.27 -10.23
C TYR G 183 21.74 42.75 -8.89
N GLY G 184 23.00 42.40 -8.64
CA GLY G 184 23.67 42.71 -7.37
C GLY G 184 23.63 41.54 -6.38
N LEU G 185 23.25 40.34 -6.83
CA LEU G 185 23.27 39.14 -5.98
C LEU G 185 24.67 38.62 -5.79
N ILE G 186 25.53 38.79 -6.77
CA ILE G 186 26.92 38.46 -6.66
C ILE G 186 27.70 39.69 -7.11
N ASP G 187 29.03 39.65 -6.93
CA ASP G 187 29.96 40.75 -7.31
C ASP G 187 30.71 40.47 -8.61
N GLU G 188 31.03 39.21 -8.88
CA GLU G 188 31.77 38.81 -10.04
C GLU G 188 31.35 37.45 -10.53
N VAL G 189 31.45 37.27 -11.83
CA VAL G 189 31.48 35.94 -12.46
C VAL G 189 32.91 35.47 -12.54
N MET G 190 33.16 34.28 -12.04
CA MET G 190 34.50 33.77 -11.93
C MET G 190 34.80 33.09 -13.23
N VAL G 191 35.70 33.68 -13.96
CA VAL G 191 36.10 33.24 -15.28
C VAL G 191 37.29 32.31 -15.23
N PRO G 192 37.40 31.43 -16.23
CA PRO G 192 38.55 30.52 -16.35
C PRO G 192 39.80 31.15 -16.96
N GLU G 193 40.97 30.72 -16.52
CA GLU G 193 42.31 31.16 -17.04
C GLU G 193 42.52 31.06 -18.58
N ILE H 4 -26.94 10.49 -17.75
CA ILE H 4 -27.65 10.52 -16.41
C ILE H 4 -29.17 10.81 -16.61
N PRO H 5 -29.55 12.01 -17.07
CA PRO H 5 -31.00 12.26 -17.10
C PRO H 5 -31.81 11.42 -18.09
N THR H 6 -33.09 11.20 -17.73
CA THR H 6 -34.15 10.51 -18.51
C THR H 6 -35.08 11.56 -19.23
N VAL H 7 -35.51 11.20 -20.46
CA VAL H 7 -36.41 11.99 -21.29
C VAL H 7 -37.74 11.23 -21.48
N TYR H 18 -36.44 6.38 -22.09
CA TYR H 18 -35.13 6.71 -22.70
C TYR H 18 -34.12 7.57 -21.78
N ASP H 19 -32.91 7.09 -21.54
CA ASP H 19 -31.80 7.99 -21.25
C ASP H 19 -31.51 8.94 -22.49
N ILE H 20 -30.91 10.08 -22.21
CA ILE H 20 -30.74 11.14 -23.17
C ILE H 20 -29.99 10.64 -24.42
N TYR H 21 -29.02 9.75 -24.25
CA TYR H 21 -28.23 9.25 -25.36
C TYR H 21 -29.06 8.37 -26.26
N SER H 22 -29.88 7.53 -25.64
CA SER H 22 -30.81 6.67 -26.39
C SER H 22 -31.78 7.50 -27.13
N ARG H 23 -32.16 8.62 -26.55
CA ARG H 23 -33.09 9.50 -27.23
C ARG H 23 -32.43 10.10 -28.45
N LEU H 24 -31.18 10.54 -28.31
CA LEU H 24 -30.49 11.08 -29.48
C LEU H 24 -30.19 10.06 -30.55
N LEU H 25 -30.01 8.79 -30.16
CA LEU H 25 -29.82 7.71 -31.14
C LEU H 25 -31.04 7.52 -32.05
N LYS H 26 -32.23 7.77 -31.53
CA LYS H 26 -33.41 7.88 -32.37
C LYS H 26 -33.29 8.91 -33.50
N ASP H 27 -32.51 9.97 -33.34
CA ASP H 27 -32.26 10.93 -34.42
C ASP H 27 -31.01 10.63 -35.21
N ARG H 28 -30.49 9.42 -35.03
CA ARG H 28 -29.31 8.93 -35.73
C ARG H 28 -28.02 9.61 -35.24
N ILE H 29 -28.03 10.09 -34.01
CA ILE H 29 -26.83 10.66 -33.43
C ILE H 29 -26.15 9.63 -32.52
N ILE H 30 -24.85 9.41 -32.79
CA ILE H 30 -23.97 8.59 -31.95
C ILE H 30 -22.93 9.47 -31.26
N MET H 31 -22.79 9.29 -29.97
CA MET H 31 -21.89 10.08 -29.10
C MET H 31 -20.63 9.25 -28.76
N LEU H 32 -19.50 9.69 -29.28
CA LEU H 32 -18.21 9.10 -28.95
C LEU H 32 -17.69 10.14 -28.02
N GLY H 33 -17.95 9.98 -26.72
CA GLY H 33 -17.63 10.99 -25.72
C GLY H 33 -16.65 10.50 -24.64
N SER H 34 -15.75 9.60 -24.99
CA SER H 34 -14.78 9.10 -24.02
C SER H 34 -13.59 8.51 -24.75
N GLN H 35 -12.69 8.01 -23.94
CA GLN H 35 -11.58 7.24 -24.39
C GLN H 35 -12.04 6.06 -25.25
N ILE H 36 -11.28 5.77 -26.30
CA ILE H 36 -11.64 4.72 -27.21
C ILE H 36 -10.99 3.43 -26.71
N ASP H 37 -11.79 2.52 -26.19
CA ASP H 37 -11.33 1.17 -25.89
C ASP H 37 -12.25 0.19 -26.62
N ASP H 38 -12.05 -1.10 -26.38
CA ASP H 38 -12.81 -2.11 -27.05
C ASP H 38 -14.30 -2.06 -26.71
N ASN H 39 -14.68 -1.79 -25.46
CA ASN H 39 -16.11 -1.68 -25.11
C ASN H 39 -16.76 -0.53 -25.88
N VAL H 40 -16.08 0.60 -25.93
CA VAL H 40 -16.62 1.78 -26.57
C VAL H 40 -16.74 1.47 -28.08
N ALA H 41 -15.70 0.86 -28.65
CA ALA H 41 -15.80 0.49 -30.05
C ALA H 41 -16.91 -0.50 -30.36
N ASN H 42 -17.11 -1.51 -29.51
CA ASN H 42 -18.15 -2.44 -29.78
C ASN H 42 -19.54 -1.78 -29.73
N SER H 43 -19.67 -0.78 -28.88
CA SER H 43 -20.88 -0.06 -28.80
C SER H 43 -21.13 0.85 -30.02
N ILE H 44 -20.07 1.55 -30.44
CA ILE H 44 -20.22 2.49 -31.52
C ILE H 44 -20.50 1.70 -32.80
N VAL H 45 -19.79 0.60 -33.00
CA VAL H 45 -19.98 -0.28 -34.15
C VAL H 45 -21.41 -0.78 -34.22
N SER H 46 -21.88 -1.31 -33.10
CA SER H 46 -23.25 -1.79 -32.99
C SER H 46 -24.27 -0.69 -33.34
N GLN H 47 -24.04 0.55 -32.87
CA GLN H 47 -24.94 1.62 -33.15
C GLN H 47 -24.91 1.90 -34.60
N LEU H 48 -23.73 1.94 -35.19
CA LEU H 48 -23.66 2.17 -36.65
C LEU H 48 -24.44 1.09 -37.44
N LEU H 49 -24.22 -0.17 -37.14
CA LEU H 49 -24.88 -1.26 -37.88
C LEU H 49 -26.42 -1.19 -37.71
N PHE H 50 -26.84 -0.77 -36.51
CA PHE H 50 -28.26 -0.64 -36.17
C PHE H 50 -28.89 0.49 -36.93
N LEU H 51 -28.22 1.65 -36.97
CA LEU H 51 -28.71 2.73 -37.79
C LEU H 51 -28.79 2.40 -39.26
N GLN H 52 -27.78 1.74 -39.85
CA GLN H 52 -27.88 1.34 -41.21
C GLN H 52 -29.04 0.37 -41.54
N ALA H 53 -29.34 -0.52 -40.61
CA ALA H 53 -30.33 -1.51 -40.81
C ALA H 53 -31.70 -0.85 -40.75
N GLN H 54 -31.88 0.14 -39.88
CA GLN H 54 -33.10 0.95 -39.88
C GLN H 54 -33.30 1.79 -41.14
N ASP H 55 -32.21 2.29 -41.72
CA ASP H 55 -32.31 3.17 -42.86
C ASP H 55 -30.93 3.30 -43.42
N SER H 56 -30.74 2.81 -44.65
CA SER H 56 -29.41 2.77 -45.27
C SER H 56 -29.14 4.01 -46.10
N GLU H 57 -30.10 4.91 -46.17
CA GLU H 57 -29.90 6.15 -46.99
C GLU H 57 -29.67 7.41 -46.16
N LYS H 58 -30.30 7.53 -45.02
CA LYS H 58 -30.22 8.72 -44.19
C LYS H 58 -28.84 8.88 -43.50
N ASP H 59 -28.40 10.11 -43.38
CA ASP H 59 -27.16 10.40 -42.70
C ASP H 59 -27.19 9.92 -41.25
N ILE H 60 -26.02 9.49 -40.79
CA ILE H 60 -25.73 9.36 -39.40
C ILE H 60 -24.82 10.49 -38.92
N TYR H 61 -24.93 10.85 -37.64
CA TYR H 61 -24.15 11.92 -37.03
C TYR H 61 -23.29 11.34 -35.89
N LEU H 62 -21.95 11.35 -36.06
CA LEU H 62 -21.00 10.96 -35.02
C LEU H 62 -20.38 12.16 -34.35
N TYR H 63 -20.77 12.37 -33.08
CA TYR H 63 -20.32 13.49 -32.29
C TYR H 63 -19.15 13.02 -31.47
N ILE H 64 -18.04 13.73 -31.58
CA ILE H 64 -16.78 13.31 -30.99
C ILE H 64 -16.23 14.37 -30.00
N ASN H 65 -16.06 13.91 -28.78
CA ASN H 65 -15.33 14.55 -27.72
C ASN H 65 -14.44 13.47 -27.05
N SER H 66 -13.23 13.25 -27.55
CA SER H 66 -12.47 12.08 -27.14
C SER H 66 -11.01 12.35 -27.13
N PRO H 67 -10.28 11.85 -26.11
CA PRO H 67 -8.84 11.95 -26.13
C PRO H 67 -8.20 10.85 -26.97
N GLY H 68 -8.99 9.96 -27.58
CA GLY H 68 -8.45 8.87 -28.34
C GLY H 68 -8.37 7.61 -27.53
N GLY H 69 -7.37 6.81 -27.84
CA GLY H 69 -7.19 5.49 -27.25
C GLY H 69 -6.69 4.44 -28.23
N SER H 70 -7.24 3.24 -28.07
CA SER H 70 -6.78 2.06 -28.79
C SER H 70 -6.94 2.25 -30.32
N VAL H 71 -5.86 2.05 -31.05
CA VAL H 71 -5.83 2.14 -32.47
C VAL H 71 -6.65 1.05 -33.15
N THR H 72 -6.62 -0.17 -32.63
CA THR H 72 -7.37 -1.25 -33.26
C THR H 72 -8.86 -1.02 -33.01
N ALA H 73 -9.21 -0.63 -31.78
CA ALA H 73 -10.55 -0.23 -31.47
C ALA H 73 -11.05 0.93 -32.39
N GLY H 74 -10.21 1.92 -32.61
CA GLY H 74 -10.54 3.00 -33.51
C GLY H 74 -10.75 2.48 -34.92
N PHE H 75 -9.95 1.47 -35.32
CA PHE H 75 -10.06 0.96 -36.64
C PHE H 75 -11.33 0.10 -36.86
N ALA H 76 -11.81 -0.56 -35.83
CA ALA H 76 -13.12 -1.19 -35.88
C ALA H 76 -14.21 -0.15 -36.21
N ILE H 77 -14.12 1.04 -35.60
CA ILE H 77 -15.05 2.15 -35.88
C ILE H 77 -14.88 2.66 -37.29
N TYR H 78 -13.64 2.92 -37.63
CA TYR H 78 -13.29 3.43 -38.95
C TYR H 78 -13.81 2.52 -40.09
N ASP H 79 -13.49 1.26 -40.01
CA ASP H 79 -13.87 0.32 -41.07
C ASP H 79 -15.38 0.17 -41.11
N THR H 80 -16.06 0.27 -39.97
CA THR H 80 -17.51 0.19 -39.97
C THR H 80 -18.10 1.44 -40.69
N ILE H 81 -17.56 2.61 -40.37
CA ILE H 81 -18.02 3.81 -41.02
C ILE H 81 -17.92 3.64 -42.55
N GLN H 82 -16.74 3.21 -43.04
CA GLN H 82 -16.54 3.10 -44.48
C GLN H 82 -17.37 1.97 -45.12
N HIS H 83 -17.68 0.91 -44.39
CA HIS H 83 -18.44 -0.16 -44.93
C HIS H 83 -19.96 0.14 -45.17
N ILE H 84 -20.59 0.80 -44.25
CA ILE H 84 -21.97 1.08 -44.35
C ILE H 84 -22.27 2.12 -45.44
N LYS H 85 -23.50 2.09 -45.91
CA LYS H 85 -23.93 2.95 -47.02
C LYS H 85 -24.16 4.37 -46.56
N PRO H 86 -24.88 4.58 -45.47
CA PRO H 86 -25.14 5.97 -45.18
C PRO H 86 -23.83 6.82 -44.99
N ASP H 87 -23.91 8.09 -45.35
CA ASP H 87 -22.94 9.02 -44.97
C ASP H 87 -22.89 9.18 -43.42
N VAL H 88 -21.67 9.11 -42.86
CA VAL H 88 -21.44 9.43 -41.43
C VAL H 88 -20.76 10.78 -41.30
N GLN H 89 -21.51 11.75 -40.78
CA GLN H 89 -21.01 13.06 -40.50
C GLN H 89 -20.26 12.98 -39.18
N THR H 90 -19.20 13.74 -39.05
CA THR H 90 -18.46 13.85 -37.85
C THR H 90 -18.48 15.28 -37.38
N ILE H 91 -18.68 15.45 -36.08
CA ILE H 91 -18.81 16.76 -35.45
C ILE H 91 -17.95 16.74 -34.17
N CYS H 92 -16.84 17.47 -34.19
CA CYS H 92 -16.00 17.59 -33.01
C CYS H 92 -16.56 18.68 -32.08
N ILE H 93 -16.86 18.31 -30.84
CA ILE H 93 -17.23 19.24 -29.76
C ILE H 93 -16.19 19.00 -28.66
N GLY H 94 -15.62 20.05 -28.14
CA GLY H 94 -14.60 19.85 -27.11
C GLY H 94 -13.23 19.50 -27.60
N MET H 95 -13.01 18.20 -27.84
CA MET H 95 -11.67 17.69 -28.16
C MET H 95 -11.75 16.48 -29.05
N ALA H 96 -10.88 16.45 -30.03
CA ALA H 96 -10.62 15.26 -30.78
C ALA H 96 -9.12 15.11 -30.85
N ALA H 97 -8.60 14.17 -30.10
CA ALA H 97 -7.19 13.91 -30.11
C ALA H 97 -6.87 12.49 -30.49
N SER H 98 -5.71 12.33 -31.11
CA SER H 98 -5.14 11.03 -31.49
C SER H 98 -6.06 10.23 -32.36
N MET H 99 -6.36 9.00 -31.98
CA MET H 99 -7.33 8.23 -32.70
C MET H 99 -8.69 8.95 -32.79
N GLY H 100 -9.00 9.87 -31.85
CA GLY H 100 -10.17 10.76 -31.90
C GLY H 100 -10.20 11.67 -33.14
N SER H 101 -9.05 12.24 -33.49
CA SER H 101 -8.92 13.09 -34.68
C SER H 101 -8.88 12.27 -35.96
N PHE H 102 -8.36 11.03 -35.85
CA PHE H 102 -8.39 10.12 -36.99
C PHE H 102 -9.85 9.87 -37.42
N LEU H 103 -10.69 9.56 -36.48
CA LEU H 103 -12.11 9.32 -36.74
C LEU H 103 -12.86 10.56 -37.18
N LEU H 104 -12.47 11.72 -36.63
CA LEU H 104 -13.04 12.98 -37.08
C LEU H 104 -12.82 13.16 -38.59
N ALA H 105 -11.58 12.92 -39.02
CA ALA H 105 -11.21 13.01 -40.41
C ALA H 105 -11.82 11.95 -41.31
N ALA H 106 -12.31 10.88 -40.70
CA ALA H 106 -12.94 9.72 -41.41
C ALA H 106 -14.41 9.88 -41.83
N GLY H 107 -15.02 10.98 -41.45
CA GLY H 107 -16.41 11.25 -41.76
C GLY H 107 -16.54 11.55 -43.20
N ALA H 108 -17.76 11.53 -43.67
CA ALA H 108 -18.03 11.69 -45.14
C ALA H 108 -17.50 13.04 -45.57
N LYS H 109 -16.86 13.07 -46.72
CA LYS H 109 -16.30 14.29 -47.34
C LYS H 109 -17.37 15.35 -47.49
N GLY H 110 -17.07 16.57 -47.10
CA GLY H 110 -18.01 17.59 -46.99
C GLY H 110 -18.85 17.59 -45.76
N LYS H 111 -18.78 16.56 -44.91
CA LYS H 111 -19.62 16.51 -43.70
C LYS H 111 -18.82 16.24 -42.43
N ARG H 112 -17.62 16.80 -42.41
CA ARG H 112 -16.79 16.80 -41.26
C ARG H 112 -16.72 18.23 -40.69
N PHE H 113 -17.11 18.36 -39.43
CA PHE H 113 -17.27 19.63 -38.76
C PHE H 113 -16.55 19.68 -37.40
N ALA H 114 -16.28 20.88 -36.95
CA ALA H 114 -15.94 21.12 -35.56
C ALA H 114 -16.57 22.40 -35.12
N LEU H 115 -16.95 22.47 -33.87
CA LEU H 115 -17.29 23.76 -33.27
C LEU H 115 -16.08 24.69 -33.11
N PRO H 116 -16.30 26.02 -33.02
CA PRO H 116 -15.22 26.98 -33.10
C PRO H 116 -14.08 26.83 -32.16
N ASN H 117 -14.38 26.47 -30.92
CA ASN H 117 -13.38 26.36 -29.88
C ASN H 117 -12.96 24.93 -29.58
N ALA H 118 -13.37 23.98 -30.42
CA ALA H 118 -12.94 22.62 -30.30
C ALA H 118 -11.45 22.48 -30.62
N GLU H 119 -10.82 21.59 -29.93
CA GLU H 119 -9.38 21.37 -30.06
C GLU H 119 -9.15 20.05 -30.79
N VAL H 120 -8.29 20.06 -31.80
CA VAL H 120 -8.01 18.88 -32.55
C VAL H 120 -6.53 18.59 -32.36
N MET H 121 -6.14 17.38 -32.02
CA MET H 121 -4.71 17.11 -31.86
C MET H 121 -4.37 15.87 -32.60
N ILE H 122 -3.30 15.96 -33.35
CA ILE H 122 -2.71 14.82 -34.04
C ILE H 122 -1.29 14.60 -33.54
N HIS H 123 -0.91 13.34 -33.57
CA HIS H 123 0.42 12.87 -33.20
C HIS H 123 0.64 11.42 -33.66
N GLN H 124 1.79 10.87 -33.33
CA GLN H 124 2.10 9.47 -33.66
C GLN H 124 1.54 8.52 -32.60
N PRO H 125 1.28 7.26 -33.01
CA PRO H 125 0.83 6.26 -32.01
C PRO H 125 1.87 5.99 -30.91
N LEU H 126 1.34 5.46 -29.82
CA LEU H 126 2.04 5.26 -28.58
C LEU H 126 1.96 3.77 -28.25
N GLY H 127 3.00 3.27 -27.60
CA GLY H 127 3.06 1.89 -27.25
C GLY H 127 4.22 1.62 -26.34
N GLY H 128 4.50 0.35 -26.21
CA GLY H 128 5.48 -0.20 -25.29
C GLY H 128 5.87 -1.61 -25.77
N ALA H 129 7.00 -2.04 -25.29
CA ALA H 129 7.54 -3.35 -25.52
C ALA H 129 8.61 -3.61 -24.44
N GLN H 130 8.58 -4.76 -23.83
CA GLN H 130 9.57 -5.20 -22.89
C GLN H 130 9.91 -6.64 -23.17
N GLY H 131 11.18 -7.00 -23.03
CA GLY H 131 11.65 -8.39 -23.11
C GLY H 131 12.89 -8.53 -23.97
N GLN H 132 12.94 -9.58 -24.76
CA GLN H 132 14.09 -9.88 -25.62
C GLN H 132 14.23 -8.94 -26.78
N ALA H 133 15.48 -8.77 -27.22
CA ALA H 133 15.73 -7.89 -28.33
C ALA H 133 14.80 -8.24 -29.51
N THR H 134 14.64 -9.54 -29.75
CA THR H 134 13.76 -10.03 -30.83
C THR H 134 12.27 -9.61 -30.64
N GLU H 135 11.78 -9.71 -29.41
CA GLU H 135 10.43 -9.26 -29.05
C GLU H 135 10.27 -7.76 -29.28
N ILE H 136 11.25 -6.97 -28.78
CA ILE H 136 11.26 -5.56 -29.01
C ILE H 136 11.21 -5.22 -30.48
N GLU H 137 11.96 -5.96 -31.28
CA GLU H 137 11.99 -5.69 -32.71
C GLU H 137 10.60 -5.88 -33.36
N ILE H 138 9.95 -6.95 -32.96
CA ILE H 138 8.58 -7.27 -33.42
C ILE H 138 7.62 -6.17 -33.01
N ALA H 139 7.65 -5.80 -31.75
CA ALA H 139 6.83 -4.69 -31.28
C ALA H 139 7.08 -3.40 -32.03
N ALA H 140 8.32 -3.14 -32.40
CA ALA H 140 8.68 -1.90 -33.10
C ALA H 140 8.24 -1.90 -34.55
N ASN H 141 8.50 -3.00 -35.26
CA ASN H 141 7.99 -3.19 -36.59
C ASN H 141 6.47 -3.04 -36.64
N HIS H 142 5.76 -3.64 -35.71
CA HIS H 142 4.33 -3.54 -35.74
C HIS H 142 3.82 -2.10 -35.54
N ILE H 143 4.34 -1.39 -34.51
CA ILE H 143 3.92 -0.02 -34.30
C ILE H 143 4.36 0.88 -35.44
N LEU H 144 5.51 0.61 -36.06
CA LEU H 144 5.88 1.41 -37.24
C LEU H 144 4.96 1.17 -38.43
N LYS H 145 4.56 -0.09 -38.67
CA LYS H 145 3.52 -0.41 -39.67
C LYS H 145 2.16 0.24 -39.38
N THR H 146 1.74 0.21 -38.10
CA THR H 146 0.50 0.86 -37.72
C THR H 146 0.52 2.34 -38.07
N ARG H 147 1.59 3.02 -37.74
CA ARG H 147 1.74 4.41 -38.08
C ARG H 147 1.72 4.70 -39.58
N GLU H 148 2.42 3.91 -40.34
CA GLU H 148 2.37 4.01 -41.81
C GLU H 148 0.91 3.85 -42.35
N LYS H 149 0.16 2.92 -41.81
CA LYS H 149 -1.27 2.72 -42.18
C LYS H 149 -2.14 3.96 -41.76
N LEU H 150 -1.86 4.50 -40.58
CA LEU H 150 -2.61 5.67 -40.11
C LEU H 150 -2.28 6.84 -41.01
N ASN H 151 -1.00 6.99 -41.39
CA ASN H 151 -0.53 8.09 -42.18
C ASN H 151 -0.99 8.08 -43.62
N ARG H 152 -0.98 6.90 -44.21
CA ARG H 152 -1.52 6.75 -45.53
C ARG H 152 -2.99 7.16 -45.61
N ILE H 153 -3.80 6.71 -44.65
CA ILE H 153 -5.21 7.02 -44.72
C ILE H 153 -5.38 8.48 -44.45
N LEU H 154 -4.64 9.02 -43.50
CA LEU H 154 -4.76 10.44 -43.25
C LEU H 154 -4.42 11.34 -44.47
N SER H 155 -3.40 10.95 -45.22
CA SER H 155 -3.01 11.65 -46.47
C SER H 155 -4.18 11.70 -47.48
N GLU H 156 -4.75 10.53 -47.69
CA GLU H 156 -5.91 10.40 -48.55
C GLU H 156 -7.12 11.23 -48.09
N ARG H 157 -7.38 11.27 -46.79
CA ARG H 157 -8.50 12.04 -46.23
C ARG H 157 -8.27 13.54 -46.16
N THR H 158 -7.02 13.93 -45.96
CA THR H 158 -6.77 15.38 -45.89
C THR H 158 -6.29 15.98 -47.21
N GLY H 159 -5.79 15.14 -48.13
CA GLY H 159 -5.07 15.63 -49.30
C GLY H 159 -3.62 16.10 -49.09
N GLN H 160 -3.08 15.97 -47.87
CA GLN H 160 -1.66 16.26 -47.58
C GLN H 160 -0.80 15.08 -47.97
N SER H 161 0.41 15.33 -48.45
CA SER H 161 1.36 14.20 -48.74
C SER H 161 1.69 13.45 -47.48
N ILE H 162 2.05 12.20 -47.66
CA ILE H 162 2.51 11.31 -46.57
C ILE H 162 3.70 11.93 -45.79
N GLU H 163 4.61 12.55 -46.53
CA GLU H 163 5.78 13.20 -45.99
C GLU H 163 5.36 14.31 -45.06
N LYS H 164 4.39 15.14 -45.46
CA LYS H 164 3.93 16.21 -44.55
C LYS H 164 3.19 15.61 -43.28
N ILE H 165 2.34 14.60 -43.44
CA ILE H 165 1.72 13.97 -42.28
C ILE H 165 2.76 13.44 -41.27
N GLN H 166 3.78 12.76 -41.79
CA GLN H 166 4.86 12.23 -40.98
C GLN H 166 5.49 13.30 -40.12
N LYS H 167 5.89 14.39 -40.72
CA LYS H 167 6.52 15.50 -40.04
C LYS H 167 5.56 16.18 -39.03
N ASP H 168 4.33 16.47 -39.45
CA ASP H 168 3.39 17.17 -38.59
C ASP H 168 2.83 16.33 -37.43
N THR H 169 3.03 15.02 -37.45
CA THR H 169 2.57 14.12 -36.41
C THR H 169 3.72 13.60 -35.54
N ASP H 170 4.92 14.07 -35.82
CA ASP H 170 6.15 13.65 -35.10
C ASP H 170 6.04 13.92 -33.64
N ARG H 171 5.48 15.09 -33.32
CA ARG H 171 5.11 15.45 -31.93
C ARG H 171 3.64 15.88 -31.86
N ASP H 172 3.12 15.94 -30.65
CA ASP H 172 1.81 16.48 -30.34
C ASP H 172 1.61 17.82 -31.06
N ASN H 173 0.64 17.87 -31.93
CA ASN H 173 0.36 19.04 -32.73
C ASN H 173 -1.12 19.40 -32.51
N PHE H 174 -1.32 20.48 -31.78
CA PHE H 174 -2.63 20.97 -31.43
C PHE H 174 -3.09 21.90 -32.51
N LEU H 175 -4.33 21.71 -32.99
CA LEU H 175 -4.90 22.62 -34.01
C LEU H 175 -6.18 23.24 -33.51
N THR H 176 -6.42 24.49 -33.88
CA THR H 176 -7.75 25.08 -33.71
C THR H 176 -8.63 24.39 -34.75
N ALA H 177 -9.94 24.54 -34.58
CA ALA H 177 -10.91 24.02 -35.54
C ALA H 177 -10.60 24.59 -36.94
N GLU H 178 -10.36 25.88 -36.99
CA GLU H 178 -9.99 26.54 -38.26
C GLU H 178 -8.76 25.94 -38.87
N GLU H 179 -7.77 25.61 -38.03
CA GLU H 179 -6.53 25.04 -38.55
C GLU H 179 -6.78 23.61 -39.06
N ALA H 180 -7.63 22.86 -38.36
CA ALA H 180 -8.04 21.57 -38.82
C ALA H 180 -8.69 21.65 -40.20
N LYS H 181 -9.53 22.65 -40.36
CA LYS H 181 -10.12 22.90 -41.66
C LYS H 181 -9.08 23.18 -42.76
N GLU H 182 -8.23 24.13 -42.48
CA GLU H 182 -7.10 24.37 -43.31
C GLU H 182 -6.32 23.14 -43.57
N TYR H 183 -6.09 22.30 -42.55
CA TYR H 183 -5.29 21.10 -42.79
C TYR H 183 -5.99 20.07 -43.68
N GLY H 184 -7.31 20.15 -43.75
CA GLY H 184 -8.12 19.14 -44.46
C GLY H 184 -8.61 17.99 -43.58
N LEU H 185 -8.53 18.14 -42.25
CA LEU H 185 -9.04 17.10 -41.30
C LEU H 185 -10.54 17.23 -41.16
N ILE H 186 -11.02 18.47 -41.30
CA ILE H 186 -12.45 18.72 -41.34
C ILE H 186 -12.79 19.64 -42.53
N ASP H 187 -14.08 19.74 -42.83
CA ASP H 187 -14.54 20.58 -43.93
C ASP H 187 -15.06 21.94 -43.54
N GLU H 188 -15.61 22.11 -42.34
CA GLU H 188 -16.24 23.35 -41.94
C GLU H 188 -16.11 23.52 -40.47
N VAL H 189 -15.96 24.77 -40.04
CA VAL H 189 -16.16 25.14 -38.67
C VAL H 189 -17.61 25.56 -38.61
N MET H 190 -18.33 25.01 -37.67
CA MET H 190 -19.75 25.35 -37.49
C MET H 190 -19.81 26.65 -36.68
N VAL H 191 -19.85 27.78 -37.36
CA VAL H 191 -19.93 29.13 -36.74
C VAL H 191 -21.39 29.33 -36.20
N PRO H 192 -21.56 30.10 -35.11
CA PRO H 192 -22.92 30.06 -34.51
C PRO H 192 -24.01 30.84 -35.24
N ILE I 4 -31.25 11.44 -5.96
CA ILE I 4 -31.87 10.69 -4.79
C ILE I 4 -33.43 10.58 -4.93
N PRO I 5 -34.21 11.66 -4.69
CA PRO I 5 -35.70 11.48 -4.68
C PRO I 5 -36.41 11.36 -6.08
N THR I 6 -37.51 10.60 -6.11
CA THR I 6 -38.25 10.22 -7.33
C THR I 6 -39.56 11.05 -7.60
N TYR I 18 -39.87 9.26 -12.54
CA TYR I 18 -39.12 10.50 -12.74
C TYR I 18 -38.31 10.94 -11.49
N ASP I 19 -37.00 10.89 -11.57
CA ASP I 19 -36.12 11.58 -10.63
C ASP I 19 -36.22 13.14 -10.76
N ILE I 20 -35.76 13.82 -9.70
CA ILE I 20 -36.02 15.22 -9.53
C ILE I 20 -35.32 16.02 -10.63
N TYR I 21 -34.14 15.60 -11.06
CA TYR I 21 -33.42 16.29 -12.16
C TYR I 21 -34.13 16.08 -13.53
N SER I 22 -34.59 14.86 -13.79
CA SER I 22 -35.46 14.59 -14.97
C SER I 22 -36.70 15.43 -14.93
N ARG I 23 -37.26 15.62 -13.75
CA ARG I 23 -38.43 16.47 -13.59
C ARG I 23 -38.06 17.92 -13.88
N LEU I 24 -36.91 18.40 -13.42
CA LEU I 24 -36.52 19.77 -13.80
C LEU I 24 -36.20 19.97 -15.29
N LEU I 25 -35.62 18.96 -15.92
CA LEU I 25 -35.27 19.01 -17.32
C LEU I 25 -36.51 19.18 -18.21
N LYS I 26 -37.64 18.62 -17.78
CA LYS I 26 -38.92 18.91 -18.42
C LYS I 26 -39.31 20.39 -18.38
N ASP I 27 -38.93 21.14 -17.32
CA ASP I 27 -39.12 22.59 -17.31
C ASP I 27 -37.96 23.38 -17.91
N ARG I 28 -37.08 22.68 -18.62
CA ARG I 28 -36.00 23.26 -19.42
C ARG I 28 -34.85 23.75 -18.57
N ILE I 29 -34.71 23.13 -17.40
CA ILE I 29 -33.67 23.45 -16.43
C ILE I 29 -32.65 22.33 -16.49
N ILE I 30 -31.40 22.71 -16.72
CA ILE I 30 -30.26 21.84 -16.66
C ILE I 30 -29.39 22.15 -15.41
N MET I 31 -29.01 21.11 -14.65
CA MET I 31 -28.19 21.29 -13.45
C MET I 31 -26.71 20.99 -13.78
N LEU I 32 -25.87 22.02 -13.63
CA LEU I 32 -24.43 21.85 -13.71
C LEU I 32 -23.96 22.01 -12.29
N GLY I 33 -23.99 20.88 -11.56
CA GLY I 33 -23.81 20.84 -10.14
C GLY I 33 -22.58 20.04 -9.70
N SER I 34 -21.52 20.02 -10.50
CA SER I 34 -20.34 19.26 -10.16
C SER I 34 -19.14 19.77 -10.93
N GLN I 35 -18.01 19.10 -10.71
CA GLN I 35 -16.80 19.24 -11.49
C GLN I 35 -17.08 18.94 -12.95
N ILE I 36 -16.44 19.69 -13.83
CA ILE I 36 -16.70 19.58 -15.24
C ILE I 36 -15.63 18.66 -15.83
N ASP I 37 -16.04 17.49 -16.26
CA ASP I 37 -15.17 16.60 -16.97
C ASP I 37 -15.94 16.25 -18.27
N ASP I 38 -15.38 15.38 -19.07
CA ASP I 38 -16.00 14.98 -20.36
C ASP I 38 -17.39 14.36 -20.21
N ASN I 39 -17.62 13.52 -19.20
CA ASN I 39 -18.96 12.89 -18.96
C ASN I 39 -20.07 13.87 -18.70
N VAL I 40 -19.75 14.81 -17.80
CA VAL I 40 -20.61 15.93 -17.49
C VAL I 40 -20.87 16.78 -18.74
N ALA I 41 -19.85 17.15 -19.46
CA ALA I 41 -20.04 17.96 -20.61
C ALA I 41 -20.88 17.26 -21.67
N ASN I 42 -20.64 15.98 -21.87
CA ASN I 42 -21.43 15.19 -22.81
C ASN I 42 -22.90 15.16 -22.47
N SER I 43 -23.20 15.05 -21.16
CA SER I 43 -24.53 15.07 -20.64
C SER I 43 -25.16 16.47 -20.81
N ILE I 44 -24.42 17.56 -20.53
CA ILE I 44 -25.00 18.92 -20.63
C ILE I 44 -25.24 19.23 -22.09
N VAL I 45 -24.27 18.93 -22.96
CA VAL I 45 -24.41 19.16 -24.41
C VAL I 45 -25.69 18.43 -24.95
N SER I 46 -25.86 17.20 -24.55
CA SER I 46 -26.98 16.42 -25.00
C SER I 46 -28.28 17.01 -24.49
N GLN I 47 -28.33 17.40 -23.22
CA GLN I 47 -29.52 18.05 -22.67
C GLN I 47 -29.80 19.33 -23.44
N LEU I 48 -28.77 20.06 -23.80
CA LEU I 48 -28.98 21.26 -24.62
C LEU I 48 -29.57 21.01 -25.98
N LEU I 49 -29.02 20.04 -26.70
CA LEU I 49 -29.48 19.69 -28.00
C LEU I 49 -30.91 19.12 -27.94
N PHE I 50 -31.18 18.26 -26.96
CA PHE I 50 -32.48 17.73 -26.70
C PHE I 50 -33.51 18.83 -26.48
N LEU I 51 -33.22 19.77 -25.58
CA LEU I 51 -34.18 20.82 -25.31
C LEU I 51 -34.42 21.70 -26.53
N GLN I 52 -33.39 22.02 -27.31
CA GLN I 52 -33.57 22.82 -28.49
C GLN I 52 -34.51 22.13 -29.50
N ALA I 53 -34.43 20.78 -29.61
CA ALA I 53 -35.25 19.98 -30.51
C ALA I 53 -36.68 19.82 -30.02
N GLN I 54 -36.84 19.82 -28.70
CA GLN I 54 -38.17 19.85 -28.14
C GLN I 54 -38.86 21.16 -28.45
N ASP I 55 -38.13 22.25 -28.39
CA ASP I 55 -38.68 23.58 -28.55
C ASP I 55 -37.54 24.56 -28.80
N SER I 56 -37.48 25.07 -30.02
CA SER I 56 -36.32 25.84 -30.48
C SER I 56 -36.40 27.29 -30.11
N GLU I 57 -37.50 27.71 -29.48
CA GLU I 57 -37.72 29.12 -29.13
C GLU I 57 -37.67 29.46 -27.66
N LYS I 58 -38.08 28.51 -26.81
CA LYS I 58 -38.20 28.78 -25.38
C LYS I 58 -36.83 28.74 -24.70
N ASP I 59 -36.62 29.71 -23.82
CA ASP I 59 -35.41 29.81 -23.00
C ASP I 59 -35.09 28.48 -22.38
N ILE I 60 -33.79 28.21 -22.28
CA ILE I 60 -33.25 27.15 -21.42
C ILE I 60 -32.65 27.82 -20.21
N TYR I 61 -32.66 27.11 -19.06
CA TYR I 61 -32.07 27.58 -17.80
C TYR I 61 -30.91 26.63 -17.31
N LEU I 62 -29.67 27.15 -17.31
CA LEU I 62 -28.51 26.48 -16.75
C LEU I 62 -28.15 27.02 -15.35
N TYR I 63 -28.34 26.15 -14.37
CA TYR I 63 -28.08 26.40 -12.95
C TYR I 63 -26.69 25.88 -12.70
N ILE I 64 -25.84 26.73 -12.14
CA ILE I 64 -24.41 26.41 -12.03
C ILE I 64 -23.99 26.44 -10.57
N ASN I 65 -23.44 25.32 -10.11
CA ASN I 65 -22.75 25.21 -8.85
C ASN I 65 -21.58 24.26 -9.05
N SER I 66 -20.45 24.83 -9.55
CA SER I 66 -19.34 24.09 -10.02
C SER I 66 -18.05 24.78 -9.71
N PRO I 67 -17.03 24.02 -9.28
CA PRO I 67 -15.69 24.53 -9.16
C PRO I 67 -14.92 24.48 -10.47
N GLY I 68 -15.56 24.17 -11.61
CA GLY I 68 -14.84 24.22 -12.85
C GLY I 68 -14.33 22.84 -13.18
N GLY I 69 -13.25 22.76 -13.93
CA GLY I 69 -12.74 21.47 -14.36
C GLY I 69 -12.11 21.60 -15.74
N SER I 70 -12.29 20.59 -16.58
CA SER I 70 -11.63 20.53 -17.89
C SER I 70 -12.01 21.70 -18.82
N VAL I 71 -11.02 22.36 -19.42
CA VAL I 71 -11.24 23.43 -20.36
C VAL I 71 -11.93 22.97 -21.64
N THR I 72 -11.53 21.82 -22.17
CA THR I 72 -12.11 21.41 -23.45
C THR I 72 -13.52 20.93 -23.20
N ALA I 73 -13.77 20.27 -22.04
CA ALA I 73 -15.11 19.93 -21.61
C ALA I 73 -16.00 21.15 -21.49
N GLY I 74 -15.47 22.16 -20.83
CA GLY I 74 -16.23 23.40 -20.68
C GLY I 74 -16.49 24.07 -22.02
N PHE I 75 -15.52 23.99 -22.93
CA PHE I 75 -15.74 24.63 -24.21
C PHE I 75 -16.75 23.82 -25.04
N ALA I 76 -16.83 22.50 -24.86
CA ALA I 76 -17.91 21.75 -25.54
C ALA I 76 -19.26 22.38 -25.15
N ILE I 77 -19.39 22.73 -23.86
CA ILE I 77 -20.62 23.28 -23.34
C ILE I 77 -20.80 24.67 -23.88
N TYR I 78 -19.74 25.47 -23.80
CA TYR I 78 -19.81 26.81 -24.26
C TYR I 78 -20.20 26.88 -25.77
N ASP I 79 -19.55 26.14 -26.62
CA ASP I 79 -19.90 26.17 -28.02
C ASP I 79 -21.35 25.72 -28.32
N THR I 80 -21.88 24.80 -27.53
CA THR I 80 -23.23 24.30 -27.74
C THR I 80 -24.21 25.40 -27.39
N ILE I 81 -23.91 26.11 -26.31
CA ILE I 81 -24.74 27.19 -25.87
C ILE I 81 -24.85 28.22 -27.00
N GLN I 82 -23.72 28.64 -27.52
CA GLN I 82 -23.75 29.65 -28.53
C GLN I 82 -24.40 29.14 -29.80
N HIS I 83 -24.28 27.85 -30.13
CA HIS I 83 -24.77 27.35 -31.38
C HIS I 83 -26.29 27.25 -31.44
N ILE I 84 -26.91 26.81 -30.38
CA ILE I 84 -28.33 26.57 -30.42
C ILE I 84 -29.15 27.89 -30.46
N LYS I 85 -30.41 27.79 -30.90
CA LYS I 85 -31.31 28.95 -31.08
C LYS I 85 -31.81 29.53 -29.74
N PRO I 86 -32.35 28.71 -28.85
CA PRO I 86 -32.78 29.26 -27.59
C PRO I 86 -31.72 30.03 -26.79
N ASP I 87 -32.16 31.09 -26.14
CA ASP I 87 -31.35 31.73 -25.11
C ASP I 87 -31.14 30.79 -23.88
N VAL I 88 -29.89 30.72 -23.41
CA VAL I 88 -29.56 29.96 -22.22
C VAL I 88 -29.31 30.96 -21.10
N GLN I 89 -30.23 31.02 -20.18
CA GLN I 89 -30.04 31.81 -18.98
C GLN I 89 -29.08 31.03 -18.08
N THR I 90 -28.23 31.74 -17.34
CA THR I 90 -27.38 31.11 -16.37
C THR I 90 -27.62 31.70 -15.00
N ILE I 91 -27.56 30.82 -14.00
CA ILE I 91 -27.92 31.22 -12.66
C ILE I 91 -26.86 30.59 -11.79
N CYS I 92 -25.99 31.39 -11.19
CA CYS I 92 -25.04 30.89 -10.20
C CYS I 92 -25.64 30.77 -8.80
N ILE I 93 -25.60 29.54 -8.27
CA ILE I 93 -26.08 29.16 -6.91
C ILE I 93 -24.85 28.51 -6.22
N GLY I 94 -24.47 29.00 -5.06
CA GLY I 94 -23.31 28.42 -4.42
C GLY I 94 -21.99 28.92 -4.98
N MET I 95 -21.47 28.26 -5.99
CA MET I 95 -20.16 28.58 -6.51
C MET I 95 -20.11 28.46 -7.99
N ALA I 96 -19.44 29.39 -8.60
CA ALA I 96 -19.01 29.23 -9.94
C ALA I 96 -17.53 29.68 -10.02
N ALA I 97 -16.64 28.70 -10.13
CA ALA I 97 -15.21 28.95 -10.20
C ALA I 97 -14.61 28.41 -11.49
N SER I 98 -13.62 29.13 -12.01
CA SER I 98 -12.82 28.69 -13.20
C SER I 98 -13.71 28.52 -14.38
N MET I 99 -13.73 27.36 -15.02
CA MET I 99 -14.64 27.11 -16.14
C MET I 99 -16.07 27.33 -15.80
N GLY I 100 -16.43 27.11 -14.53
CA GLY I 100 -17.78 27.36 -14.11
C GLY I 100 -18.16 28.82 -14.20
N SER I 101 -17.24 29.72 -13.85
CA SER I 101 -17.49 31.15 -14.00
C SER I 101 -17.45 31.59 -15.48
N PHE I 102 -16.61 30.95 -16.27
CA PHE I 102 -16.59 31.23 -17.70
C PHE I 102 -17.98 30.86 -18.32
N LEU I 103 -18.57 29.72 -17.94
CA LEU I 103 -19.91 29.35 -18.36
C LEU I 103 -21.00 30.27 -17.90
N LEU I 104 -20.89 30.73 -16.66
CA LEU I 104 -21.85 31.63 -16.08
C LEU I 104 -21.90 32.85 -16.95
N ALA I 105 -20.72 33.38 -17.25
CA ALA I 105 -20.55 34.55 -18.07
C ALA I 105 -21.03 34.40 -19.50
N ALA I 106 -21.15 33.14 -19.96
CA ALA I 106 -21.55 32.81 -21.32
C ALA I 106 -23.04 32.74 -21.57
N GLY I 107 -23.86 32.87 -20.54
CA GLY I 107 -25.28 32.80 -20.73
C GLY I 107 -25.73 34.02 -21.53
N ALA I 108 -26.96 33.98 -21.95
CA ALA I 108 -27.49 34.97 -22.85
C ALA I 108 -27.50 36.30 -22.16
N LYS I 109 -27.17 37.31 -22.93
CA LYS I 109 -27.04 38.65 -22.39
C LYS I 109 -28.33 39.21 -21.81
N GLY I 110 -28.21 39.84 -20.65
CA GLY I 110 -29.33 40.23 -19.83
C GLY I 110 -29.94 39.10 -18.99
N LYS I 111 -29.47 37.85 -19.13
CA LYS I 111 -30.08 36.76 -18.44
C LYS I 111 -29.03 35.91 -17.70
N ARG I 112 -28.05 36.56 -17.07
CA ARG I 112 -27.01 35.89 -16.32
C ARG I 112 -27.15 36.39 -14.93
N PHE I 113 -27.38 35.47 -14.00
CA PHE I 113 -27.75 35.84 -12.62
C PHE I 113 -26.82 35.13 -11.62
N ALA I 114 -26.69 35.69 -10.42
CA ALA I 114 -26.20 34.89 -9.23
C ALA I 114 -27.09 35.15 -8.06
N LEU I 115 -27.26 34.16 -7.20
CA LEU I 115 -27.91 34.41 -5.90
C LEU I 115 -27.01 35.25 -4.97
N PRO I 116 -27.60 35.92 -3.95
CA PRO I 116 -26.81 36.98 -3.33
C PRO I 116 -25.54 36.52 -2.63
N ASN I 117 -25.51 35.29 -2.10
CA ASN I 117 -24.34 34.75 -1.39
C ASN I 117 -23.45 33.78 -2.19
N ALA I 118 -23.69 33.73 -3.49
CA ALA I 118 -23.00 32.87 -4.39
C ALA I 118 -21.59 33.35 -4.58
N GLU I 119 -20.71 32.42 -4.80
CA GLU I 119 -19.30 32.78 -5.02
C GLU I 119 -18.91 32.64 -6.49
N VAL I 120 -18.25 33.66 -7.02
CA VAL I 120 -17.65 33.57 -8.35
C VAL I 120 -16.12 33.71 -8.23
N MET I 121 -15.41 32.80 -8.88
CA MET I 121 -13.94 32.86 -8.93
C MET I 121 -13.42 32.77 -10.31
N ILE I 122 -12.52 33.67 -10.66
CA ILE I 122 -11.83 33.59 -11.96
C ILE I 122 -10.31 33.47 -11.72
N HIS I 123 -9.65 32.78 -12.64
CA HIS I 123 -8.21 32.57 -12.60
C HIS I 123 -7.68 32.12 -13.97
N GLN I 124 -6.41 31.78 -14.05
CA GLN I 124 -5.86 31.22 -15.25
C GLN I 124 -5.97 29.70 -15.32
N PRO I 125 -5.95 29.19 -16.54
CA PRO I 125 -5.93 27.74 -16.67
C PRO I 125 -4.70 27.10 -16.05
N LEU I 126 -4.84 25.84 -15.68
CA LEU I 126 -3.84 25.06 -15.00
C LEU I 126 -3.55 23.84 -15.86
N GLY I 127 -2.34 23.31 -15.76
CA GLY I 127 -1.94 22.15 -16.52
C GLY I 127 -0.57 21.67 -16.08
N GLY I 128 0.01 20.88 -16.92
CA GLY I 128 1.14 20.05 -16.52
C GLY I 128 1.83 19.57 -17.76
N ALA I 129 3.12 19.29 -17.64
CA ALA I 129 3.88 18.85 -18.77
C ALA I 129 5.16 18.23 -18.27
N GLN I 130 5.55 17.09 -18.88
CA GLN I 130 6.77 16.37 -18.55
C GLN I 130 7.42 15.80 -19.79
N GLY I 131 8.75 15.81 -19.82
CA GLY I 131 9.54 15.16 -20.89
C GLY I 131 10.68 16.04 -21.42
N GLN I 132 10.88 15.99 -22.72
CA GLN I 132 11.92 16.70 -23.41
C GLN I 132 11.59 18.17 -23.48
N ALA I 133 12.64 18.97 -23.59
CA ALA I 133 12.47 20.41 -23.75
C ALA I 133 11.40 20.81 -24.81
N THR I 134 11.46 20.15 -25.95
CA THR I 134 10.56 20.37 -27.10
C THR I 134 9.10 20.05 -26.75
N GLU I 135 8.88 18.98 -25.98
CA GLU I 135 7.58 18.67 -25.40
C GLU I 135 7.07 19.72 -24.43
N ILE I 136 7.94 20.23 -23.55
CA ILE I 136 7.51 21.20 -22.56
C ILE I 136 7.05 22.47 -23.32
N GLU I 137 7.79 22.82 -24.35
CA GLU I 137 7.52 24.01 -25.14
C GLU I 137 6.16 23.89 -25.83
N ILE I 138 5.88 22.72 -26.42
CA ILE I 138 4.59 22.48 -27.08
C ILE I 138 3.48 22.61 -26.07
N ALA I 139 3.57 21.93 -24.93
CA ALA I 139 2.57 22.10 -23.86
C ALA I 139 2.41 23.55 -23.39
N ALA I 140 3.51 24.30 -23.36
CA ALA I 140 3.46 25.67 -22.89
C ALA I 140 2.81 26.58 -23.88
N ASN I 141 3.17 26.42 -25.14
CA ASN I 141 2.47 27.17 -26.19
C ASN I 141 0.96 26.85 -26.24
N HIS I 142 0.61 25.59 -26.13
CA HIS I 142 -0.77 25.26 -26.15
C HIS I 142 -1.58 25.91 -24.97
N ILE I 143 -1.07 25.80 -23.75
CA ILE I 143 -1.79 26.38 -22.62
C ILE I 143 -1.83 27.95 -22.68
N LEU I 144 -0.78 28.56 -23.18
CA LEU I 144 -0.80 29.98 -23.40
C LEU I 144 -1.84 30.43 -24.43
N LYS I 145 -2.00 29.70 -25.50
CA LYS I 145 -3.06 29.97 -26.50
C LYS I 145 -4.44 29.74 -25.91
N THR I 146 -4.55 28.74 -25.06
CA THR I 146 -5.84 28.45 -24.41
C THR I 146 -6.28 29.61 -23.53
N ARG I 147 -5.35 30.12 -22.74
CA ARG I 147 -5.60 31.24 -21.91
C ARG I 147 -5.96 32.52 -22.71
N GLU I 148 -5.25 32.82 -23.76
CA GLU I 148 -5.58 33.98 -24.57
C GLU I 148 -7.00 33.85 -25.17
N LYS I 149 -7.36 32.65 -25.58
CA LYS I 149 -8.69 32.37 -26.09
C LYS I 149 -9.73 32.64 -24.98
N LEU I 150 -9.47 32.15 -23.78
CA LEU I 150 -10.41 32.33 -22.67
C LEU I 150 -10.53 33.78 -22.33
N ASN I 151 -9.40 34.44 -22.21
CA ASN I 151 -9.38 35.82 -21.84
C ASN I 151 -10.04 36.72 -22.87
N ARG I 152 -9.84 36.43 -24.15
CA ARG I 152 -10.53 37.19 -25.15
C ARG I 152 -12.05 37.05 -25.03
N ILE I 153 -12.57 35.84 -24.87
CA ILE I 153 -14.02 35.64 -24.76
C ILE I 153 -14.55 36.35 -23.55
N LEU I 154 -13.87 36.23 -22.42
CA LEU I 154 -14.31 36.96 -21.22
C LEU I 154 -14.31 38.47 -21.36
N SER I 155 -13.35 38.97 -22.12
CA SER I 155 -13.34 40.38 -22.47
C SER I 155 -14.62 40.82 -23.23
N GLU I 156 -14.94 40.14 -24.30
CA GLU I 156 -16.15 40.35 -25.10
C GLU I 156 -17.46 40.21 -24.28
N ARG I 157 -17.50 39.22 -23.38
CA ARG I 157 -18.66 38.95 -22.53
C ARG I 157 -18.83 39.91 -21.36
N THR I 158 -17.72 40.45 -20.83
CA THR I 158 -17.78 41.36 -19.71
C THR I 158 -17.74 42.80 -20.12
N GLY I 159 -17.18 43.10 -21.30
CA GLY I 159 -16.88 44.54 -21.66
C GLY I 159 -15.55 45.06 -21.08
N GLN I 160 -14.80 44.23 -20.35
CA GLN I 160 -13.48 44.62 -19.80
C GLN I 160 -12.43 44.50 -20.90
N SER I 161 -11.37 45.31 -20.88
CA SER I 161 -10.24 45.09 -21.82
C SER I 161 -9.57 43.72 -21.58
N ILE I 162 -8.90 43.21 -22.58
CA ILE I 162 -8.06 42.01 -22.41
C ILE I 162 -7.02 42.20 -21.30
N GLU I 163 -6.47 43.39 -21.21
CA GLU I 163 -5.30 43.66 -20.37
C GLU I 163 -5.78 43.59 -18.92
N LYS I 164 -6.97 44.11 -18.67
CA LYS I 164 -7.58 43.96 -17.36
C LYS I 164 -7.94 42.50 -16.99
N ILE I 165 -8.47 41.72 -17.93
CA ILE I 165 -8.80 40.33 -17.68
C ILE I 165 -7.52 39.56 -17.35
N GLN I 166 -6.47 39.83 -18.12
CA GLN I 166 -5.15 39.21 -17.95
C GLN I 166 -4.65 39.45 -16.52
N LYS I 167 -4.69 40.71 -16.11
CA LYS I 167 -4.33 41.11 -14.78
C LYS I 167 -5.23 40.51 -13.67
N ASP I 168 -6.52 40.53 -13.90
CA ASP I 168 -7.46 40.03 -12.88
C ASP I 168 -7.55 38.51 -12.76
N THR I 169 -7.01 37.75 -13.70
CA THR I 169 -7.01 36.31 -13.60
C THR I 169 -5.63 35.71 -13.33
N ASP I 170 -4.65 36.58 -13.06
CA ASP I 170 -3.27 36.17 -12.86
C ASP I 170 -3.16 35.21 -11.66
N ARG I 171 -3.91 35.49 -10.60
CA ARG I 171 -4.11 34.56 -9.47
C ARG I 171 -5.57 34.41 -9.16
N ASP I 172 -5.89 33.55 -8.22
CA ASP I 172 -7.28 33.24 -7.89
C ASP I 172 -7.91 34.53 -7.45
N ASN I 173 -9.01 34.85 -8.06
CA ASN I 173 -9.68 36.08 -7.77
C ASN I 173 -11.22 35.82 -7.43
N PHE I 174 -11.57 35.93 -6.14
CA PHE I 174 -12.93 35.68 -5.64
C PHE I 174 -13.79 36.96 -5.71
N LEU I 175 -15.02 36.84 -6.21
CA LEU I 175 -15.94 37.94 -6.32
C LEU I 175 -17.21 37.58 -5.62
N THR I 176 -17.82 38.52 -4.90
CA THR I 176 -19.21 38.44 -4.52
C THR I 176 -20.07 38.53 -5.73
N ALA I 177 -21.34 38.20 -5.57
CA ALA I 177 -22.30 38.29 -6.66
C ALA I 177 -22.44 39.72 -7.14
N GLU I 178 -22.45 40.65 -6.18
CA GLU I 178 -22.57 42.03 -6.52
C GLU I 178 -21.32 42.49 -7.28
N GLU I 179 -20.16 42.02 -6.87
CA GLU I 179 -18.93 42.33 -7.64
C GLU I 179 -18.88 41.69 -9.03
N ALA I 180 -19.33 40.46 -9.15
CA ALA I 180 -19.44 39.88 -10.48
C ALA I 180 -20.36 40.70 -11.43
N LYS I 181 -21.42 41.23 -10.86
CA LYS I 181 -22.29 42.11 -11.62
C LYS I 181 -21.58 43.32 -12.10
N GLU I 182 -20.88 44.00 -11.19
CA GLU I 182 -20.10 45.16 -11.55
C GLU I 182 -19.00 44.87 -12.53
N TYR I 183 -18.40 43.68 -12.44
CA TYR I 183 -17.41 43.25 -13.38
C TYR I 183 -17.97 42.98 -14.78
N GLY I 184 -19.23 42.57 -14.87
CA GLY I 184 -19.83 42.22 -16.13
C GLY I 184 -19.89 40.72 -16.39
N LEU I 185 -19.61 39.91 -15.38
CA LEU I 185 -19.72 38.45 -15.53
C LEU I 185 -21.20 37.96 -15.48
N ILE I 186 -22.03 38.69 -14.75
CA ILE I 186 -23.47 38.51 -14.73
C ILE I 186 -24.13 39.85 -14.93
N ASP I 187 -25.43 39.82 -15.14
CA ASP I 187 -26.24 41.05 -15.34
C ASP I 187 -26.97 41.43 -14.09
N GLU I 188 -27.37 40.45 -13.27
CA GLU I 188 -28.18 40.75 -12.12
C GLU I 188 -27.89 39.81 -10.97
N VAL I 189 -28.06 40.38 -9.77
CA VAL I 189 -28.12 39.63 -8.54
C VAL I 189 -29.59 39.30 -8.32
N MET I 190 -29.92 38.03 -8.17
CA MET I 190 -31.30 37.65 -7.99
C MET I 190 -31.69 37.92 -6.54
N VAL I 191 -32.56 38.90 -6.32
CA VAL I 191 -32.97 39.27 -4.96
C VAL I 191 -34.24 38.49 -4.53
N PRO I 192 -34.41 38.28 -3.22
CA PRO I 192 -35.54 37.44 -2.75
C PRO I 192 -37.02 37.78 -3.15
N ILE J 4 -33.66 2.61 2.69
CA ILE J 4 -34.07 1.20 2.43
C ILE J 4 -35.56 1.14 1.93
N PRO J 5 -36.55 1.25 2.84
CA PRO J 5 -37.91 0.82 2.53
C PRO J 5 -38.75 1.65 1.54
N THR J 6 -39.87 1.03 1.13
CA THR J 6 -40.80 1.42 0.04
C THR J 6 -42.27 1.52 0.56
N VAL J 7 -43.07 2.40 -0.07
CA VAL J 7 -44.51 2.60 0.24
N TYR J 18 -42.49 4.73 -4.76
CA TYR J 18 -42.17 5.58 -3.61
C TYR J 18 -41.23 4.94 -2.53
N ASP J 19 -39.96 5.34 -2.50
CA ASP J 19 -39.15 5.17 -1.28
C ASP J 19 -39.69 6.13 -0.21
N ILE J 20 -39.24 5.93 1.02
CA ILE J 20 -39.84 6.64 2.15
C ILE J 20 -39.56 8.16 2.03
N TYR J 21 -38.36 8.52 1.55
CA TYR J 21 -38.02 9.96 1.40
C TYR J 21 -38.92 10.64 0.35
N SER J 22 -39.15 9.97 -0.77
CA SER J 22 -40.07 10.50 -1.81
C SER J 22 -41.48 10.59 -1.32
N ARG J 23 -41.88 9.64 -0.48
CA ARG J 23 -43.19 9.73 0.15
C ARG J 23 -43.30 10.96 1.05
N LEU J 24 -42.27 11.20 1.86
CA LEU J 24 -42.24 12.40 2.73
C LEU J 24 -42.21 13.66 1.88
N LEU J 25 -41.48 13.63 0.77
CA LEU J 25 -41.45 14.80 -0.10
C LEU J 25 -42.85 15.18 -0.58
N LYS J 26 -43.70 14.20 -0.85
CA LYS J 26 -45.09 14.47 -1.18
C LYS J 26 -45.84 15.28 -0.10
N ASP J 27 -45.43 15.18 1.19
CA ASP J 27 -45.88 16.09 2.27
C ASP J 27 -45.06 17.36 2.47
N ARG J 28 -44.24 17.69 1.47
CA ARG J 28 -43.43 18.89 1.51
C ARG J 28 -42.32 18.86 2.59
N ILE J 29 -41.86 17.66 2.90
CA ILE J 29 -40.80 17.44 3.85
C ILE J 29 -39.58 17.07 3.07
N ILE J 30 -38.49 17.81 3.32
CA ILE J 30 -37.16 17.53 2.75
C ILE J 30 -36.24 17.10 3.87
N MET J 31 -35.46 16.02 3.63
CA MET J 31 -34.50 15.49 4.60
C MET J 31 -33.07 15.95 4.26
N LEU J 32 -32.47 16.75 5.14
CA LEU J 32 -31.05 16.99 5.08
C LEU J 32 -30.40 16.16 6.19
N GLY J 33 -30.15 14.89 5.92
CA GLY J 33 -29.67 13.88 6.84
C GLY J 33 -28.24 13.38 6.59
N SER J 34 -27.38 14.24 6.04
CA SER J 34 -26.01 13.85 5.82
C SER J 34 -25.15 15.10 5.81
N GLN J 35 -23.87 14.86 5.60
CA GLN J 35 -22.91 15.84 5.22
C GLN J 35 -23.36 16.69 3.99
N ILE J 36 -23.15 18.00 4.09
CA ILE J 36 -23.50 18.95 3.03
C ILE J 36 -22.33 19.03 2.01
N ASP J 37 -22.50 18.45 0.82
CA ASP J 37 -21.56 18.57 -0.28
C ASP J 37 -22.40 19.05 -1.42
N ASP J 38 -21.76 19.20 -2.56
CA ASP J 38 -22.37 19.72 -3.77
C ASP J 38 -23.60 18.87 -4.30
N ASN J 39 -23.52 17.55 -4.26
CA ASN J 39 -24.66 16.67 -4.62
C ASN J 39 -25.88 16.86 -3.70
N VAL J 40 -25.63 16.95 -2.39
CA VAL J 40 -26.69 17.10 -1.43
C VAL J 40 -27.37 18.43 -1.65
N ALA J 41 -26.57 19.47 -1.83
CA ALA J 41 -27.11 20.76 -2.11
C ALA J 41 -27.92 20.83 -3.39
N ASN J 42 -27.44 20.18 -4.42
CA ASN J 42 -28.14 20.29 -5.70
C ASN J 42 -29.53 19.64 -5.58
N SER J 43 -29.54 18.52 -4.89
CA SER J 43 -30.75 17.81 -4.54
C SER J 43 -31.72 18.63 -3.67
N ILE J 44 -31.20 19.26 -2.61
CA ILE J 44 -32.08 19.99 -1.68
C ILE J 44 -32.60 21.19 -2.45
N VAL J 45 -31.74 21.86 -3.20
CA VAL J 45 -32.15 22.97 -4.01
C VAL J 45 -33.33 22.59 -4.98
N SER J 46 -33.13 21.53 -5.71
CA SER J 46 -34.07 21.01 -6.65
C SER J 46 -35.37 20.69 -5.97
N GLN J 47 -35.33 20.03 -4.80
CA GLN J 47 -36.52 19.77 -4.01
C GLN J 47 -37.27 21.02 -3.61
N LEU J 48 -36.55 22.04 -3.16
CA LEU J 48 -37.17 23.29 -2.82
C LEU J 48 -37.88 23.93 -4.01
N LEU J 49 -37.21 23.96 -5.15
CA LEU J 49 -37.77 24.59 -6.34
C LEU J 49 -39.01 23.85 -6.84
N PHE J 50 -38.98 22.52 -6.74
CA PHE J 50 -40.06 21.67 -7.15
C PHE J 50 -41.25 21.94 -6.22
N LEU J 51 -41.02 22.05 -4.93
CA LEU J 51 -42.13 22.24 -4.05
C LEU J 51 -42.72 23.61 -4.24
N GLN J 52 -41.90 24.65 -4.42
CA GLN J 52 -42.48 25.97 -4.69
C GLN J 52 -43.40 25.94 -5.97
N ALA J 53 -42.90 25.35 -7.05
CA ALA J 53 -43.68 25.18 -8.31
C ALA J 53 -45.01 24.41 -8.14
N GLN J 54 -45.05 23.39 -7.29
CA GLN J 54 -46.28 22.72 -6.99
C GLN J 54 -47.25 23.58 -6.23
N ASP J 55 -46.74 24.40 -5.32
CA ASP J 55 -47.53 25.30 -4.54
C ASP J 55 -46.69 26.31 -3.80
N SER J 56 -46.92 27.57 -4.14
CA SER J 56 -46.07 28.61 -3.72
C SER J 56 -46.48 29.24 -2.43
N GLU J 57 -47.46 28.65 -1.74
CA GLU J 57 -47.99 29.24 -0.48
C GLU J 57 -47.84 28.34 0.75
N LYS J 58 -48.02 27.04 0.58
CA LYS J 58 -47.89 26.08 1.68
C LYS J 58 -46.43 25.92 2.19
N ASP J 59 -46.31 25.83 3.50
CA ASP J 59 -45.05 25.63 4.14
C ASP J 59 -44.31 24.41 3.60
N ILE J 60 -42.98 24.53 3.60
CA ILE J 60 -42.03 23.43 3.39
C ILE J 60 -41.39 23.15 4.77
N TYR J 61 -41.04 21.90 4.97
CA TYR J 61 -40.46 21.44 6.22
C TYR J 61 -39.13 20.80 5.89
N LEU J 62 -38.06 21.42 6.36
CA LEU J 62 -36.69 20.91 6.22
C LEU J 62 -36.24 20.30 7.53
N TYR J 63 -36.02 19.01 7.52
CA TYR J 63 -35.57 18.28 8.67
C TYR J 63 -34.04 18.14 8.58
N ILE J 64 -33.35 18.49 9.67
CA ILE J 64 -31.89 18.58 9.67
C ILE J 64 -31.28 17.63 10.71
N ASN J 65 -30.54 16.65 10.20
CA ASN J 65 -29.60 15.87 10.96
C ASN J 65 -28.28 15.80 10.16
N SER J 66 -27.32 16.67 10.46
CA SER J 66 -26.15 16.90 9.63
C SER J 66 -24.96 17.48 10.38
N PRO J 67 -23.75 16.93 10.15
CA PRO J 67 -22.51 17.49 10.71
C PRO J 67 -22.01 18.71 9.95
N GLY J 68 -22.76 19.16 8.94
CA GLY J 68 -22.39 20.31 8.18
C GLY J 68 -21.61 19.89 6.96
N GLY J 69 -20.74 20.76 6.49
CA GLY J 69 -19.97 20.46 5.28
C GLY J 69 -19.58 21.72 4.52
N SER J 70 -19.64 21.64 3.21
CA SER J 70 -19.17 22.70 2.33
C SER J 70 -20.02 23.95 2.56
N VAL J 71 -19.36 25.08 2.71
CA VAL J 71 -19.99 26.38 2.94
C VAL J 71 -20.72 26.88 1.68
N THR J 72 -20.12 26.75 0.51
CA THR J 72 -20.75 27.24 -0.73
C THR J 72 -21.95 26.39 -1.03
N ALA J 73 -21.83 25.08 -0.85
CA ALA J 73 -22.98 24.22 -0.96
C ALA J 73 -24.12 24.64 0.01
N GLY J 74 -23.73 24.94 1.24
CA GLY J 74 -24.66 25.39 2.28
C GLY J 74 -25.31 26.66 1.83
N PHE J 75 -24.54 27.51 1.19
CA PHE J 75 -25.15 28.75 0.67
C PHE J 75 -26.08 28.60 -0.55
N ALA J 76 -25.84 27.62 -1.37
CA ALA J 76 -26.78 27.25 -2.44
C ALA J 76 -28.14 26.98 -1.80
N ILE J 77 -28.14 26.21 -0.71
CA ILE J 77 -29.37 25.91 -0.02
C ILE J 77 -29.97 27.17 0.63
N TYR J 78 -29.14 27.93 1.36
CA TYR J 78 -29.61 29.08 2.09
C TYR J 78 -30.28 30.09 1.17
N ASP J 79 -29.62 30.42 0.07
CA ASP J 79 -30.13 31.39 -0.87
C ASP J 79 -31.40 30.88 -1.54
N THR J 80 -31.47 29.58 -1.79
CA THR J 80 -32.69 29.06 -2.35
C THR J 80 -33.84 29.22 -1.35
N ILE J 81 -33.62 28.86 -0.11
CA ILE J 81 -34.60 29.09 0.97
C ILE J 81 -35.13 30.53 1.02
N GLN J 82 -34.24 31.49 1.11
CA GLN J 82 -34.64 32.88 1.17
C GLN J 82 -35.35 33.38 -0.12
N HIS J 83 -35.02 32.80 -1.27
CA HIS J 83 -35.57 33.23 -2.53
C HIS J 83 -37.07 32.80 -2.69
N ILE J 84 -37.39 31.58 -2.33
CA ILE J 84 -38.70 31.02 -2.63
C ILE J 84 -39.75 31.70 -1.72
N LYS J 85 -41.00 31.70 -2.15
CA LYS J 85 -42.09 32.31 -1.41
C LYS J 85 -42.49 31.52 -0.16
N PRO J 86 -42.65 30.19 -0.27
CA PRO J 86 -43.08 29.51 0.92
C PRO J 86 -42.10 29.64 2.07
N ASP J 87 -42.64 29.80 3.27
CA ASP J 87 -41.87 29.60 4.51
C ASP J 87 -41.27 28.17 4.56
N VAL J 88 -40.01 28.07 4.97
CA VAL J 88 -39.36 26.80 5.19
C VAL J 88 -39.13 26.69 6.68
N GLN J 89 -39.83 25.78 7.29
CA GLN J 89 -39.61 25.44 8.66
C GLN J 89 -38.35 24.57 8.72
N THR J 90 -37.60 24.67 9.80
CA THR J 90 -36.46 23.85 9.98
C THR J 90 -36.62 23.11 11.26
N ILE J 91 -36.25 21.84 11.25
CA ILE J 91 -36.37 21.04 12.45
C ILE J 91 -35.08 20.26 12.60
N CYS J 92 -34.40 20.50 13.69
CA CYS J 92 -33.22 19.76 14.04
C CYS J 92 -33.55 18.51 14.86
N ILE J 93 -33.15 17.35 14.33
CA ILE J 93 -33.25 16.05 14.97
C ILE J 93 -31.82 15.50 15.05
N GLY J 94 -31.42 15.03 16.21
CA GLY J 94 -30.08 14.49 16.39
C GLY J 94 -29.04 15.58 16.53
N MET J 95 -28.66 16.15 15.38
CA MET J 95 -27.50 17.06 15.28
C MET J 95 -27.60 18.11 14.18
N ALA J 96 -27.38 19.38 14.49
CA ALA J 96 -27.04 20.30 13.43
C ALA J 96 -25.74 21.01 13.80
N ALA J 97 -24.70 20.73 13.04
CA ALA J 97 -23.33 21.24 13.31
C ALA J 97 -22.84 22.03 12.13
N SER J 98 -22.12 23.11 12.42
CA SER J 98 -21.46 23.92 11.38
C SER J 98 -22.44 24.48 10.37
N MET J 99 -22.23 24.25 9.07
CA MET J 99 -23.21 24.70 8.08
C MET J 99 -24.62 24.12 8.31
N GLY J 100 -24.71 22.95 8.96
CA GLY J 100 -26.00 22.43 9.38
C GLY J 100 -26.72 23.39 10.38
N SER J 101 -26.01 23.92 11.36
CA SER J 101 -26.65 24.86 12.32
C SER J 101 -26.95 26.20 11.65
N PHE J 102 -26.14 26.61 10.66
CA PHE J 102 -26.38 27.83 9.93
C PHE J 102 -27.73 27.71 9.18
N LEU J 103 -27.96 26.55 8.56
CA LEU J 103 -29.22 26.29 7.84
C LEU J 103 -30.41 26.11 8.76
N LEU J 104 -30.20 25.45 9.91
CA LEU J 104 -31.22 25.45 10.97
C LEU J 104 -31.74 26.90 11.28
N ALA J 105 -30.80 27.81 11.45
CA ALA J 105 -31.08 29.19 11.80
C ALA J 105 -31.69 29.99 10.70
N ALA J 106 -31.56 29.50 9.45
CA ALA J 106 -32.11 30.09 8.25
C ALA J 106 -33.61 29.85 8.01
N GLY J 107 -34.22 28.97 8.80
CA GLY J 107 -35.65 28.70 8.67
C GLY J 107 -36.51 29.92 8.93
N ALA J 108 -37.74 29.89 8.48
CA ALA J 108 -38.65 31.03 8.64
C ALA J 108 -38.80 31.38 10.14
N LYS J 109 -38.76 32.66 10.43
CA LYS J 109 -38.72 33.13 11.80
C LYS J 109 -39.99 32.67 12.50
N GLY J 110 -39.85 32.05 13.64
CA GLY J 110 -40.98 31.47 14.34
C GLY J 110 -41.14 30.01 14.02
N LYS J 111 -40.54 29.51 12.94
CA LYS J 111 -40.77 28.10 12.59
C LYS J 111 -39.45 27.33 12.54
N ARG J 112 -38.56 27.62 13.49
CA ARG J 112 -37.28 26.92 13.68
C ARG J 112 -37.29 26.15 14.98
N PHE J 113 -37.04 24.86 14.91
CA PHE J 113 -37.29 23.97 16.00
C PHE J 113 -36.17 23.02 16.16
N ALA J 114 -36.07 22.48 17.35
CA ALA J 114 -35.24 21.32 17.60
C ALA J 114 -35.93 20.38 18.60
N LEU J 115 -35.61 19.11 18.50
CA LEU J 115 -36.08 18.16 19.47
C LEU J 115 -35.25 18.23 20.74
N PRO J 116 -35.79 17.73 21.87
CA PRO J 116 -35.20 18.11 23.18
C PRO J 116 -33.81 17.66 23.38
N ASN J 117 -33.47 16.55 22.73
CA ASN J 117 -32.14 16.00 22.86
C ASN J 117 -31.23 16.24 21.65
N ALA J 118 -31.68 17.05 20.70
CA ALA J 118 -30.85 17.44 19.60
C ALA J 118 -29.66 18.28 20.05
N GLU J 119 -28.52 18.06 19.37
CA GLU J 119 -27.30 18.88 19.52
C GLU J 119 -27.12 19.93 18.39
N VAL J 120 -26.79 21.14 18.79
CA VAL J 120 -26.50 22.19 17.87
C VAL J 120 -25.05 22.57 18.11
N MET J 121 -24.24 22.70 17.08
CA MET J 121 -22.87 23.12 17.26
C MET J 121 -22.52 24.19 16.25
N ILE J 122 -21.88 25.25 16.75
CA ILE J 122 -21.40 26.35 15.92
C ILE J 122 -19.90 26.49 16.11
N HIS J 123 -19.25 26.96 15.07
CA HIS J 123 -17.80 27.08 14.96
C HIS J 123 -17.45 27.86 13.70
N GLN J 124 -16.19 28.22 13.62
CA GLN J 124 -15.70 28.95 12.46
C GLN J 124 -15.38 28.00 11.30
N PRO J 125 -15.40 28.54 10.08
CA PRO J 125 -15.04 27.70 8.92
C PRO J 125 -13.61 27.20 8.94
N LEU J 126 -13.49 26.07 8.26
CA LEU J 126 -12.32 25.25 8.15
C LEU J 126 -11.92 25.30 6.72
N GLY J 127 -10.61 25.21 6.49
CA GLY J 127 -10.06 25.19 5.17
C GLY J 127 -8.57 24.91 5.09
N GLY J 128 -8.01 25.27 3.95
CA GLY J 128 -6.62 25.09 3.70
C GLY J 128 -6.07 26.02 2.62
N ALA J 129 -4.76 25.98 2.44
CA ALA J 129 -4.02 26.83 1.51
C ALA J 129 -2.56 26.40 1.52
N GLN J 130 -1.97 26.35 0.35
CA GLN J 130 -0.68 25.74 0.15
C GLN J 130 -0.07 26.49 -1.03
N GLY J 131 1.21 26.80 -0.97
CA GLY J 131 1.92 27.42 -2.11
C GLY J 131 2.66 28.67 -1.72
N GLN J 132 2.68 29.64 -2.62
CA GLN J 132 3.49 30.82 -2.43
C GLN J 132 2.83 31.73 -1.40
N ALA J 133 3.63 32.54 -0.70
CA ALA J 133 3.10 33.48 0.27
C ALA J 133 1.85 34.23 -0.27
N THR J 134 1.93 34.76 -1.46
CA THR J 134 0.80 35.45 -2.13
C THR J 134 -0.48 34.57 -2.28
N GLU J 135 -0.29 33.29 -2.61
CA GLU J 135 -1.39 32.39 -2.75
C GLU J 135 -2.00 32.17 -1.38
N ILE J 136 -1.20 32.02 -0.36
CA ILE J 136 -1.72 31.76 0.99
C ILE J 136 -2.52 32.95 1.50
N GLU J 137 -2.02 34.14 1.18
CA GLU J 137 -2.61 35.40 1.51
C GLU J 137 -4.04 35.44 0.93
N ILE J 138 -4.13 35.09 -0.36
CA ILE J 138 -5.39 35.07 -1.08
C ILE J 138 -6.33 34.08 -0.45
N ALA J 139 -5.88 32.88 -0.20
CA ALA J 139 -6.75 31.87 0.46
C ALA J 139 -7.18 32.35 1.87
N ALA J 140 -6.25 32.97 2.60
CA ALA J 140 -6.54 33.53 3.90
C ALA J 140 -7.61 34.59 3.84
N ASN J 141 -7.47 35.53 2.92
CA ASN J 141 -8.45 36.62 2.80
C ASN J 141 -9.83 36.12 2.43
N HIS J 142 -9.88 35.12 1.58
CA HIS J 142 -11.10 34.53 1.16
C HIS J 142 -11.86 33.83 2.30
N ILE J 143 -11.20 32.98 3.07
CA ILE J 143 -11.88 32.30 4.17
C ILE J 143 -12.26 33.31 5.30
N LEU J 144 -11.43 34.34 5.52
CA LEU J 144 -11.79 35.40 6.45
C LEU J 144 -13.05 36.17 5.99
N LYS J 145 -13.09 36.57 4.73
CA LYS J 145 -14.31 37.20 4.18
C LYS J 145 -15.49 36.19 4.22
N THR J 146 -15.22 34.91 4.01
CA THR J 146 -16.30 33.95 4.10
C THR J 146 -16.87 33.91 5.55
N ARG J 147 -15.97 33.86 6.53
CA ARG J 147 -16.39 33.90 7.92
C ARG J 147 -17.20 35.14 8.25
N GLU J 148 -16.77 36.28 7.73
CA GLU J 148 -17.51 37.56 8.00
C GLU J 148 -18.91 37.54 7.40
N LYS J 149 -19.07 36.92 6.25
CA LYS J 149 -20.42 36.72 5.64
C LYS J 149 -21.29 35.82 6.48
N LEU J 150 -20.76 34.69 6.90
CA LEU J 150 -21.51 33.80 7.75
C LEU J 150 -21.96 34.50 9.04
N ASN J 151 -21.02 35.21 9.67
CA ASN J 151 -21.30 35.89 10.93
C ASN J 151 -22.34 36.98 10.83
N ARG J 152 -22.27 37.75 9.75
CA ARG J 152 -23.20 38.81 9.57
C ARG J 152 -24.60 38.24 9.37
N ILE J 153 -24.72 37.14 8.61
CA ILE J 153 -26.05 36.56 8.47
C ILE J 153 -26.53 35.91 9.79
N LEU J 154 -25.65 35.19 10.48
CA LEU J 154 -26.01 34.62 11.79
C LEU J 154 -26.45 35.70 12.76
N SER J 155 -25.79 36.85 12.71
CA SER J 155 -26.16 37.96 13.59
C SER J 155 -27.58 38.38 13.38
N GLU J 156 -27.91 38.67 12.15
CA GLU J 156 -29.26 39.04 11.77
C GLU J 156 -30.33 38.02 12.10
N ARG J 157 -29.99 36.73 11.96
CA ARG J 157 -30.94 35.64 12.29
C ARG J 157 -31.15 35.33 13.70
N THR J 158 -30.09 35.55 14.49
CA THR J 158 -30.16 35.20 15.90
C THR J 158 -30.54 36.44 16.76
N GLY J 159 -30.30 37.66 16.29
CA GLY J 159 -30.32 38.81 17.19
C GLY J 159 -29.01 38.99 17.96
N GLN J 160 -28.03 38.09 17.84
CA GLN J 160 -26.73 38.33 18.52
C GLN J 160 -25.87 39.32 17.73
N SER J 161 -25.02 40.09 18.42
CA SER J 161 -24.02 40.83 17.69
C SER J 161 -22.98 39.91 16.89
N ILE J 162 -22.39 40.51 15.86
CA ILE J 162 -21.28 39.98 15.08
C ILE J 162 -20.10 39.61 15.98
N GLU J 163 -19.70 40.56 16.85
CA GLU J 163 -18.64 40.36 17.82
C GLU J 163 -18.93 39.17 18.70
N LYS J 164 -20.17 39.02 19.17
CA LYS J 164 -20.51 37.85 19.98
C LYS J 164 -20.43 36.53 19.14
N ILE J 165 -20.96 36.55 17.93
CA ILE J 165 -20.87 35.36 17.04
C ILE J 165 -19.37 34.99 16.82
N GLN J 166 -18.56 36.00 16.54
CA GLN J 166 -17.13 35.81 16.36
C GLN J 166 -16.49 35.05 17.54
N LYS J 167 -16.70 35.58 18.73
CA LYS J 167 -16.14 35.00 19.95
C LYS J 167 -16.72 33.61 20.29
N ASP J 168 -18.03 33.42 20.12
CA ASP J 168 -18.61 32.13 20.44
C ASP J 168 -18.32 31.06 19.42
N THR J 169 -17.87 31.42 18.21
CA THR J 169 -17.45 30.43 17.16
C THR J 169 -15.95 30.21 17.00
N ASP J 170 -15.19 30.88 17.83
CA ASP J 170 -13.73 30.75 17.78
C ASP J 170 -13.36 29.30 17.89
N ARG J 171 -14.01 28.58 18.79
CA ARG J 171 -13.85 27.12 18.91
C ARG J 171 -15.20 26.45 18.87
N ASP J 172 -15.19 25.13 18.71
CA ASP J 172 -16.38 24.31 18.70
C ASP J 172 -17.20 24.67 19.95
N ASN J 173 -18.44 25.07 19.72
CA ASN J 173 -19.31 25.44 20.75
C ASN J 173 -20.63 24.58 20.65
N PHE J 174 -20.77 23.60 21.53
CA PHE J 174 -21.91 22.71 21.58
C PHE J 174 -23.00 23.30 22.41
N LEU J 175 -24.19 23.46 21.83
CA LEU J 175 -25.40 23.89 22.50
C LEU J 175 -26.42 22.76 22.61
N THR J 176 -27.12 22.69 23.75
CA THR J 176 -28.39 21.95 23.83
C THR J 176 -29.51 22.64 23.04
N ALA J 177 -30.61 21.91 22.84
CA ALA J 177 -31.80 22.49 22.25
C ALA J 177 -32.21 23.79 22.98
N GLU J 178 -32.22 23.74 24.32
CA GLU J 178 -32.65 24.89 25.11
C GLU J 178 -31.71 26.03 24.97
N GLU J 179 -30.40 25.75 24.95
CA GLU J 179 -29.41 26.81 24.71
C GLU J 179 -29.49 27.42 23.33
N ALA J 180 -29.82 26.58 22.34
CA ALA J 180 -29.95 27.06 20.95
C ALA J 180 -31.10 28.04 20.87
N LYS J 181 -32.15 27.76 21.63
CA LYS J 181 -33.33 28.61 21.63
C LYS J 181 -33.04 30.03 22.23
N GLU J 182 -32.36 30.04 23.37
CA GLU J 182 -31.88 31.26 24.05
C GLU J 182 -30.91 31.98 23.18
N TYR J 183 -30.08 31.24 22.43
CA TYR J 183 -29.18 31.85 21.47
C TYR J 183 -29.88 32.57 20.31
N GLY J 184 -31.13 32.19 20.00
CA GLY J 184 -31.83 32.69 18.80
C GLY J 184 -31.56 31.87 17.51
N LEU J 185 -30.96 30.71 17.61
CA LEU J 185 -30.75 29.85 16.45
C LEU J 185 -32.07 29.10 16.09
N ILE J 186 -32.92 28.86 17.10
CA ILE J 186 -34.23 28.24 16.91
C ILE J 186 -35.20 29.03 17.71
N ASP J 187 -36.48 28.88 17.40
CA ASP J 187 -37.56 29.56 18.12
C ASP J 187 -38.19 28.75 19.27
N GLU J 188 -38.22 27.43 19.15
CA GLU J 188 -38.89 26.56 20.09
C GLU J 188 -38.23 25.20 20.17
N VAL J 189 -38.23 24.62 21.35
CA VAL J 189 -37.93 23.23 21.56
C VAL J 189 -39.25 22.45 21.35
N MET J 190 -39.25 21.48 20.46
CA MET J 190 -40.44 20.70 20.15
C MET J 190 -40.65 19.67 21.26
N VAL J 191 -41.67 19.90 22.07
CA VAL J 191 -41.94 19.11 23.26
C VAL J 191 -42.93 18.04 22.85
N PRO J 192 -42.77 16.83 23.42
CA PRO J 192 -43.51 15.65 22.89
C PRO J 192 -45.09 15.70 22.93
N ILE K 4 -32.91 -8.49 0.43
CA ILE K 4 -32.71 -9.21 -0.88
C ILE K 4 -34.02 -9.86 -1.41
N PRO K 5 -34.65 -10.78 -0.63
CA PRO K 5 -35.80 -11.51 -1.18
C PRO K 5 -37.13 -10.73 -1.12
N THR K 6 -38.01 -11.07 -2.06
CA THR K 6 -39.26 -10.34 -2.30
C THR K 6 -40.51 -11.22 -2.01
N VAL K 7 -41.66 -10.57 -1.94
CA VAL K 7 -42.95 -11.20 -1.56
C VAL K 7 -44.10 -10.33 -2.08
N TYR K 18 -43.08 -6.24 -3.46
CA TYR K 18 -42.57 -5.69 -2.19
C TYR K 18 -41.48 -6.61 -1.63
N ASP K 19 -40.31 -6.05 -1.31
CA ASP K 19 -39.32 -6.74 -0.49
C ASP K 19 -39.79 -6.90 0.98
N ILE K 20 -39.13 -7.79 1.70
CA ILE K 20 -39.63 -8.32 2.94
C ILE K 20 -39.80 -7.20 4.00
N TYR K 21 -38.81 -6.31 4.08
CA TYR K 21 -38.89 -5.20 5.04
C TYR K 21 -40.06 -4.26 4.79
N SER K 22 -40.24 -3.91 3.52
CA SER K 22 -41.39 -3.12 3.11
C SER K 22 -42.71 -3.84 3.45
N ARG K 23 -42.78 -5.16 3.27
CA ARG K 23 -43.99 -5.87 3.68
C ARG K 23 -44.21 -5.78 5.19
N LEU K 24 -43.15 -5.89 5.99
CA LEU K 24 -43.32 -5.77 7.48
C LEU K 24 -43.66 -4.33 7.90
N LEU K 25 -43.18 -3.38 7.12
CA LEU K 25 -43.49 -2.02 7.38
C LEU K 25 -45.01 -1.79 7.21
N LYS K 26 -45.64 -2.52 6.29
CA LYS K 26 -47.14 -2.50 6.21
C LYS K 26 -47.79 -2.99 7.52
N ASP K 27 -47.18 -3.93 8.24
CA ASP K 27 -47.63 -4.31 9.62
C ASP K 27 -47.19 -3.40 10.80
N ARG K 28 -46.65 -2.22 10.48
CA ARG K 28 -46.13 -1.27 11.48
C ARG K 28 -44.89 -1.79 12.22
N ILE K 29 -44.15 -2.67 11.55
CA ILE K 29 -42.89 -3.16 12.07
C ILE K 29 -41.74 -2.42 11.39
N ILE K 30 -40.87 -1.80 12.21
CA ILE K 30 -39.62 -1.19 11.77
C ILE K 30 -38.45 -2.03 12.27
N MET K 31 -37.50 -2.38 11.39
CA MET K 31 -36.36 -3.21 11.73
C MET K 31 -35.13 -2.32 11.89
N LEU K 32 -34.50 -2.36 13.05
CA LEU K 32 -33.24 -1.64 13.30
C LEU K 32 -32.30 -2.76 13.51
N GLY K 33 -31.68 -3.19 12.43
CA GLY K 33 -30.79 -4.34 12.39
C GLY K 33 -29.36 -4.05 11.95
N SER K 34 -28.83 -2.88 12.31
CA SER K 34 -27.43 -2.56 12.03
C SER K 34 -26.92 -1.57 12.99
N GLN K 35 -25.66 -1.23 12.82
CA GLN K 35 -25.04 -0.08 13.45
C GLN K 35 -25.89 1.19 13.20
N ILE K 36 -25.88 2.11 14.17
CA ILE K 36 -26.69 3.30 14.12
C ILE K 36 -25.77 4.43 13.62
N ASP K 37 -26.01 4.89 12.40
CA ASP K 37 -25.30 6.04 11.83
C ASP K 37 -26.41 6.96 11.38
N ASP K 38 -26.00 8.08 10.82
CA ASP K 38 -26.94 9.05 10.33
C ASP K 38 -27.94 8.47 9.32
N ASN K 39 -27.51 7.60 8.42
CA ASN K 39 -28.38 7.03 7.40
C ASN K 39 -29.49 6.18 7.98
N VAL K 40 -29.10 5.34 8.93
CA VAL K 40 -30.03 4.45 9.61
C VAL K 40 -31.03 5.25 10.38
N ALA K 41 -30.56 6.24 11.13
CA ALA K 41 -31.45 7.10 11.89
C ALA K 41 -32.47 7.80 11.05
N ASN K 42 -32.06 8.43 9.95
CA ASN K 42 -33.03 9.17 9.10
C ASN K 42 -34.08 8.23 8.51
N SER K 43 -33.68 7.01 8.17
CA SER K 43 -34.62 5.99 7.71
C SER K 43 -35.58 5.57 8.82
N ILE K 44 -35.09 5.36 10.04
CA ILE K 44 -35.94 4.93 11.13
C ILE K 44 -36.93 6.06 11.42
N VAL K 45 -36.41 7.28 11.54
CA VAL K 45 -37.22 8.44 11.83
C VAL K 45 -38.36 8.58 10.76
N SER K 46 -37.99 8.51 9.49
CA SER K 46 -38.97 8.65 8.44
C SER K 46 -40.05 7.58 8.55
N GLN K 47 -39.64 6.36 8.92
CA GLN K 47 -40.58 5.26 9.07
C GLN K 47 -41.53 5.54 10.20
N LEU K 48 -41.01 6.07 11.28
CA LEU K 48 -41.84 6.39 12.41
C LEU K 48 -42.82 7.48 12.08
N LEU K 49 -42.36 8.51 11.37
CA LEU K 49 -43.23 9.62 11.01
C LEU K 49 -44.34 9.15 10.06
N PHE K 50 -43.94 8.36 9.07
CA PHE K 50 -44.84 7.77 8.08
C PHE K 50 -45.96 6.96 8.74
N LEU K 51 -45.60 6.10 9.67
CA LEU K 51 -46.55 5.32 10.39
C LEU K 51 -47.50 6.12 11.22
N GLN K 52 -47.00 7.16 11.91
CA GLN K 52 -47.86 7.99 12.70
C GLN K 52 -48.89 8.71 11.83
N ALA K 53 -48.46 9.20 10.68
CA ALA K 53 -49.36 9.82 9.71
C ALA K 53 -50.45 8.86 9.12
N GLN K 54 -50.14 7.58 8.96
CA GLN K 54 -51.16 6.59 8.49
C GLN K 54 -52.20 6.25 9.54
N ASP K 55 -51.77 6.18 10.80
CA ASP K 55 -52.64 5.93 11.92
C ASP K 55 -51.89 6.38 13.19
N SER K 56 -52.44 7.35 13.91
CA SER K 56 -51.80 7.87 15.10
C SER K 56 -52.21 7.18 16.40
N GLU K 57 -53.04 6.13 16.32
CA GLU K 57 -53.46 5.32 17.49
C GLU K 57 -52.79 3.96 17.62
N LYS K 58 -52.69 3.25 16.51
CA LYS K 58 -52.12 1.91 16.51
C LYS K 58 -50.60 1.84 16.79
N ASP K 59 -50.23 0.84 17.57
CA ASP K 59 -48.88 0.56 17.95
C ASP K 59 -47.92 0.42 16.75
N ILE K 60 -46.67 0.84 17.02
CA ILE K 60 -45.54 0.58 16.15
C ILE K 60 -44.68 -0.39 16.93
N TYR K 61 -44.01 -1.26 16.20
CA TYR K 61 -43.14 -2.30 16.77
C TYR K 61 -41.76 -2.03 16.20
N LEU K 62 -40.80 -1.69 17.08
CA LEU K 62 -39.37 -1.54 16.71
C LEU K 62 -38.56 -2.76 17.09
N TYR K 63 -38.09 -3.46 16.08
CA TYR K 63 -37.30 -4.67 16.36
C TYR K 63 -35.81 -4.27 16.35
N ILE K 64 -35.05 -4.68 17.37
CA ILE K 64 -33.68 -4.22 17.57
C ILE K 64 -32.68 -5.34 17.54
N ASN K 65 -31.78 -5.32 16.55
CA ASN K 65 -30.56 -6.13 16.58
C ASN K 65 -29.40 -5.25 16.15
N SER K 66 -28.72 -4.63 17.12
CA SER K 66 -27.77 -3.58 16.84
C SER K 66 -26.63 -3.50 17.84
N PRO K 67 -25.42 -3.31 17.35
CA PRO K 67 -24.30 -3.05 18.24
C PRO K 67 -24.24 -1.59 18.71
N GLY K 68 -25.16 -0.72 18.30
CA GLY K 68 -25.15 0.68 18.72
C GLY K 68 -24.51 1.52 17.63
N GLY K 69 -23.88 2.64 17.99
CA GLY K 69 -23.30 3.55 17.01
C GLY K 69 -23.34 4.99 17.52
N SER K 70 -23.67 5.90 16.62
CA SER K 70 -23.71 7.29 16.89
C SER K 70 -24.79 7.62 17.89
N VAL K 71 -24.34 8.23 18.97
CA VAL K 71 -25.20 8.84 20.00
C VAL K 71 -26.15 9.88 19.43
N THR K 72 -25.65 10.77 18.58
CA THR K 72 -26.61 11.82 18.07
C THR K 72 -27.63 11.17 17.11
N ALA K 73 -27.21 10.16 16.36
CA ALA K 73 -28.17 9.44 15.47
C ALA K 73 -29.25 8.70 16.29
N GLY K 74 -28.81 8.07 17.37
CA GLY K 74 -29.66 7.40 18.29
C GLY K 74 -30.61 8.35 18.94
N PHE K 75 -30.14 9.55 19.27
CA PHE K 75 -31.06 10.49 19.82
C PHE K 75 -32.09 10.99 18.82
N ALA K 76 -31.73 11.07 17.55
CA ALA K 76 -32.75 11.43 16.55
C ALA K 76 -33.92 10.43 16.65
N ILE K 77 -33.59 9.14 16.76
CA ILE K 77 -34.58 8.07 16.91
C ILE K 77 -35.35 8.26 18.21
N TYR K 78 -34.63 8.39 19.30
CA TYR K 78 -35.20 8.48 20.60
C TYR K 78 -36.21 9.59 20.69
N ASP K 79 -35.83 10.80 20.28
CA ASP K 79 -36.71 11.94 20.39
C ASP K 79 -37.92 11.78 19.47
N THR K 80 -37.73 11.14 18.33
CA THR K 80 -38.86 10.82 17.45
C THR K 80 -39.87 9.84 18.06
N ILE K 81 -39.36 8.81 18.71
CA ILE K 81 -40.19 7.86 19.42
C ILE K 81 -40.97 8.67 20.42
N GLN K 82 -40.29 9.47 21.23
CA GLN K 82 -41.01 10.15 22.32
C GLN K 82 -41.96 11.20 21.79
N HIS K 83 -41.70 11.77 20.62
CA HIS K 83 -42.58 12.79 20.11
C HIS K 83 -43.97 12.29 19.56
N ILE K 84 -43.99 11.16 18.85
CA ILE K 84 -45.18 10.68 18.18
C ILE K 84 -46.26 10.12 19.16
N LYS K 85 -47.53 10.20 18.74
CA LYS K 85 -48.69 9.70 19.56
C LYS K 85 -48.58 8.19 19.84
N PRO K 86 -48.46 7.35 18.80
CA PRO K 86 -48.42 5.91 19.02
C PRO K 86 -47.38 5.39 20.00
N ASP K 87 -47.76 4.36 20.75
CA ASP K 87 -46.81 3.59 21.59
C ASP K 87 -45.83 2.85 20.63
N VAL K 88 -44.53 2.95 20.94
CA VAL K 88 -43.49 2.20 20.23
C VAL K 88 -42.99 1.07 21.12
N GLN K 89 -43.36 -0.14 20.72
CA GLN K 89 -42.86 -1.34 21.40
C GLN K 89 -41.45 -1.57 20.89
N THR K 90 -40.59 -2.12 21.74
CA THR K 90 -39.23 -2.49 21.38
C THR K 90 -39.01 -3.95 21.72
N ILE K 91 -38.47 -4.70 20.75
CA ILE K 91 -38.16 -6.09 20.95
C ILE K 91 -36.69 -6.25 20.58
N CYS K 92 -35.87 -6.67 21.55
CA CYS K 92 -34.50 -7.08 21.30
C CYS K 92 -34.37 -8.55 20.86
N ILE K 93 -33.91 -8.74 19.64
CA ILE K 93 -33.51 -10.05 19.10
C ILE K 93 -31.96 -10.05 18.84
N GLY K 94 -31.25 -11.09 19.22
CA GLY K 94 -29.82 -11.12 19.04
C GLY K 94 -29.07 -10.25 20.03
N MET K 95 -29.02 -8.93 19.77
CA MET K 95 -28.28 -8.00 20.64
C MET K 95 -28.78 -6.56 20.64
N ALA K 96 -28.60 -5.89 21.77
CA ALA K 96 -28.79 -4.47 21.87
C ALA K 96 -27.69 -3.96 22.79
N ALA K 97 -26.68 -3.35 22.17
CA ALA K 97 -25.51 -2.86 22.87
C ALA K 97 -25.41 -1.35 22.72
N SER K 98 -24.91 -0.67 23.73
CA SER K 98 -24.63 0.80 23.68
C SER K 98 -25.89 1.59 23.34
N MET K 99 -25.88 2.37 22.22
CA MET K 99 -27.07 3.13 21.88
C MET K 99 -28.28 2.23 21.49
N GLY K 100 -28.02 0.98 21.07
CA GLY K 100 -29.04 -0.02 20.82
C GLY K 100 -29.82 -0.42 22.08
N SER K 101 -29.11 -0.58 23.20
CA SER K 101 -29.76 -0.84 24.50
C SER K 101 -30.49 0.41 24.98
N PHE K 102 -29.95 1.60 24.71
CA PHE K 102 -30.63 2.83 25.14
C PHE K 102 -31.95 2.92 24.41
N LEU K 103 -31.95 2.59 23.12
CA LEU K 103 -33.19 2.60 22.36
C LEU K 103 -34.18 1.50 22.79
N LEU K 104 -33.67 0.37 23.19
CA LEU K 104 -34.52 -0.69 23.68
C LEU K 104 -35.31 -0.20 24.92
N ALA K 105 -34.59 0.46 25.84
CA ALA K 105 -35.15 1.02 27.07
C ALA K 105 -36.08 2.17 26.83
N ALA K 106 -36.07 2.70 25.63
CA ALA K 106 -36.88 3.83 25.27
C ALA K 106 -38.28 3.47 24.75
N GLY K 107 -38.57 2.21 24.58
CA GLY K 107 -39.92 1.81 24.18
C GLY K 107 -40.99 2.15 25.22
N ALA K 108 -42.24 2.12 24.81
CA ALA K 108 -43.36 2.49 25.71
C ALA K 108 -43.34 1.55 26.90
N LYS K 109 -43.54 2.09 28.08
CA LYS K 109 -43.50 1.32 29.35
C LYS K 109 -44.51 0.16 29.30
N GLY K 110 -44.12 -1.01 29.79
CA GLY K 110 -44.87 -2.24 29.66
C GLY K 110 -44.75 -2.97 28.33
N LYS K 111 -44.05 -2.39 27.35
CA LYS K 111 -43.97 -2.93 25.96
C LYS K 111 -42.54 -3.05 25.39
N ARG K 112 -41.60 -3.35 26.29
CA ARG K 112 -40.21 -3.49 26.01
C ARG K 112 -39.87 -4.95 26.34
N PHE K 113 -39.42 -5.63 25.30
CA PHE K 113 -39.20 -7.06 25.30
C PHE K 113 -37.82 -7.44 24.82
N ALA K 114 -37.41 -8.64 25.19
CA ALA K 114 -36.25 -9.27 24.62
C ALA K 114 -36.51 -10.75 24.52
N LEU K 115 -36.02 -11.35 23.45
CA LEU K 115 -36.00 -12.78 23.30
C LEU K 115 -35.05 -13.46 24.31
N PRO K 116 -35.26 -14.77 24.59
CA PRO K 116 -34.62 -15.32 25.78
C PRO K 116 -33.09 -15.31 25.72
N ASN K 117 -32.55 -15.44 24.50
CA ASN K 117 -31.14 -15.52 24.30
C ASN K 117 -30.45 -14.26 23.81
N ALA K 118 -31.16 -13.13 23.89
CA ALA K 118 -30.67 -11.86 23.47
C ALA K 118 -29.68 -11.27 24.46
N GLU K 119 -28.63 -10.63 23.95
CA GLU K 119 -27.61 -9.94 24.81
C GLU K 119 -27.95 -8.44 24.84
N VAL K 120 -27.96 -7.88 26.03
CA VAL K 120 -28.08 -6.45 26.21
C VAL K 120 -26.74 -6.00 26.86
N MET K 121 -26.17 -4.93 26.33
CA MET K 121 -24.94 -4.39 26.86
C MET K 121 -25.02 -2.89 27.03
N ILE K 122 -24.63 -2.41 28.21
CA ILE K 122 -24.60 -1.00 28.54
C ILE K 122 -23.17 -0.64 28.88
N HIS K 123 -22.77 0.57 28.51
CA HIS K 123 -21.47 1.11 28.80
C HIS K 123 -21.49 2.60 28.60
N GLN K 124 -20.40 3.24 28.95
CA GLN K 124 -20.22 4.66 28.69
C GLN K 124 -19.89 5.01 27.20
N PRO K 125 -20.27 6.23 26.74
CA PRO K 125 -19.93 6.68 25.38
C PRO K 125 -18.44 6.66 25.06
N LEU K 126 -18.13 6.33 23.81
CA LEU K 126 -16.77 6.34 23.24
C LEU K 126 -16.60 7.56 22.35
N GLY K 127 -15.38 8.07 22.28
CA GLY K 127 -15.05 9.18 21.39
C GLY K 127 -13.54 9.40 21.32
N GLY K 128 -13.17 10.62 20.97
CA GLY K 128 -11.80 10.94 20.64
C GLY K 128 -11.59 12.41 20.43
N ALA K 129 -10.33 12.81 20.52
CA ALA K 129 -9.95 14.21 20.41
C ALA K 129 -8.49 14.31 20.16
N GLN K 130 -8.12 15.22 19.27
CA GLN K 130 -6.75 15.49 18.94
C GLN K 130 -6.59 17.01 18.85
N GLY K 131 -5.44 17.50 19.31
CA GLY K 131 -5.09 18.90 19.13
C GLY K 131 -4.55 19.61 20.36
N GLN K 132 -4.90 20.88 20.45
CA GLN K 132 -4.45 21.71 21.51
C GLN K 132 -5.17 21.36 22.82
N ALA K 133 -4.48 21.63 23.95
CA ALA K 133 -5.04 21.42 25.30
C ALA K 133 -6.51 21.91 25.38
N THR K 134 -6.75 23.13 24.90
CA THR K 134 -8.06 23.78 24.87
C THR K 134 -9.11 22.99 24.05
N GLU K 135 -8.68 22.38 22.95
CA GLU K 135 -9.58 21.58 22.09
C GLU K 135 -9.90 20.24 22.75
N ILE K 136 -8.92 19.67 23.45
CA ILE K 136 -9.14 18.43 24.19
C ILE K 136 -10.15 18.68 25.30
N GLU K 137 -10.03 19.82 26.00
CA GLU K 137 -10.88 20.18 27.10
C GLU K 137 -12.33 20.27 26.61
N ILE K 138 -12.54 20.95 25.49
CA ILE K 138 -13.85 21.15 24.93
C ILE K 138 -14.49 19.79 24.59
N ALA K 139 -13.74 18.91 23.95
CA ALA K 139 -14.21 17.59 23.63
C ALA K 139 -14.57 16.77 24.87
N ALA K 140 -13.73 16.88 25.89
CA ALA K 140 -13.89 16.10 27.10
C ALA K 140 -15.19 16.54 27.77
N ASN K 141 -15.38 17.86 27.88
CA ASN K 141 -16.58 18.42 28.42
C ASN K 141 -17.84 18.03 27.64
N HIS K 142 -17.74 17.95 26.33
CA HIS K 142 -18.87 17.52 25.55
C HIS K 142 -19.27 16.05 25.75
N ILE K 143 -18.29 15.16 25.68
CA ILE K 143 -18.61 13.79 25.91
C ILE K 143 -19.12 13.51 27.38
N LEU K 144 -18.60 14.22 28.39
CA LEU K 144 -19.07 14.02 29.76
C LEU K 144 -20.52 14.50 29.92
N LYS K 145 -20.88 15.60 29.24
CA LYS K 145 -22.28 16.09 29.22
C LYS K 145 -23.18 15.11 28.49
N THR K 146 -22.64 14.46 27.47
CA THR K 146 -23.37 13.46 26.74
C THR K 146 -23.66 12.28 27.68
N ARG K 147 -22.64 11.86 28.41
CA ARG K 147 -22.82 10.77 29.30
C ARG K 147 -23.88 11.03 30.41
N GLU K 148 -23.89 12.21 30.99
CA GLU K 148 -24.86 12.62 31.98
C GLU K 148 -26.27 12.66 31.39
N LYS K 149 -26.42 13.21 30.19
CA LYS K 149 -27.70 13.24 29.50
C LYS K 149 -28.22 11.80 29.34
N LEU K 150 -27.38 10.90 28.86
CA LEU K 150 -27.78 9.51 28.70
C LEU K 150 -28.18 8.81 30.00
N ASN K 151 -27.37 9.04 31.01
CA ASN K 151 -27.52 8.44 32.29
C ASN K 151 -28.75 8.95 32.95
N ARG K 152 -28.99 10.25 32.84
CA ARG K 152 -30.18 10.81 33.44
C ARG K 152 -31.45 10.14 32.83
N ILE K 153 -31.45 9.96 31.52
CA ILE K 153 -32.57 9.39 30.83
C ILE K 153 -32.67 7.91 31.15
N LEU K 154 -31.54 7.21 31.14
CA LEU K 154 -31.59 5.82 31.54
C LEU K 154 -32.13 5.54 32.99
N SER K 155 -31.85 6.45 33.91
CA SER K 155 -32.31 6.39 35.29
C SER K 155 -33.81 6.42 35.36
N GLU K 156 -34.37 7.39 34.64
CA GLU K 156 -35.79 7.59 34.53
C GLU K 156 -36.51 6.42 33.89
N ARG K 157 -35.90 5.81 32.89
CA ARG K 157 -36.50 4.65 32.21
C ARG K 157 -36.41 3.34 32.99
N THR K 158 -35.36 3.08 33.74
CA THR K 158 -35.17 1.81 34.43
C THR K 158 -35.59 1.89 35.91
N GLY K 159 -35.73 3.10 36.43
CA GLY K 159 -36.01 3.34 37.83
C GLY K 159 -34.76 3.24 38.66
N GLN K 160 -33.58 3.14 38.04
CA GLN K 160 -32.33 3.10 38.82
C GLN K 160 -31.89 4.53 39.11
N SER K 161 -31.13 4.73 40.17
CA SER K 161 -30.50 6.04 40.43
C SER K 161 -29.39 6.32 39.39
N ILE K 162 -29.18 7.61 39.12
CA ILE K 162 -28.05 8.12 38.35
C ILE K 162 -26.71 7.57 38.85
N GLU K 163 -26.56 7.36 40.17
CA GLU K 163 -25.25 6.86 40.73
C GLU K 163 -24.98 5.37 40.37
N LYS K 164 -26.05 4.58 40.39
CA LYS K 164 -26.01 3.18 40.07
C LYS K 164 -25.68 2.99 38.57
N ILE K 165 -26.41 3.71 37.73
CA ILE K 165 -26.19 3.72 36.27
C ILE K 165 -24.71 4.08 35.93
N GLN K 166 -24.21 5.14 36.58
CA GLN K 166 -22.83 5.65 36.39
C GLN K 166 -21.86 4.53 36.70
N LYS K 167 -22.06 3.88 37.83
CA LYS K 167 -21.17 2.78 38.24
C LYS K 167 -21.27 1.56 37.27
N ASP K 168 -22.50 1.24 36.87
CA ASP K 168 -22.78 0.04 36.05
C ASP K 168 -22.38 0.16 34.57
N THR K 169 -22.19 1.37 34.11
CA THR K 169 -21.76 1.68 32.75
C THR K 169 -20.32 2.18 32.66
N ASP K 170 -19.61 2.20 33.79
CA ASP K 170 -18.16 2.48 33.81
C ASP K 170 -17.38 1.60 32.82
N ARG K 171 -17.74 0.33 32.72
CA ARG K 171 -17.09 -0.62 31.80
C ARG K 171 -18.19 -1.34 31.13
N ASP K 172 -17.87 -2.03 30.05
CA ASP K 172 -18.81 -2.85 29.32
C ASP K 172 -19.46 -3.80 30.33
N ASN K 173 -20.78 -3.75 30.44
CA ASN K 173 -21.55 -4.56 31.34
C ASN K 173 -22.58 -5.36 30.49
N PHE K 174 -22.34 -6.65 30.27
CA PHE K 174 -23.25 -7.49 29.49
C PHE K 174 -24.38 -8.06 30.39
N LEU K 175 -25.63 -8.00 29.92
CA LEU K 175 -26.77 -8.57 30.63
C LEU K 175 -27.51 -9.61 29.77
N THR K 176 -27.95 -10.69 30.41
CA THR K 176 -28.97 -11.60 29.84
C THR K 176 -30.32 -10.86 29.73
N ALA K 177 -31.24 -11.44 28.96
CA ALA K 177 -32.60 -10.88 28.85
C ALA K 177 -33.27 -10.77 30.23
N GLU K 178 -33.08 -11.80 31.06
CA GLU K 178 -33.63 -11.84 32.42
C GLU K 178 -32.98 -10.82 33.32
N GLU K 179 -31.65 -10.62 33.19
CA GLU K 179 -31.01 -9.50 33.92
C GLU K 179 -31.49 -8.11 33.45
N ALA K 180 -31.69 -7.91 32.15
CA ALA K 180 -32.16 -6.57 31.66
C ALA K 180 -33.57 -6.23 32.20
N LYS K 181 -34.41 -7.26 32.26
CA LYS K 181 -35.72 -7.17 32.91
C LYS K 181 -35.61 -6.76 34.38
N GLU K 182 -34.79 -7.48 35.14
CA GLU K 182 -34.49 -7.12 36.54
C GLU K 182 -33.92 -5.73 36.70
N TYR K 183 -33.04 -5.34 35.78
CA TYR K 183 -32.49 -4.01 35.78
C TYR K 183 -33.48 -2.87 35.50
N GLY K 184 -34.55 -3.15 34.77
CA GLY K 184 -35.44 -2.11 34.28
C GLY K 184 -35.29 -1.69 32.80
N LEU K 185 -34.44 -2.36 32.03
CA LEU K 185 -34.21 -1.96 30.62
C LEU K 185 -35.36 -2.44 29.71
N ILE K 186 -35.94 -3.60 30.08
CA ILE K 186 -37.09 -4.17 29.41
C ILE K 186 -38.16 -4.51 30.45
N ASP K 187 -39.38 -4.77 30.01
CA ASP K 187 -40.51 -5.15 30.91
C ASP K 187 -40.71 -6.65 31.05
N GLU K 188 -40.36 -7.37 29.97
CA GLU K 188 -40.69 -8.78 29.83
C GLU K 188 -39.68 -9.47 28.96
N VAL K 189 -39.28 -10.65 29.37
CA VAL K 189 -38.72 -11.63 28.47
C VAL K 189 -39.84 -12.35 27.72
N MET K 190 -39.69 -12.38 26.40
CA MET K 190 -40.70 -12.94 25.54
C MET K 190 -40.48 -14.44 25.43
N VAL K 191 -41.28 -15.21 26.14
CA VAL K 191 -41.14 -16.69 26.12
C VAL K 191 -41.85 -17.38 24.94
N PRO K 192 -41.35 -18.55 24.48
CA PRO K 192 -41.84 -19.15 23.24
C PRO K 192 -43.34 -19.50 23.20
N ILE L 4 -29.35 -15.40 -8.80
CA ILE L 4 -29.00 -14.96 -10.19
C ILE L 4 -30.17 -15.24 -11.19
N PRO L 5 -30.50 -16.52 -11.47
CA PRO L 5 -31.57 -16.80 -12.46
C PRO L 5 -33.04 -16.49 -12.03
N THR L 6 -33.91 -16.40 -13.04
CA THR L 6 -35.36 -16.07 -12.96
C THR L 6 -36.24 -17.21 -13.54
N TYR L 18 -39.92 -14.15 -11.18
CA TYR L 18 -39.24 -13.90 -9.90
C TYR L 18 -37.87 -14.66 -9.82
N ASP L 19 -36.95 -14.13 -9.01
CA ASP L 19 -35.65 -14.78 -8.72
C ASP L 19 -35.84 -16.15 -8.01
N ILE L 20 -34.98 -17.13 -8.32
CA ILE L 20 -35.16 -18.49 -7.81
C ILE L 20 -35.49 -18.54 -6.28
N TYR L 21 -34.80 -17.73 -5.49
CA TYR L 21 -34.96 -17.76 -4.04
C TYR L 21 -36.35 -17.26 -3.61
N SER L 22 -36.82 -16.21 -4.26
CA SER L 22 -38.17 -15.73 -4.00
C SER L 22 -39.23 -16.80 -4.35
N ARG L 23 -39.02 -17.53 -5.44
CA ARG L 23 -39.92 -18.64 -5.78
C ARG L 23 -39.90 -19.70 -4.67
N LEU L 24 -38.72 -20.06 -4.16
CA LEU L 24 -38.65 -21.06 -3.06
C LEU L 24 -39.30 -20.59 -1.73
N LEU L 25 -39.18 -19.31 -1.41
CA LEU L 25 -39.82 -18.73 -0.25
C LEU L 25 -41.35 -18.87 -0.29
N LYS L 26 -41.92 -18.85 -1.49
CA LYS L 26 -43.35 -19.07 -1.64
C LYS L 26 -43.73 -20.51 -1.26
N ASP L 27 -42.81 -21.48 -1.38
CA ASP L 27 -42.97 -22.86 -0.88
C ASP L 27 -42.53 -23.02 0.56
N ARG L 28 -42.24 -21.90 1.22
CA ARG L 28 -41.92 -21.86 2.60
C ARG L 28 -40.49 -22.37 2.88
N ILE L 29 -39.61 -22.28 1.87
CA ILE L 29 -38.19 -22.62 2.01
C ILE L 29 -37.43 -21.32 2.23
N ILE L 30 -36.63 -21.28 3.29
CA ILE L 30 -35.69 -20.19 3.60
C ILE L 30 -34.27 -20.71 3.34
N MET L 31 -33.48 -19.99 2.53
CA MET L 31 -32.09 -20.30 2.24
C MET L 31 -31.14 -19.57 3.19
N LEU L 32 -30.38 -20.34 3.98
CA LEU L 32 -29.27 -19.80 4.78
C LEU L 32 -28.02 -20.37 4.13
N GLY L 33 -27.51 -19.63 3.14
CA GLY L 33 -26.43 -20.11 2.25
C GLY L 33 -25.18 -19.23 2.27
N SER L 34 -24.90 -18.61 3.39
CA SER L 34 -23.77 -17.68 3.48
C SER L 34 -23.29 -17.61 4.91
N GLN L 35 -22.24 -16.86 5.13
CA GLN L 35 -21.82 -16.54 6.45
C GLN L 35 -22.98 -15.87 7.20
N ILE L 36 -22.98 -16.00 8.52
CA ILE L 36 -23.99 -15.44 9.35
C ILE L 36 -23.51 -14.12 9.99
N ASP L 37 -24.07 -13.01 9.52
CA ASP L 37 -23.93 -11.68 10.11
C ASP L 37 -25.29 -11.08 10.38
N ASP L 38 -25.33 -9.84 10.83
CA ASP L 38 -26.57 -9.18 11.15
C ASP L 38 -27.52 -9.03 9.98
N ASN L 39 -27.04 -8.70 8.78
CA ASN L 39 -27.91 -8.66 7.59
C ASN L 39 -28.59 -9.97 7.31
N VAL L 40 -27.82 -11.05 7.35
CA VAL L 40 -28.35 -12.38 7.07
C VAL L 40 -29.42 -12.73 8.12
N ALA L 41 -29.11 -12.52 9.40
CA ALA L 41 -30.05 -12.78 10.44
C ALA L 41 -31.31 -11.95 10.28
N ASN L 42 -31.15 -10.66 10.05
CA ASN L 42 -32.32 -9.83 9.87
C ASN L 42 -33.23 -10.33 8.75
N SER L 43 -32.65 -10.82 7.68
CA SER L 43 -33.42 -11.30 6.55
C SER L 43 -34.12 -12.62 6.92
N ILE L 44 -33.36 -13.57 7.54
CA ILE L 44 -33.93 -14.85 7.94
C ILE L 44 -35.01 -14.62 9.00
N VAL L 45 -34.75 -13.77 9.99
CA VAL L 45 -35.79 -13.51 10.97
C VAL L 45 -37.05 -12.98 10.29
N SER L 46 -36.89 -12.07 9.33
CA SER L 46 -38.08 -11.48 8.69
C SER L 46 -38.84 -12.54 7.89
N GLN L 47 -38.11 -13.45 7.26
CA GLN L 47 -38.72 -14.49 6.43
C GLN L 47 -39.51 -15.44 7.32
N LEU L 48 -38.97 -15.78 8.49
CA LEU L 48 -39.64 -16.61 9.46
C LEU L 48 -40.93 -15.94 9.95
N LEU L 49 -40.84 -14.66 10.32
CA LEU L 49 -42.03 -13.91 10.71
C LEU L 49 -43.13 -13.81 9.60
N PHE L 50 -42.71 -13.52 8.37
CA PHE L 50 -43.61 -13.46 7.24
C PHE L 50 -44.28 -14.81 7.00
N LEU L 51 -43.51 -15.89 6.94
CA LEU L 51 -44.14 -17.20 6.71
C LEU L 51 -45.14 -17.53 7.80
N GLN L 52 -44.84 -17.24 9.06
CA GLN L 52 -45.77 -17.56 10.15
C GLN L 52 -47.04 -16.73 10.02
N ALA L 53 -46.90 -15.44 9.71
CA ALA L 53 -48.06 -14.53 9.46
C ALA L 53 -48.95 -14.97 8.27
N GLN L 54 -48.40 -15.56 7.22
CA GLN L 54 -49.20 -16.16 6.13
C GLN L 54 -49.97 -17.42 6.47
N ASP L 55 -49.30 -18.31 7.20
CA ASP L 55 -49.89 -19.55 7.67
C ASP L 55 -49.11 -20.01 8.88
N SER L 56 -49.76 -19.93 10.03
CA SER L 56 -49.13 -20.23 11.28
C SER L 56 -49.06 -21.74 11.58
N GLU L 57 -49.50 -22.60 10.66
CA GLU L 57 -49.53 -24.08 10.90
C GLU L 57 -48.75 -24.94 9.93
N LYS L 58 -48.59 -24.51 8.70
CA LYS L 58 -47.68 -25.21 7.80
C LYS L 58 -46.19 -25.13 8.26
N ASP L 59 -45.48 -26.24 8.01
CA ASP L 59 -44.04 -26.30 8.19
C ASP L 59 -43.28 -25.26 7.33
N ILE L 60 -42.19 -24.78 7.93
CA ILE L 60 -41.17 -23.97 7.23
C ILE L 60 -39.92 -24.83 7.05
N TYR L 61 -39.18 -24.60 5.98
CA TYR L 61 -37.99 -25.41 5.64
C TYR L 61 -36.74 -24.50 5.60
N LEU L 62 -35.78 -24.76 6.48
CA LEU L 62 -34.56 -23.99 6.55
C LEU L 62 -33.36 -24.77 5.98
N TYR L 63 -32.92 -24.38 4.79
CA TYR L 63 -31.82 -25.07 4.12
C TYR L 63 -30.53 -24.36 4.48
N ILE L 64 -29.52 -25.13 4.93
CA ILE L 64 -28.36 -24.56 5.57
C ILE L 64 -27.16 -25.03 4.79
N ASN L 65 -26.38 -24.07 4.24
CA ASN L 65 -25.01 -24.25 3.78
C ASN L 65 -24.21 -23.01 4.19
N SER L 66 -23.60 -23.07 5.37
CA SER L 66 -23.05 -21.93 6.01
C SER L 66 -21.86 -22.33 6.85
N PRO L 67 -20.74 -21.53 6.80
CA PRO L 67 -19.61 -21.73 7.72
C PRO L 67 -19.85 -21.12 9.08
N GLY L 68 -21.04 -20.61 9.33
CA GLY L 68 -21.31 -20.01 10.61
C GLY L 68 -21.13 -18.50 10.56
N GLY L 69 -20.71 -17.92 11.70
CA GLY L 69 -20.52 -16.50 11.87
C GLY L 69 -20.87 -15.99 13.23
N SER L 70 -21.51 -14.83 13.26
CA SER L 70 -21.83 -14.10 14.51
C SER L 70 -22.82 -14.89 15.39
N VAL L 71 -22.43 -15.05 16.64
CA VAL L 71 -23.18 -15.76 17.62
C VAL L 71 -24.47 -15.03 17.94
N THR L 72 -24.38 -13.73 18.19
CA THR L 72 -25.63 -13.00 18.50
C THR L 72 -26.58 -13.00 17.30
N ALA L 73 -26.05 -12.84 16.09
CA ALA L 73 -26.87 -12.99 14.88
C ALA L 73 -27.55 -14.35 14.81
N GLY L 74 -26.74 -15.35 15.05
CA GLY L 74 -27.24 -16.71 15.11
C GLY L 74 -28.31 -16.94 16.17
N PHE L 75 -28.16 -16.31 17.34
CA PHE L 75 -29.23 -16.37 18.34
C PHE L 75 -30.51 -15.62 17.94
N ALA L 76 -30.38 -14.53 17.20
CA ALA L 76 -31.59 -13.83 16.66
C ALA L 76 -32.42 -14.81 15.86
N ILE L 77 -31.76 -15.61 15.04
CA ILE L 77 -32.45 -16.62 14.25
C ILE L 77 -32.95 -17.75 15.17
N TYR L 78 -32.12 -18.21 16.10
CA TYR L 78 -32.52 -19.30 16.97
C TYR L 78 -33.79 -18.98 17.76
N ASP L 79 -33.81 -17.83 18.39
CA ASP L 79 -34.93 -17.45 19.23
C ASP L 79 -36.19 -17.23 18.38
N THR L 80 -36.00 -16.81 17.14
CA THR L 80 -37.14 -16.59 16.28
C THR L 80 -37.77 -17.93 15.94
N ILE L 81 -36.92 -18.88 15.56
CA ILE L 81 -37.38 -20.24 15.28
C ILE L 81 -38.21 -20.81 16.47
N GLN L 82 -37.68 -20.67 17.66
CA GLN L 82 -38.36 -21.24 18.79
C GLN L 82 -39.65 -20.45 19.09
N HIS L 83 -39.66 -19.13 18.87
CA HIS L 83 -40.83 -18.33 19.20
C HIS L 83 -42.09 -18.63 18.38
N ILE L 84 -41.92 -18.82 17.09
CA ILE L 84 -43.01 -19.01 16.14
C ILE L 84 -43.69 -20.39 16.27
N LYS L 85 -44.96 -20.45 15.87
CA LYS L 85 -45.76 -21.69 15.96
C LYS L 85 -45.31 -22.75 14.96
N PRO L 86 -45.16 -22.40 13.67
CA PRO L 86 -44.77 -23.47 12.77
C PRO L 86 -43.50 -24.22 13.18
N ASP L 87 -43.49 -25.50 12.88
CA ASP L 87 -42.27 -26.28 12.96
C ASP L 87 -41.31 -25.76 11.90
N VAL L 88 -40.03 -25.62 12.24
CA VAL L 88 -38.99 -25.30 11.24
C VAL L 88 -38.10 -26.50 11.02
N GLN L 89 -38.13 -27.06 9.82
CA GLN L 89 -37.33 -28.20 9.48
C GLN L 89 -35.97 -27.61 9.10
N THR L 90 -34.89 -28.33 9.37
CA THR L 90 -33.57 -27.89 8.97
C THR L 90 -33.00 -28.93 8.11
N ILE L 91 -32.40 -28.53 7.01
CA ILE L 91 -31.71 -29.49 6.11
C ILE L 91 -30.33 -28.94 5.83
N CYS L 92 -29.32 -29.72 6.12
CA CYS L 92 -27.98 -29.30 5.79
C CYS L 92 -27.54 -29.85 4.45
N ILE L 93 -27.17 -28.95 3.53
CA ILE L 93 -26.60 -29.32 2.18
C ILE L 93 -25.15 -28.79 2.19
N GLY L 94 -24.19 -29.57 1.77
CA GLY L 94 -22.81 -29.05 1.80
C GLY L 94 -22.15 -28.97 3.16
N MET L 95 -22.46 -27.94 3.95
CA MET L 95 -21.73 -27.59 5.19
C MET L 95 -22.60 -26.86 6.20
N ALA L 96 -22.54 -27.29 7.45
CA ALA L 96 -23.03 -26.45 8.54
C ALA L 96 -21.93 -26.43 9.60
N ALA L 97 -21.24 -25.31 9.70
CA ALA L 97 -20.17 -25.13 10.69
C ALA L 97 -20.53 -24.09 11.72
N SER L 98 -19.99 -24.30 12.92
CA SER L 98 -20.05 -23.33 14.00
C SER L 98 -21.51 -22.95 14.26
N MET L 99 -21.85 -21.66 14.31
CA MET L 99 -23.20 -21.24 14.47
C MET L 99 -24.16 -21.85 13.44
N GLY L 100 -23.61 -22.24 12.31
CA GLY L 100 -24.39 -22.96 11.29
C GLY L 100 -24.91 -24.31 11.77
N SER L 101 -24.03 -25.03 12.47
CA SER L 101 -24.38 -26.34 12.96
C SER L 101 -25.29 -26.22 14.18
N PHE L 102 -25.17 -25.12 14.95
CA PHE L 102 -26.04 -24.86 16.06
C PHE L 102 -27.50 -24.62 15.54
N LEU L 103 -27.63 -23.96 14.41
CA LEU L 103 -28.99 -23.73 13.85
C LEU L 103 -29.57 -25.02 13.25
N LEU L 104 -28.72 -25.85 12.66
CA LEU L 104 -29.14 -27.14 12.18
C LEU L 104 -29.79 -27.95 13.32
N ALA L 105 -29.20 -27.87 14.51
CA ALA L 105 -29.68 -28.66 15.65
C ALA L 105 -30.92 -28.06 16.23
N ALA L 106 -31.16 -26.81 15.84
CA ALA L 106 -32.24 -25.98 16.35
C ALA L 106 -33.56 -26.31 15.75
N GLY L 107 -33.55 -27.03 14.64
CA GLY L 107 -34.77 -27.40 13.94
C GLY L 107 -35.67 -28.27 14.79
N ALA L 108 -36.88 -28.44 14.32
CA ALA L 108 -37.92 -29.13 15.11
C ALA L 108 -37.54 -30.59 15.26
N LYS L 109 -37.80 -31.14 16.44
CA LYS L 109 -37.39 -32.54 16.76
C LYS L 109 -38.06 -33.51 15.79
N GLY L 110 -37.30 -34.42 15.24
CA GLY L 110 -37.71 -35.27 14.15
C GLY L 110 -37.53 -34.74 12.77
N LYS L 111 -37.20 -33.46 12.65
CA LYS L 111 -37.23 -32.80 11.34
C LYS L 111 -35.91 -32.05 11.02
N ARG L 112 -34.81 -32.52 11.60
CA ARG L 112 -33.47 -32.08 11.26
C ARG L 112 -32.80 -33.17 10.41
N PHE L 113 -32.38 -32.77 9.21
CA PHE L 113 -31.72 -33.64 8.22
C PHE L 113 -30.39 -33.10 7.72
N ALA L 114 -29.60 -34.00 7.12
CA ALA L 114 -28.42 -33.66 6.35
C ALA L 114 -28.37 -34.58 5.15
N LEU L 115 -27.86 -34.06 4.06
CA LEU L 115 -27.58 -34.88 2.90
C LEU L 115 -26.35 -35.69 3.21
N PRO L 116 -26.16 -36.86 2.51
CA PRO L 116 -25.15 -37.86 2.94
C PRO L 116 -23.74 -37.35 3.01
N ASN L 117 -23.36 -36.45 2.10
CA ASN L 117 -21.96 -35.98 1.97
C ASN L 117 -21.74 -34.61 2.57
N ALA L 118 -22.76 -34.14 3.27
CA ALA L 118 -22.70 -32.90 3.98
C ALA L 118 -21.79 -33.06 5.20
N GLU L 119 -21.23 -31.93 5.59
CA GLU L 119 -20.22 -31.85 6.64
C GLU L 119 -20.80 -30.95 7.74
N VAL L 120 -20.62 -31.38 8.98
CA VAL L 120 -21.08 -30.64 10.13
C VAL L 120 -19.80 -30.43 10.95
N MET L 121 -19.63 -29.25 11.53
CA MET L 121 -18.44 -28.95 12.32
C MET L 121 -18.91 -28.19 13.54
N ILE L 122 -18.42 -28.58 14.69
CA ILE L 122 -18.75 -27.91 15.95
C ILE L 122 -17.45 -27.50 16.60
N HIS L 123 -17.51 -26.46 17.45
CA HIS L 123 -16.31 -25.93 18.10
C HIS L 123 -16.70 -24.85 19.05
N GLN L 124 -15.72 -24.28 19.72
CA GLN L 124 -16.04 -23.28 20.68
C GLN L 124 -16.10 -21.90 19.99
N PRO L 125 -16.84 -20.95 20.59
CA PRO L 125 -16.80 -19.61 20.05
C PRO L 125 -15.38 -19.00 19.99
N LEU L 126 -15.26 -18.07 19.05
CA LEU L 126 -14.03 -17.39 18.69
C LEU L 126 -14.25 -15.92 19.02
N GLY L 127 -13.22 -15.24 19.53
CA GLY L 127 -13.34 -13.83 19.82
C GLY L 127 -12.00 -13.18 20.04
N GLY L 128 -12.03 -12.06 20.74
CA GLY L 128 -10.83 -11.28 20.88
C GLY L 128 -11.03 -10.29 21.98
N ALA L 129 -9.93 -9.74 22.46
CA ALA L 129 -9.95 -8.70 23.48
C ALA L 129 -8.62 -7.97 23.47
N GLN L 130 -8.66 -6.69 23.74
CA GLN L 130 -7.46 -5.90 23.80
C GLN L 130 -7.69 -4.83 24.83
N GLY L 131 -6.65 -4.47 25.60
CA GLY L 131 -6.72 -3.29 26.48
C GLY L 131 -6.20 -3.50 27.88
N GLN L 132 -6.81 -2.84 28.87
CA GLN L 132 -6.46 -3.04 30.26
C GLN L 132 -6.80 -4.46 30.76
N ALA L 133 -6.06 -4.98 31.74
CA ALA L 133 -6.35 -6.31 32.37
C ALA L 133 -7.85 -6.51 32.71
N THR L 134 -8.42 -5.52 33.36
CA THR L 134 -9.83 -5.49 33.69
C THR L 134 -10.75 -5.60 32.46
N GLU L 135 -10.35 -4.95 31.35
CA GLU L 135 -11.12 -5.04 30.10
C GLU L 135 -11.01 -6.44 29.53
N ILE L 136 -9.82 -7.02 29.57
CA ILE L 136 -9.59 -8.38 29.07
C ILE L 136 -10.44 -9.36 29.94
N GLU L 137 -10.54 -9.08 31.25
CA GLU L 137 -11.27 -9.92 32.15
C GLU L 137 -12.75 -9.94 31.76
N ILE L 138 -13.30 -8.75 31.56
CA ILE L 138 -14.67 -8.61 31.12
C ILE L 138 -14.95 -9.39 29.84
N ALA L 139 -14.17 -9.16 28.80
CA ALA L 139 -14.35 -9.91 27.55
C ALA L 139 -14.26 -11.43 27.74
N ALA L 140 -13.36 -11.86 28.61
CA ALA L 140 -13.19 -13.28 28.94
C ALA L 140 -14.41 -13.84 29.70
N ASN L 141 -14.88 -13.10 30.73
CA ASN L 141 -16.12 -13.48 31.47
C ASN L 141 -17.28 -13.64 30.46
N HIS L 142 -17.44 -12.63 29.60
CA HIS L 142 -18.44 -12.63 28.56
C HIS L 142 -18.35 -13.80 27.58
N ILE L 143 -17.19 -14.01 26.97
CA ILE L 143 -17.10 -15.09 26.00
C ILE L 143 -17.31 -16.47 26.65
N LEU L 144 -16.83 -16.69 27.88
CA LEU L 144 -17.05 -18.00 28.59
C LEU L 144 -18.56 -18.28 28.83
N LYS L 145 -19.24 -17.29 29.37
CA LYS L 145 -20.70 -17.27 29.50
C LYS L 145 -21.44 -17.56 28.17
N THR L 146 -20.98 -16.98 27.06
CA THR L 146 -21.57 -17.26 25.74
C THR L 146 -21.39 -18.72 25.44
N ARG L 147 -20.22 -19.26 25.72
CA ARG L 147 -19.93 -20.68 25.47
C ARG L 147 -20.81 -21.62 26.32
N GLU L 148 -20.92 -21.29 27.62
CA GLU L 148 -21.78 -22.06 28.52
C GLU L 148 -23.22 -22.08 28.02
N LYS L 149 -23.75 -20.94 27.61
CA LYS L 149 -25.09 -20.85 27.04
C LYS L 149 -25.28 -21.75 25.79
N LEU L 150 -24.33 -21.67 24.85
CA LEU L 150 -24.43 -22.48 23.64
C LEU L 150 -24.36 -23.98 23.95
N ASN L 151 -23.43 -24.34 24.80
CA ASN L 151 -23.23 -25.72 25.23
C ASN L 151 -24.48 -26.32 25.96
N ARG L 152 -25.16 -25.50 26.78
CA ARG L 152 -26.32 -25.89 27.54
C ARG L 152 -27.43 -26.13 26.54
N ILE L 153 -27.66 -25.18 25.64
CA ILE L 153 -28.65 -25.39 24.57
C ILE L 153 -28.35 -26.57 23.66
N LEU L 154 -27.11 -26.77 23.26
CA LEU L 154 -26.74 -27.88 22.43
C LEU L 154 -27.00 -29.26 23.09
N SER L 155 -26.69 -29.30 24.38
CA SER L 155 -26.93 -30.45 25.25
C SER L 155 -28.41 -30.83 25.18
N GLU L 156 -29.29 -29.88 25.45
CA GLU L 156 -30.72 -30.15 25.43
C GLU L 156 -31.24 -30.66 24.08
N ARG L 157 -30.70 -30.10 23.03
CA ARG L 157 -31.05 -30.50 21.66
C ARG L 157 -30.55 -31.79 21.15
N THR L 158 -29.35 -32.12 21.62
CA THR L 158 -28.70 -33.32 21.06
C THR L 158 -28.94 -34.56 21.93
N GLY L 159 -29.36 -34.29 23.16
CA GLY L 159 -29.33 -35.28 24.24
C GLY L 159 -27.98 -35.47 24.91
N GLN L 160 -26.92 -34.81 24.44
CA GLN L 160 -25.60 -35.06 25.01
C GLN L 160 -25.49 -34.33 26.31
N SER L 161 -24.69 -34.91 27.20
CA SER L 161 -24.24 -34.19 28.39
C SER L 161 -23.39 -32.92 28.10
N ILE L 162 -23.50 -31.96 28.99
CA ILE L 162 -22.73 -30.77 28.96
C ILE L 162 -21.23 -31.11 29.00
N GLU L 163 -20.84 -32.04 29.89
CA GLU L 163 -19.44 -32.53 30.03
C GLU L 163 -18.88 -32.95 28.64
N LYS L 164 -19.63 -33.80 27.96
CA LYS L 164 -19.24 -34.30 26.69
C LYS L 164 -19.26 -33.20 25.57
N ILE L 165 -20.21 -32.27 25.57
CA ILE L 165 -20.23 -31.16 24.55
C ILE L 165 -18.95 -30.27 24.73
N GLN L 166 -18.63 -29.96 25.99
CA GLN L 166 -17.44 -29.16 26.36
C GLN L 166 -16.15 -29.78 25.82
N LYS L 167 -16.00 -31.09 25.98
CA LYS L 167 -14.87 -31.85 25.39
C LYS L 167 -14.87 -31.87 23.84
N ASP L 168 -16.03 -32.05 23.27
CA ASP L 168 -16.12 -32.26 21.84
C ASP L 168 -16.00 -30.96 21.04
N THR L 169 -16.25 -29.82 21.67
CA THR L 169 -16.15 -28.53 20.99
C THR L 169 -14.87 -27.76 21.35
N ASP L 170 -13.97 -28.37 22.12
CA ASP L 170 -12.76 -27.74 22.65
C ASP L 170 -11.86 -27.32 21.48
N ARG L 171 -11.83 -28.20 20.50
CA ARG L 171 -11.21 -28.00 19.21
C ARG L 171 -12.21 -28.31 18.07
N ASP L 172 -11.82 -27.97 16.84
CA ASP L 172 -12.65 -28.09 15.65
C ASP L 172 -12.93 -29.56 15.52
N ASN L 173 -14.19 -29.90 15.33
CA ASN L 173 -14.65 -31.27 15.34
C ASN L 173 -15.59 -31.49 14.14
N PHE L 174 -15.07 -32.16 13.13
CA PHE L 174 -15.75 -32.41 11.88
C PHE L 174 -16.54 -33.72 11.94
N LEU L 175 -17.82 -33.67 11.63
CA LEU L 175 -18.66 -34.90 11.56
C LEU L 175 -19.19 -35.10 10.15
N THR L 176 -19.21 -36.33 9.67
CA THR L 176 -20.06 -36.73 8.51
C THR L 176 -21.56 -36.62 8.91
N ALA L 177 -22.47 -36.66 7.97
CA ALA L 177 -23.91 -36.61 8.30
C ALA L 177 -24.35 -37.74 9.26
N GLU L 178 -23.83 -38.94 8.98
CA GLU L 178 -24.17 -40.15 9.72
C GLU L 178 -23.68 -39.97 11.13
N GLU L 179 -22.50 -39.37 11.28
CA GLU L 179 -22.01 -39.04 12.62
C GLU L 179 -22.78 -37.97 13.29
N ALA L 180 -23.25 -37.00 12.55
CA ALA L 180 -24.06 -35.94 13.15
C ALA L 180 -25.41 -36.50 13.69
N LYS L 181 -25.95 -37.50 13.00
CA LYS L 181 -27.11 -38.25 13.43
C LYS L 181 -26.87 -38.98 14.74
N GLU L 182 -25.79 -39.74 14.79
CA GLU L 182 -25.36 -40.42 16.01
C GLU L 182 -25.21 -39.46 17.15
N TYR L 183 -24.66 -38.28 16.87
CA TYR L 183 -24.46 -37.27 17.89
C TYR L 183 -25.74 -36.63 18.35
N GLY L 184 -26.74 -36.64 17.48
CA GLY L 184 -27.99 -35.94 17.77
C GLY L 184 -28.13 -34.51 17.28
N LEU L 185 -27.26 -34.05 16.38
CA LEU L 185 -27.39 -32.73 15.82
C LEU L 185 -28.49 -32.73 14.79
N ILE L 186 -28.72 -33.88 14.16
CA ILE L 186 -29.84 -34.10 13.25
C ILE L 186 -30.52 -35.42 13.56
N ASP L 187 -31.65 -35.65 12.89
CA ASP L 187 -32.48 -36.85 13.19
C ASP L 187 -32.30 -37.90 12.17
N GLU L 188 -32.09 -37.52 10.90
CA GLU L 188 -31.95 -38.47 9.80
C GLU L 188 -31.00 -37.96 8.76
N VAL L 189 -30.32 -38.89 8.11
CA VAL L 189 -29.58 -38.64 6.91
C VAL L 189 -30.58 -38.84 5.80
N MET L 190 -30.75 -37.82 4.97
CA MET L 190 -31.67 -37.87 3.83
C MET L 190 -31.02 -38.70 2.76
N VAL L 191 -31.67 -39.78 2.37
CA VAL L 191 -31.08 -40.74 1.43
C VAL L 191 -31.76 -40.60 0.10
N PRO L 192 -31.10 -40.97 -1.00
CA PRO L 192 -31.73 -40.71 -2.32
C PRO L 192 -33.14 -41.31 -2.55
N ILE M 4 -25.33 -11.40 -19.63
CA ILE M 4 -25.42 -10.05 -20.30
C ILE M 4 -26.79 -9.89 -21.02
N PRO M 5 -26.99 -10.50 -22.23
CA PRO M 5 -28.04 -10.07 -23.18
C PRO M 5 -29.44 -10.70 -22.94
N THR M 6 -30.47 -10.26 -23.71
CA THR M 6 -31.95 -10.55 -23.49
C THR M 6 -32.75 -11.25 -24.68
N VAL M 7 -33.80 -12.01 -24.32
CA VAL M 7 -34.65 -12.78 -25.24
N TYR M 18 -36.48 -12.24 -21.33
CA TYR M 18 -35.67 -13.12 -20.47
C TYR M 18 -34.16 -12.99 -20.74
N ASP M 19 -33.32 -12.85 -19.71
CA ASP M 19 -31.87 -13.05 -19.91
C ASP M 19 -31.60 -14.51 -20.34
N ILE M 20 -30.54 -14.69 -21.13
CA ILE M 20 -30.29 -15.94 -21.87
C ILE M 20 -30.31 -17.22 -20.97
N TYR M 21 -29.73 -17.12 -19.79
CA TYR M 21 -29.60 -18.25 -18.83
C TYR M 21 -30.94 -18.70 -18.28
N SER M 22 -31.76 -17.72 -17.92
CA SER M 22 -33.12 -17.99 -17.44
C SER M 22 -33.94 -18.63 -18.53
N ARG M 23 -33.74 -18.19 -19.77
CA ARG M 23 -34.38 -18.82 -20.90
C ARG M 23 -33.88 -20.24 -21.08
N LEU M 24 -32.58 -20.48 -20.90
CA LEU M 24 -32.10 -21.86 -21.00
C LEU M 24 -32.68 -22.75 -19.90
N LEU M 25 -32.89 -22.14 -18.74
CA LEU M 25 -33.49 -22.84 -17.63
C LEU M 25 -34.90 -23.31 -17.94
N LYS M 26 -35.67 -22.52 -18.69
CA LYS M 26 -36.96 -23.01 -19.23
C LYS M 26 -36.80 -24.35 -19.95
N ASP M 27 -35.69 -24.55 -20.68
CA ASP M 27 -35.36 -25.84 -21.29
C ASP M 27 -34.73 -26.89 -20.37
N ARG M 28 -34.71 -26.64 -19.06
CA ARG M 28 -34.12 -27.54 -18.05
C ARG M 28 -32.59 -27.71 -18.19
N ILE M 29 -31.94 -26.64 -18.59
CA ILE M 29 -30.47 -26.61 -18.74
C ILE M 29 -29.99 -25.74 -17.63
N ILE M 30 -29.01 -26.26 -16.88
CA ILE M 30 -28.36 -25.48 -15.81
C ILE M 30 -26.91 -25.24 -16.26
N MET M 31 -26.43 -24.01 -16.05
CA MET M 31 -25.07 -23.60 -16.47
C MET M 31 -24.15 -23.50 -15.26
N LEU M 32 -23.12 -24.35 -15.23
CA LEU M 32 -22.09 -24.27 -14.21
C LEU M 32 -20.85 -23.85 -14.97
N GLY M 33 -20.70 -22.53 -15.11
CA GLY M 33 -19.68 -21.88 -15.92
C GLY M 33 -18.73 -21.00 -15.11
N SER M 34 -18.44 -21.39 -13.89
CA SER M 34 -17.49 -20.67 -13.07
C SER M 34 -16.89 -21.54 -11.99
N GLN M 35 -16.02 -20.92 -11.21
CA GLN M 35 -15.53 -21.43 -9.94
C GLN M 35 -16.72 -21.88 -9.08
N ILE M 36 -16.53 -22.97 -8.33
CA ILE M 36 -17.56 -23.38 -7.39
C ILE M 36 -17.35 -22.82 -5.98
N ASP M 37 -18.23 -21.94 -5.55
CA ASP M 37 -18.29 -21.47 -4.18
C ASP M 37 -19.71 -21.67 -3.66
N ASP M 38 -19.95 -21.23 -2.42
CA ASP M 38 -21.28 -21.32 -1.83
C ASP M 38 -22.44 -20.65 -2.63
N ASN M 39 -22.23 -19.42 -3.15
CA ASN M 39 -23.23 -18.74 -3.99
C ASN M 39 -23.61 -19.57 -5.17
N VAL M 40 -22.59 -20.06 -5.87
CA VAL M 40 -22.80 -20.90 -7.06
C VAL M 40 -23.51 -22.20 -6.72
N ALA M 41 -23.05 -22.92 -5.70
CA ALA M 41 -23.73 -24.12 -5.24
C ALA M 41 -25.18 -23.85 -4.87
N ASN M 42 -25.43 -22.80 -4.12
CA ASN M 42 -26.80 -22.49 -3.79
C ASN M 42 -27.70 -22.29 -4.95
N SER M 43 -27.21 -21.58 -5.96
CA SER M 43 -28.00 -21.26 -7.14
C SER M 43 -28.26 -22.56 -7.93
N ILE M 44 -27.26 -23.41 -8.05
CA ILE M 44 -27.45 -24.67 -8.80
C ILE M 44 -28.38 -25.62 -8.03
N VAL M 45 -28.16 -25.75 -6.72
CA VAL M 45 -29.05 -26.55 -5.88
C VAL M 45 -30.51 -26.07 -6.12
N SER M 46 -30.72 -24.76 -5.95
CA SER M 46 -32.04 -24.15 -6.14
C SER M 46 -32.65 -24.45 -7.51
N GLN M 47 -31.85 -24.31 -8.55
CA GLN M 47 -32.28 -24.65 -9.89
C GLN M 47 -32.64 -26.15 -10.05
N LEU M 48 -31.85 -27.04 -9.46
CA LEU M 48 -32.16 -28.48 -9.53
C LEU M 48 -33.48 -28.80 -8.85
N LEU M 49 -33.70 -28.16 -7.71
CA LEU M 49 -34.93 -28.33 -6.99
C LEU M 49 -36.13 -27.68 -7.71
N PHE M 50 -35.96 -26.48 -8.25
CA PHE M 50 -37.02 -25.88 -9.04
C PHE M 50 -37.46 -26.84 -10.13
N LEU M 51 -36.51 -27.35 -10.90
CA LEU M 51 -36.84 -28.15 -12.06
C LEU M 51 -37.54 -29.47 -11.75
N GLN M 52 -37.19 -30.12 -10.63
CA GLN M 52 -37.84 -31.37 -10.23
C GLN M 52 -39.33 -31.12 -9.87
N ALA M 53 -39.58 -30.06 -9.11
CA ALA M 53 -40.92 -29.65 -8.70
C ALA M 53 -41.85 -29.45 -9.89
N GLN M 54 -41.31 -28.84 -10.93
CA GLN M 54 -42.02 -28.57 -12.18
C GLN M 54 -42.33 -29.83 -12.93
N ASP M 55 -41.32 -30.69 -13.02
CA ASP M 55 -41.46 -31.98 -13.67
C ASP M 55 -40.41 -32.95 -13.13
N SER M 56 -40.88 -33.97 -12.42
CA SER M 56 -39.98 -34.88 -11.75
C SER M 56 -39.53 -36.07 -12.62
N GLU M 57 -39.99 -36.13 -13.86
CA GLU M 57 -39.61 -37.18 -14.81
C GLU M 57 -38.66 -36.77 -15.92
N LYS M 58 -38.76 -35.53 -16.42
CA LYS M 58 -37.92 -35.15 -17.56
C LYS M 58 -36.46 -34.85 -17.13
N ASP M 59 -35.54 -35.28 -17.98
CA ASP M 59 -34.10 -35.06 -17.82
C ASP M 59 -33.78 -33.59 -17.55
N ILE M 60 -32.75 -33.38 -16.74
CA ILE M 60 -32.08 -32.07 -16.64
C ILE M 60 -30.67 -32.19 -17.24
N TYR M 61 -30.16 -31.07 -17.76
CA TYR M 61 -28.85 -31.02 -18.40
C TYR M 61 -27.99 -29.99 -17.68
N LEU M 62 -26.89 -30.48 -17.09
CA LEU M 62 -25.95 -29.68 -16.35
C LEU M 62 -24.76 -29.46 -17.28
N TYR M 63 -24.62 -28.24 -17.82
CA TYR M 63 -23.49 -27.90 -18.67
C TYR M 63 -22.37 -27.36 -17.78
N ILE M 64 -21.15 -27.88 -17.95
CA ILE M 64 -20.08 -27.65 -17.00
C ILE M 64 -18.85 -27.06 -17.72
N ASN M 65 -18.43 -25.85 -17.30
CA ASN M 65 -17.16 -25.25 -17.71
C ASN M 65 -16.59 -24.57 -16.49
N SER M 66 -15.84 -25.31 -15.68
CA SER M 66 -15.46 -24.90 -14.35
C SER M 66 -14.11 -25.45 -13.99
N PRO M 67 -13.28 -24.66 -13.25
CA PRO M 67 -11.99 -25.16 -12.76
C PRO M 67 -12.08 -25.78 -11.39
N GLY M 68 -13.29 -25.89 -10.86
CA GLY M 68 -13.56 -26.50 -9.58
C GLY M 68 -13.79 -25.42 -8.54
N GLY M 69 -13.34 -25.67 -7.30
CA GLY M 69 -13.65 -24.83 -6.16
C GLY M 69 -13.90 -25.58 -4.84
N SER M 70 -14.76 -25.05 -4.02
CA SER M 70 -15.00 -25.58 -2.68
C SER M 70 -15.58 -27.01 -2.78
N VAL M 71 -14.95 -27.94 -2.07
CA VAL M 71 -15.38 -29.33 -1.99
C VAL M 71 -16.79 -29.47 -1.37
N THR M 72 -17.08 -28.70 -0.34
CA THR M 72 -18.37 -28.80 0.32
C THR M 72 -19.47 -28.22 -0.58
N ALA M 73 -19.17 -27.10 -1.25
CA ALA M 73 -20.12 -26.52 -2.18
C ALA M 73 -20.41 -27.50 -3.31
N GLY M 74 -19.38 -28.19 -3.76
CA GLY M 74 -19.56 -29.20 -4.83
C GLY M 74 -20.38 -30.38 -4.36
N PHE M 75 -20.22 -30.74 -3.08
CA PHE M 75 -21.02 -31.85 -2.49
C PHE M 75 -22.47 -31.48 -2.29
N ALA M 76 -22.77 -30.22 -2.02
CA ALA M 76 -24.12 -29.73 -2.07
C ALA M 76 -24.73 -30.04 -3.40
N ILE M 77 -24.00 -29.75 -4.49
CA ILE M 77 -24.51 -29.99 -5.81
C ILE M 77 -24.66 -31.48 -6.03
N TYR M 78 -23.60 -32.23 -5.68
CA TYR M 78 -23.53 -33.69 -5.92
C TYR M 78 -24.72 -34.40 -5.27
N ASP M 79 -24.95 -34.08 -4.01
CA ASP M 79 -25.97 -34.72 -3.21
C ASP M 79 -27.35 -34.33 -3.69
N THR M 80 -27.52 -33.06 -4.07
CA THR M 80 -28.73 -32.66 -4.73
C THR M 80 -28.95 -33.44 -6.06
N ILE M 81 -27.93 -33.57 -6.91
CA ILE M 81 -28.14 -34.38 -8.10
C ILE M 81 -28.66 -35.80 -7.76
N GLN M 82 -27.96 -36.49 -6.85
CA GLN M 82 -28.35 -37.87 -6.54
C GLN M 82 -29.71 -37.99 -5.83
N HIS M 83 -30.12 -36.95 -5.13
CA HIS M 83 -31.38 -36.99 -4.45
C HIS M 83 -32.65 -36.99 -5.30
N ILE M 84 -32.71 -36.06 -6.22
CA ILE M 84 -33.88 -35.83 -7.04
C ILE M 84 -34.07 -37.01 -7.98
N LYS M 85 -35.30 -37.12 -8.50
CA LYS M 85 -35.76 -38.23 -9.36
C LYS M 85 -35.25 -38.13 -10.82
N PRO M 86 -35.38 -36.97 -11.48
CA PRO M 86 -34.89 -36.86 -12.85
C PRO M 86 -33.42 -37.20 -12.99
N ASP M 87 -33.09 -37.81 -14.11
CA ASP M 87 -31.71 -37.93 -14.55
C ASP M 87 -31.14 -36.52 -14.84
N VAL M 88 -29.92 -36.30 -14.35
CA VAL M 88 -29.12 -35.12 -14.65
C VAL M 88 -28.03 -35.50 -15.64
N GLN M 89 -28.20 -35.03 -16.86
CA GLN M 89 -27.15 -35.16 -17.88
C GLN M 89 -26.01 -34.16 -17.57
N THR M 90 -24.78 -34.60 -17.81
CA THR M 90 -23.60 -33.73 -17.65
C THR M 90 -22.87 -33.59 -18.98
N ILE M 91 -22.59 -32.35 -19.34
CA ILE M 91 -21.89 -32.00 -20.58
C ILE M 91 -20.76 -31.00 -20.24
N CYS M 92 -19.53 -31.44 -20.45
CA CYS M 92 -18.38 -30.63 -20.21
C CYS M 92 -18.03 -29.92 -21.49
N ILE M 93 -17.99 -28.59 -21.41
CA ILE M 93 -17.49 -27.74 -22.51
C ILE M 93 -16.36 -26.89 -21.95
N GLY M 94 -15.24 -26.84 -22.66
CA GLY M 94 -14.09 -26.09 -22.20
C GLY M 94 -13.28 -26.94 -21.27
N MET M 95 -13.67 -27.00 -19.99
CA MET M 95 -12.83 -27.63 -18.96
C MET M 95 -13.68 -28.13 -17.84
N ALA M 96 -13.31 -29.26 -17.28
CA ALA M 96 -13.85 -29.67 -15.97
C ALA M 96 -12.67 -30.14 -15.15
N ALA M 97 -12.33 -29.37 -14.11
CA ALA M 97 -11.17 -29.61 -13.29
C ALA M 97 -11.59 -29.74 -11.80
N SER M 98 -10.87 -30.62 -11.07
CA SER M 98 -11.02 -30.73 -9.61
C SER M 98 -12.46 -31.02 -9.28
N MET M 99 -13.15 -30.25 -8.42
CA MET M 99 -14.59 -30.45 -8.20
C MET M 99 -15.42 -30.39 -9.49
N GLY M 100 -14.93 -29.70 -10.52
CA GLY M 100 -15.58 -29.72 -11.82
C GLY M 100 -15.63 -31.10 -12.47
N SER M 101 -14.54 -31.84 -12.43
CA SER M 101 -14.54 -33.17 -13.04
C SER M 101 -15.28 -34.19 -12.13
N PHE M 102 -15.27 -33.96 -10.81
CA PHE M 102 -16.12 -34.70 -9.90
C PHE M 102 -17.60 -34.67 -10.29
N LEU M 103 -18.10 -33.45 -10.49
CA LEU M 103 -19.48 -33.21 -10.88
C LEU M 103 -19.85 -33.83 -12.20
N LEU M 104 -18.96 -33.70 -13.18
CA LEU M 104 -19.06 -34.29 -14.46
C LEU M 104 -19.26 -35.83 -14.36
N ALA M 105 -18.32 -36.49 -13.70
CA ALA M 105 -18.42 -37.89 -13.27
C ALA M 105 -19.74 -38.27 -12.56
N ALA M 106 -20.39 -37.35 -11.85
CA ALA M 106 -21.66 -37.55 -11.13
C ALA M 106 -22.97 -37.55 -11.94
N GLY M 107 -22.93 -37.24 -13.21
CA GLY M 107 -24.11 -37.27 -14.02
C GLY M 107 -24.67 -38.69 -14.10
N ALA M 108 -25.90 -38.74 -14.60
CA ALA M 108 -26.61 -39.99 -14.73
C ALA M 108 -25.80 -40.93 -15.65
N LYS M 109 -25.60 -42.17 -15.21
CA LYS M 109 -24.78 -43.14 -15.95
C LYS M 109 -25.39 -43.34 -17.33
N GLY M 110 -24.54 -43.35 -18.35
CA GLY M 110 -24.95 -43.21 -19.72
C GLY M 110 -25.18 -41.80 -20.26
N LYS M 111 -25.27 -40.80 -19.37
CA LYS M 111 -25.63 -39.44 -19.84
C LYS M 111 -24.63 -38.35 -19.46
N ARG M 112 -23.37 -38.75 -19.49
CA ARG M 112 -22.24 -37.88 -19.17
C ARG M 112 -21.41 -37.71 -20.44
N PHE M 113 -21.28 -36.46 -20.88
CA PHE M 113 -20.61 -36.16 -22.14
C PHE M 113 -19.51 -35.12 -22.00
N ALA M 114 -18.63 -35.09 -22.99
CA ALA M 114 -17.75 -33.95 -23.22
C ALA M 114 -17.63 -33.71 -24.66
N LEU M 115 -17.47 -32.44 -25.01
CA LEU M 115 -17.17 -32.06 -26.38
C LEU M 115 -15.72 -32.38 -26.71
N PRO M 116 -15.42 -32.53 -28.01
CA PRO M 116 -14.11 -33.16 -28.39
C PRO M 116 -12.84 -32.48 -27.90
N ASN M 117 -12.88 -31.15 -27.74
CA ASN M 117 -11.68 -30.42 -27.27
C ASN M 117 -11.74 -29.95 -25.84
N ALA M 118 -12.73 -30.44 -25.11
CA ALA M 118 -12.89 -30.21 -23.69
C ALA M 118 -11.75 -30.85 -22.93
N GLU M 119 -11.29 -30.19 -21.89
CA GLU M 119 -10.25 -30.73 -21.03
C GLU M 119 -10.85 -31.20 -19.71
N VAL M 120 -10.36 -32.32 -19.22
CA VAL M 120 -10.77 -32.79 -17.91
C VAL M 120 -9.53 -32.95 -17.09
N MET M 121 -9.56 -32.53 -15.83
CA MET M 121 -8.43 -32.73 -14.95
C MET M 121 -8.84 -33.25 -13.61
N ILE M 122 -8.04 -34.15 -13.03
CA ILE M 122 -8.32 -34.67 -11.67
C ILE M 122 -7.04 -34.55 -10.85
N HIS M 123 -7.17 -34.44 -9.54
CA HIS M 123 -6.04 -34.19 -8.67
C HIS M 123 -6.53 -34.35 -7.23
N GLN M 124 -5.66 -34.18 -6.23
CA GLN M 124 -6.11 -34.26 -4.84
C GLN M 124 -6.63 -32.90 -4.31
N PRO M 125 -7.44 -32.93 -3.23
CA PRO M 125 -7.90 -31.68 -2.66
C PRO M 125 -6.78 -30.85 -2.08
N LEU M 126 -6.96 -29.54 -2.12
CA LEU M 126 -5.98 -28.62 -1.64
C LEU M 126 -6.49 -27.91 -0.42
N GLY M 127 -5.58 -27.53 0.45
CA GLY M 127 -5.97 -26.70 1.61
C GLY M 127 -4.77 -26.18 2.38
N GLY M 128 -4.97 -25.98 3.66
CA GLY M 128 -4.00 -25.27 4.47
C GLY M 128 -4.35 -25.35 5.93
N ALA M 129 -3.33 -25.16 6.77
CA ALA M 129 -3.51 -25.15 8.21
C ALA M 129 -2.39 -24.40 8.87
N GLN M 130 -2.70 -23.57 9.86
CA GLN M 130 -1.75 -22.86 10.67
C GLN M 130 -2.13 -22.95 12.14
N GLY M 131 -1.16 -23.11 13.02
CA GLY M 131 -1.34 -23.02 14.48
C GLY M 131 -0.58 -24.12 15.22
N GLN M 132 -1.21 -24.65 16.24
CA GLN M 132 -0.56 -25.66 17.11
C GLN M 132 -0.51 -26.96 16.40
N ALA M 133 0.44 -27.79 16.80
CA ALA M 133 0.56 -29.15 16.24
C ALA M 133 -0.77 -29.96 16.24
N THR M 134 -1.50 -29.93 17.36
CA THR M 134 -2.87 -30.52 17.42
C THR M 134 -3.88 -29.94 16.38
N GLU M 135 -3.87 -28.63 16.14
CA GLU M 135 -4.73 -27.98 15.06
C GLU M 135 -4.34 -28.48 13.68
N ILE M 136 -3.02 -28.60 13.40
CA ILE M 136 -2.52 -29.07 12.11
C ILE M 136 -2.96 -30.51 11.89
N GLU M 137 -2.96 -31.30 12.97
CA GLU M 137 -3.38 -32.71 12.90
C GLU M 137 -4.86 -32.84 12.57
N ILE M 138 -5.69 -32.07 13.26
CA ILE M 138 -7.12 -31.95 12.90
C ILE M 138 -7.31 -31.53 11.45
N ALA M 139 -6.61 -30.47 10.98
CA ALA M 139 -6.80 -30.08 9.56
C ALA M 139 -6.37 -31.22 8.65
N ALA M 140 -5.26 -31.88 8.98
CA ALA M 140 -4.74 -32.98 8.13
C ALA M 140 -5.62 -34.23 8.09
N ASN M 141 -6.13 -34.65 9.26
CA ASN M 141 -7.09 -35.77 9.28
C ASN M 141 -8.31 -35.40 8.44
N HIS M 142 -8.80 -34.17 8.59
CA HIS M 142 -10.03 -33.76 7.89
C HIS M 142 -9.86 -33.83 6.40
N ILE M 143 -8.77 -33.23 5.87
CA ILE M 143 -8.51 -33.22 4.40
C ILE M 143 -8.23 -34.62 3.87
N LEU M 144 -7.58 -35.46 4.67
CA LEU M 144 -7.35 -36.87 4.20
C LEU M 144 -8.64 -37.66 4.12
N LYS M 145 -9.53 -37.49 5.12
CA LYS M 145 -10.89 -38.13 5.04
C LYS M 145 -11.66 -37.62 3.82
N THR M 146 -11.60 -36.31 3.57
CA THR M 146 -12.28 -35.70 2.39
C THR M 146 -11.82 -36.37 1.13
N ARG M 147 -10.50 -36.53 0.98
CA ARG M 147 -9.93 -37.19 -0.20
C ARG M 147 -10.33 -38.66 -0.33
N GLU M 148 -10.35 -39.35 0.78
CA GLU M 148 -10.89 -40.71 0.84
C GLU M 148 -12.42 -40.72 0.36
N LYS M 149 -13.19 -39.74 0.83
CA LYS M 149 -14.61 -39.64 0.44
C LYS M 149 -14.70 -39.42 -1.06
N LEU M 150 -13.97 -38.43 -1.60
CA LEU M 150 -13.91 -38.19 -3.03
C LEU M 150 -13.51 -39.39 -3.87
N ASN M 151 -12.50 -40.12 -3.41
CA ASN M 151 -11.87 -41.16 -4.21
C ASN M 151 -12.76 -42.39 -4.28
N ARG M 152 -13.37 -42.70 -3.12
CA ARG M 152 -14.38 -43.74 -3.00
C ARG M 152 -15.51 -43.52 -3.98
N ILE M 153 -16.06 -42.31 -4.03
CA ILE M 153 -17.14 -42.03 -4.96
C ILE M 153 -16.63 -42.11 -6.39
N LEU M 154 -15.43 -41.62 -6.63
CA LEU M 154 -14.92 -41.62 -7.98
C LEU M 154 -14.71 -43.04 -8.48
N SER M 155 -14.27 -43.94 -7.58
CA SER M 155 -14.18 -45.37 -7.88
C SER M 155 -15.51 -45.93 -8.40
N GLU M 156 -16.53 -45.72 -7.61
CA GLU M 156 -17.86 -46.23 -7.93
C GLU M 156 -18.36 -45.70 -9.27
N ARG M 157 -18.15 -44.40 -9.51
CA ARG M 157 -18.64 -43.75 -10.78
C ARG M 157 -17.88 -44.09 -12.02
N THR M 158 -16.61 -44.35 -11.87
CA THR M 158 -15.79 -44.69 -13.02
C THR M 158 -15.67 -46.18 -13.25
N GLY M 159 -15.69 -46.95 -12.18
CA GLY M 159 -15.42 -48.37 -12.21
C GLY M 159 -13.96 -48.69 -11.93
N GLN M 160 -13.16 -47.71 -11.48
CA GLN M 160 -11.74 -47.91 -11.28
C GLN M 160 -11.54 -48.21 -9.84
N SER M 161 -10.48 -48.95 -9.54
CA SER M 161 -10.19 -49.23 -8.14
C SER M 161 -9.81 -47.93 -7.42
N ILE M 162 -10.03 -47.91 -6.10
CA ILE M 162 -9.60 -46.87 -5.20
C ILE M 162 -8.08 -46.60 -5.29
N GLU M 163 -7.29 -47.68 -5.36
CA GLU M 163 -5.82 -47.59 -5.44
C GLU M 163 -5.43 -46.92 -6.72
N LYS M 164 -6.12 -47.24 -7.79
CA LYS M 164 -5.81 -46.59 -9.06
C LYS M 164 -6.16 -45.07 -9.04
N ILE M 165 -7.36 -44.71 -8.56
CA ILE M 165 -7.78 -43.30 -8.39
C ILE M 165 -6.76 -42.54 -7.49
N GLN M 166 -6.38 -43.14 -6.36
CA GLN M 166 -5.36 -42.59 -5.44
C GLN M 166 -4.05 -42.19 -6.19
N LYS M 167 -3.51 -43.13 -6.96
CA LYS M 167 -2.30 -42.92 -7.79
C LYS M 167 -2.45 -41.82 -8.89
N ASP M 168 -3.50 -41.94 -9.67
CA ASP M 168 -3.82 -41.02 -10.75
C ASP M 168 -4.26 -39.57 -10.36
N THR M 169 -4.55 -39.30 -9.10
CA THR M 169 -4.91 -37.98 -8.58
C THR M 169 -3.80 -37.42 -7.66
N ASP M 170 -2.66 -38.10 -7.61
CA ASP M 170 -1.55 -37.74 -6.71
C ASP M 170 -1.06 -36.32 -7.04
N ARG M 171 -0.96 -36.05 -8.34
CA ARG M 171 -0.62 -34.79 -8.93
C ARG M 171 -1.67 -34.46 -9.96
N ASP M 172 -1.62 -33.24 -10.50
CA ASP M 172 -2.50 -32.83 -11.60
C ASP M 172 -2.40 -33.80 -12.73
N ASN M 173 -3.55 -34.33 -13.16
CA ASN M 173 -3.65 -35.24 -14.28
C ASN M 173 -4.72 -34.74 -15.27
N PHE M 174 -4.24 -34.25 -16.41
CA PHE M 174 -5.09 -33.69 -17.46
C PHE M 174 -5.46 -34.80 -18.43
N LEU M 175 -6.73 -34.83 -18.84
CA LEU M 175 -7.23 -35.81 -19.81
C LEU M 175 -7.97 -35.10 -20.91
N THR M 176 -7.83 -35.64 -22.09
CA THR M 176 -8.68 -35.26 -23.19
C THR M 176 -10.02 -35.96 -22.93
N ALA M 177 -11.01 -35.53 -23.70
CA ALA M 177 -12.35 -36.09 -23.72
C ALA M 177 -12.27 -37.62 -23.90
N GLU M 178 -11.59 -38.02 -24.99
CA GLU M 178 -11.45 -39.42 -25.34
C GLU M 178 -10.92 -40.18 -24.13
N GLU M 179 -9.86 -39.68 -23.49
CA GLU M 179 -9.24 -40.39 -22.38
C GLU M 179 -10.15 -40.50 -21.14
N ALA M 180 -10.99 -39.48 -20.98
CA ALA M 180 -11.87 -39.38 -19.85
C ALA M 180 -12.99 -40.40 -20.00
N LYS M 181 -13.37 -40.64 -21.25
CA LYS M 181 -14.29 -41.74 -21.58
C LYS M 181 -13.69 -43.08 -21.22
N GLU M 182 -12.47 -43.31 -21.66
CA GLU M 182 -11.78 -44.53 -21.38
C GLU M 182 -11.56 -44.71 -19.92
N TYR M 183 -11.34 -43.60 -19.21
CA TYR M 183 -11.19 -43.64 -17.80
C TYR M 183 -12.51 -44.01 -17.07
N GLY M 184 -13.65 -43.75 -17.67
CA GLY M 184 -14.94 -43.93 -16.99
C GLY M 184 -15.54 -42.65 -16.41
N LEU M 185 -14.87 -41.48 -16.58
CA LEU M 185 -15.43 -40.20 -16.04
C LEU M 185 -16.65 -39.72 -16.83
N ILE M 186 -16.69 -40.00 -18.12
CA ILE M 186 -17.84 -39.72 -18.96
C ILE M 186 -18.23 -40.98 -19.78
N ASP M 187 -19.39 -40.96 -20.39
CA ASP M 187 -19.77 -42.11 -21.24
C ASP M 187 -19.47 -41.96 -22.69
N GLU M 188 -19.48 -40.71 -23.19
CA GLU M 188 -19.40 -40.45 -24.62
C GLU M 188 -18.71 -39.10 -24.90
N VAL M 189 -17.98 -39.06 -26.02
CA VAL M 189 -17.54 -37.87 -26.68
C VAL M 189 -18.61 -37.44 -27.69
N MET M 190 -19.20 -36.29 -27.45
CA MET M 190 -20.20 -35.76 -28.30
C MET M 190 -19.54 -35.20 -29.55
N VAL M 191 -19.58 -35.94 -30.64
CA VAL M 191 -19.11 -35.46 -31.94
C VAL M 191 -20.18 -34.61 -32.67
N PRO M 192 -19.78 -33.77 -33.64
CA PRO M 192 -20.73 -32.90 -34.34
C PRO M 192 -22.00 -33.53 -34.97
N ILE N 4 -24.07 0.21 -23.32
CA ILE N 4 -24.74 1.51 -22.97
C ILE N 4 -26.18 1.58 -23.60
N PRO N 5 -26.31 1.92 -24.90
CA PRO N 5 -27.61 2.44 -25.35
C PRO N 5 -28.75 1.39 -25.55
N THR N 6 -29.98 1.90 -25.42
CA THR N 6 -31.25 1.19 -25.62
C THR N 6 -31.82 1.70 -26.96
N VAL N 7 -32.36 0.82 -27.80
CA VAL N 7 -32.63 1.13 -29.23
C VAL N 7 -34.03 1.65 -29.44
N TYR N 18 -35.01 -3.08 -25.34
CA TYR N 18 -33.85 -3.83 -25.81
C TYR N 18 -32.55 -2.98 -25.81
N ASP N 19 -31.52 -3.40 -25.06
CA ASP N 19 -30.16 -2.89 -25.33
C ASP N 19 -29.72 -3.25 -26.78
N ILE N 20 -28.66 -2.59 -27.26
CA ILE N 20 -28.29 -2.70 -28.68
C ILE N 20 -27.79 -4.14 -29.08
N TYR N 21 -27.11 -4.79 -28.17
CA TYR N 21 -26.64 -6.15 -28.39
C TYR N 21 -27.77 -7.20 -28.53
N SER N 22 -28.74 -7.11 -27.60
CA SER N 22 -30.02 -7.85 -27.65
C SER N 22 -30.74 -7.58 -28.95
N ARG N 23 -30.73 -6.33 -29.38
CA ARG N 23 -31.29 -6.02 -30.69
C ARG N 23 -30.56 -6.77 -31.80
N LEU N 24 -29.24 -6.80 -31.79
CA LEU N 24 -28.51 -7.48 -32.84
C LEU N 24 -28.63 -9.00 -32.74
N LEU N 25 -28.82 -9.51 -31.54
CA LEU N 25 -29.03 -10.91 -31.33
C LEU N 25 -30.29 -11.45 -32.04
N LYS N 26 -31.34 -10.65 -32.07
CA LYS N 26 -32.53 -10.94 -32.88
C LYS N 26 -32.20 -11.12 -34.32
N ASP N 27 -31.16 -10.44 -34.83
CA ASP N 27 -30.68 -10.70 -36.21
C ASP N 27 -29.65 -11.79 -36.35
N ARG N 28 -29.46 -12.61 -35.31
CA ARG N 28 -28.55 -13.75 -35.27
C ARG N 28 -27.08 -13.30 -35.22
N ILE N 29 -26.86 -12.10 -34.67
CA ILE N 29 -25.50 -11.53 -34.58
C ILE N 29 -25.07 -11.65 -33.18
N ILE N 30 -23.96 -12.35 -32.96
CA ILE N 30 -23.31 -12.45 -31.65
C ILE N 30 -22.03 -11.61 -31.66
N MET N 31 -21.84 -10.77 -30.63
CA MET N 31 -20.65 -9.88 -30.52
C MET N 31 -19.63 -10.45 -29.50
N LEU N 32 -18.42 -10.74 -29.96
CA LEU N 32 -17.31 -11.18 -29.07
C LEU N 32 -16.36 -10.04 -29.14
N GLY N 33 -16.50 -9.13 -28.19
CA GLY N 33 -15.87 -7.84 -28.27
C GLY N 33 -14.96 -7.62 -27.06
N SER N 34 -14.48 -8.69 -26.44
CA SER N 34 -13.56 -8.56 -25.33
C SER N 34 -12.56 -9.73 -25.23
N GLN N 35 -11.71 -9.66 -24.20
CA GLN N 35 -10.95 -10.76 -23.72
C GLN N 35 -11.85 -11.97 -23.53
N ILE N 36 -11.32 -13.15 -23.81
CA ILE N 36 -12.09 -14.37 -23.69
C ILE N 36 -11.76 -14.96 -22.34
N ASP N 37 -12.73 -14.93 -21.43
CA ASP N 37 -12.69 -15.69 -20.20
C ASP N 37 -13.93 -16.60 -20.12
N ASP N 38 -14.03 -17.37 -19.05
CA ASP N 38 -15.14 -18.30 -18.85
C ASP N 38 -16.52 -17.61 -18.96
N ASN N 39 -16.70 -16.41 -18.37
CA ASN N 39 -17.99 -15.70 -18.44
C ASN N 39 -18.35 -15.40 -19.88
N VAL N 40 -17.38 -14.90 -20.64
CA VAL N 40 -17.61 -14.55 -22.04
C VAL N 40 -18.04 -15.81 -22.84
N ALA N 41 -17.36 -16.92 -22.59
CA ALA N 41 -17.61 -18.20 -23.26
C ALA N 41 -18.99 -18.72 -22.85
N ASN N 42 -19.33 -18.66 -21.57
CA ASN N 42 -20.62 -19.18 -21.18
C ASN N 42 -21.71 -18.42 -21.88
N SER N 43 -21.52 -17.11 -22.00
CA SER N 43 -22.44 -16.25 -22.71
C SER N 43 -22.54 -16.51 -24.19
N ILE N 44 -21.41 -16.63 -24.89
CA ILE N 44 -21.49 -16.89 -26.33
C ILE N 44 -22.01 -18.27 -26.68
N VAL N 45 -21.67 -19.22 -25.83
CA VAL N 45 -22.10 -20.60 -26.00
C VAL N 45 -23.62 -20.57 -25.87
N SER N 46 -24.08 -19.92 -24.80
CA SER N 46 -25.49 -19.85 -24.58
C SER N 46 -26.16 -19.16 -25.76
N GLN N 47 -25.59 -18.09 -26.29
CA GLN N 47 -26.22 -17.43 -27.42
C GLN N 47 -26.28 -18.35 -28.62
N LEU N 48 -25.21 -19.09 -28.84
CA LEU N 48 -25.15 -19.96 -30.02
C LEU N 48 -26.23 -21.06 -29.91
N LEU N 49 -26.30 -21.72 -28.78
CA LEU N 49 -27.36 -22.70 -28.51
C LEU N 49 -28.80 -22.16 -28.62
N PHE N 50 -29.02 -20.95 -28.15
CA PHE N 50 -30.33 -20.33 -28.26
C PHE N 50 -30.69 -20.07 -29.71
N LEU N 51 -29.75 -19.49 -30.46
CA LEU N 51 -30.02 -19.26 -31.86
C LEU N 51 -30.29 -20.54 -32.62
N GLN N 52 -29.51 -21.61 -32.38
CA GLN N 52 -29.74 -22.87 -33.10
C GLN N 52 -31.17 -23.41 -32.78
N ALA N 53 -31.61 -23.24 -31.54
CA ALA N 53 -32.92 -23.63 -31.05
C ALA N 53 -34.04 -22.82 -31.72
N GLN N 54 -33.88 -21.50 -31.86
CA GLN N 54 -34.83 -20.68 -32.67
C GLN N 54 -34.93 -21.11 -34.15
N ASP N 55 -33.82 -21.60 -34.71
CA ASP N 55 -33.74 -21.98 -36.13
C ASP N 55 -32.40 -22.64 -36.38
N SER N 56 -32.49 -23.88 -36.86
CA SER N 56 -31.34 -24.73 -37.06
C SER N 56 -30.78 -24.55 -38.47
N GLU N 57 -31.38 -23.69 -39.28
CA GLU N 57 -31.00 -23.48 -40.70
C GLU N 57 -30.31 -22.16 -40.95
N LYS N 58 -30.73 -21.09 -40.29
CA LYS N 58 -30.23 -19.77 -40.69
C LYS N 58 -28.83 -19.59 -40.08
N ASP N 59 -27.97 -18.98 -40.88
CA ASP N 59 -26.64 -18.63 -40.47
C ASP N 59 -26.69 -17.76 -39.21
N ILE N 60 -25.63 -17.92 -38.41
CA ILE N 60 -25.30 -17.03 -37.28
C ILE N 60 -24.07 -16.23 -37.71
N TYR N 61 -23.85 -15.08 -37.05
CA TYR N 61 -22.76 -14.20 -37.42
C TYR N 61 -22.06 -13.81 -36.17
N LEU N 62 -20.77 -14.19 -36.08
CA LEU N 62 -19.93 -13.94 -34.90
C LEU N 62 -18.98 -12.84 -35.27
N TYR N 63 -19.24 -11.69 -34.70
CA TYR N 63 -18.42 -10.49 -34.88
C TYR N 63 -17.35 -10.54 -33.81
N ILE N 64 -16.10 -10.46 -34.23
CA ILE N 64 -14.93 -10.64 -33.33
C ILE N 64 -14.05 -9.42 -33.28
N ASN N 65 -13.91 -8.84 -32.09
CA ASN N 65 -12.92 -7.86 -31.79
C ASN N 65 -12.34 -8.21 -30.41
N SER N 66 -11.20 -8.91 -30.37
CA SER N 66 -10.75 -9.60 -29.12
C SER N 66 -9.27 -9.80 -29.15
N PRO N 67 -8.62 -9.55 -28.02
CA PRO N 67 -7.23 -9.81 -27.96
C PRO N 67 -6.91 -11.26 -27.51
N GLY N 68 -7.91 -12.13 -27.46
CA GLY N 68 -7.80 -13.51 -27.03
C GLY N 68 -8.14 -13.72 -25.55
N GLY N 69 -7.49 -14.72 -24.96
CA GLY N 69 -7.69 -15.06 -23.58
C GLY N 69 -7.49 -16.56 -23.34
N SER N 70 -8.29 -17.09 -22.42
CA SER N 70 -8.32 -18.47 -22.01
C SER N 70 -8.53 -19.44 -23.21
N VAL N 71 -7.59 -20.40 -23.29
CA VAL N 71 -7.65 -21.44 -24.33
C VAL N 71 -8.86 -22.30 -24.09
N THR N 72 -9.09 -22.72 -22.83
CA THR N 72 -10.22 -23.64 -22.53
C THR N 72 -11.53 -22.92 -22.76
N ALA N 73 -11.63 -21.66 -22.35
CA ALA N 73 -12.84 -20.91 -22.70
C ALA N 73 -13.02 -20.78 -24.24
N GLY N 74 -11.93 -20.55 -24.95
CA GLY N 74 -11.93 -20.48 -26.41
C GLY N 74 -12.39 -21.83 -26.98
N PHE N 75 -11.97 -22.92 -26.37
CA PHE N 75 -12.40 -24.23 -26.88
C PHE N 75 -13.89 -24.56 -26.54
N ALA N 76 -14.49 -23.98 -25.50
CA ALA N 76 -15.95 -24.08 -25.30
C ALA N 76 -16.72 -23.43 -26.46
N ILE N 77 -16.26 -22.25 -26.84
CA ILE N 77 -16.87 -21.58 -28.00
C ILE N 77 -16.62 -22.41 -29.26
N TYR N 78 -15.37 -22.81 -29.50
CA TYR N 78 -14.99 -23.58 -30.69
C TYR N 78 -15.90 -24.82 -30.92
N ASP N 79 -16.01 -25.68 -29.91
CA ASP N 79 -16.69 -26.96 -30.04
C ASP N 79 -18.16 -26.73 -30.23
N THR N 80 -18.69 -25.69 -29.60
CA THR N 80 -20.06 -25.34 -29.74
C THR N 80 -20.34 -24.89 -31.14
N ILE N 81 -19.43 -24.07 -31.68
CA ILE N 81 -19.63 -23.66 -33.07
C ILE N 81 -19.75 -24.87 -33.96
N GLN N 82 -18.81 -25.82 -33.84
CA GLN N 82 -18.79 -26.92 -34.75
C GLN N 82 -19.93 -27.89 -34.44
N HIS N 83 -20.36 -28.02 -33.19
CA HIS N 83 -21.48 -28.88 -32.90
C HIS N 83 -22.80 -28.51 -33.59
N ILE N 84 -23.18 -27.26 -33.58
CA ILE N 84 -24.50 -26.85 -34.07
C ILE N 84 -24.63 -26.96 -35.56
N LYS N 85 -25.88 -27.00 -36.04
CA LYS N 85 -26.15 -27.22 -37.47
C LYS N 85 -25.84 -25.96 -38.29
N PRO N 86 -26.34 -24.77 -37.84
CA PRO N 86 -26.14 -23.57 -38.66
C PRO N 86 -24.69 -23.20 -38.95
N ASP N 87 -24.45 -22.60 -40.10
CA ASP N 87 -23.18 -22.04 -40.41
C ASP N 87 -22.96 -20.83 -39.43
N VAL N 88 -21.80 -20.76 -38.78
CA VAL N 88 -21.38 -19.53 -38.08
C VAL N 88 -20.36 -18.77 -38.91
N GLN N 89 -20.77 -17.64 -39.44
CA GLN N 89 -19.87 -16.75 -40.13
C GLN N 89 -19.03 -16.03 -39.04
N THR N 90 -17.79 -15.69 -39.36
CA THR N 90 -16.90 -14.93 -38.46
C THR N 90 -16.46 -13.66 -39.17
N ILE N 91 -16.60 -12.52 -38.50
CA ILE N 91 -16.17 -11.25 -39.07
C ILE N 91 -15.20 -10.58 -38.07
N CYS N 92 -13.99 -10.33 -38.54
CA CYS N 92 -13.00 -9.62 -37.71
C CYS N 92 -13.07 -8.14 -37.96
N ILE N 93 -13.36 -7.40 -36.88
CA ILE N 93 -13.32 -5.92 -36.90
C ILE N 93 -12.31 -5.46 -35.84
N GLY N 94 -11.45 -4.55 -36.20
CA GLY N 94 -10.43 -4.12 -35.28
C GLY N 94 -9.30 -5.12 -35.09
N MET N 95 -9.51 -6.16 -34.28
CA MET N 95 -8.40 -7.09 -33.96
C MET N 95 -8.92 -8.47 -33.56
N ALA N 96 -8.22 -9.50 -34.04
CA ALA N 96 -8.41 -10.85 -33.49
C ALA N 96 -7.02 -11.44 -33.21
N ALA N 97 -6.66 -11.58 -31.95
CA ALA N 97 -5.31 -12.01 -31.56
C ALA N 97 -5.47 -13.26 -30.75
N SER N 98 -4.51 -14.18 -30.89
CA SER N 98 -4.42 -15.38 -30.09
C SER N 98 -5.65 -16.24 -30.29
N MET N 99 -6.32 -16.64 -29.20
CA MET N 99 -7.54 -17.40 -29.29
C MET N 99 -8.63 -16.71 -30.09
N GLY N 100 -8.59 -15.38 -30.08
CA GLY N 100 -9.41 -14.58 -30.98
C GLY N 100 -9.24 -14.95 -32.46
N SER N 101 -8.00 -15.08 -32.88
CA SER N 101 -7.75 -15.45 -34.28
C SER N 101 -8.10 -16.94 -34.55
N PHE N 102 -7.94 -17.77 -33.53
CA PHE N 102 -8.28 -19.16 -33.60
C PHE N 102 -9.81 -19.25 -33.88
N LEU N 103 -10.61 -18.55 -33.07
CA LEU N 103 -12.04 -18.43 -33.32
C LEU N 103 -12.39 -17.80 -34.66
N LEU N 104 -11.62 -16.81 -35.11
CA LEU N 104 -11.88 -16.26 -36.44
C LEU N 104 -11.79 -17.34 -37.53
N ALA N 105 -10.75 -18.17 -37.43
CA ALA N 105 -10.45 -19.20 -38.44
C ALA N 105 -11.47 -20.36 -38.41
N ALA N 106 -12.16 -20.46 -37.28
CA ALA N 106 -13.10 -21.50 -36.99
C ALA N 106 -14.47 -21.31 -37.63
N GLY N 107 -14.67 -20.19 -38.33
CA GLY N 107 -15.99 -19.89 -38.91
C GLY N 107 -16.25 -20.87 -40.05
N ALA N 108 -17.47 -20.88 -40.55
CA ALA N 108 -17.83 -21.84 -41.61
C ALA N 108 -17.03 -21.49 -42.84
N LYS N 109 -16.54 -22.53 -43.49
CA LYS N 109 -15.59 -22.29 -44.63
C LYS N 109 -16.32 -21.52 -45.73
N GLY N 110 -15.62 -20.57 -46.33
CA GLY N 110 -16.16 -19.58 -47.25
C GLY N 110 -16.82 -18.34 -46.61
N LYS N 111 -17.05 -18.37 -45.31
CA LYS N 111 -17.80 -17.28 -44.60
C LYS N 111 -16.98 -16.70 -43.40
N ARG N 112 -15.68 -16.55 -43.60
CA ARG N 112 -14.78 -15.95 -42.62
C ARG N 112 -14.23 -14.65 -43.22
N PHE N 113 -14.48 -13.52 -42.55
CA PHE N 113 -14.15 -12.22 -43.14
C PHE N 113 -13.32 -11.41 -42.19
N ALA N 114 -12.65 -10.43 -42.74
CA ALA N 114 -12.13 -9.35 -41.95
C ALA N 114 -12.27 -8.04 -42.67
N LEU N 115 -12.49 -6.98 -41.90
CA LEU N 115 -12.51 -5.65 -42.48
C LEU N 115 -11.09 -5.25 -42.79
N PRO N 116 -10.93 -4.29 -43.68
CA PRO N 116 -9.66 -4.12 -44.34
C PRO N 116 -8.44 -3.71 -43.47
N ASN N 117 -8.73 -2.96 -42.43
CA ASN N 117 -7.73 -2.42 -41.56
C ASN N 117 -7.73 -3.23 -40.25
N ALA N 118 -8.47 -4.35 -40.25
CA ALA N 118 -8.49 -5.25 -39.11
C ALA N 118 -7.16 -5.91 -38.97
N GLU N 119 -6.74 -6.17 -37.74
CA GLU N 119 -5.52 -6.91 -37.49
C GLU N 119 -5.77 -8.32 -37.01
N VAL N 120 -4.94 -9.24 -37.46
CA VAL N 120 -5.03 -10.56 -36.94
C VAL N 120 -3.70 -10.92 -36.38
N MET N 121 -3.68 -11.61 -35.26
CA MET N 121 -2.40 -12.02 -34.72
C MET N 121 -2.43 -13.42 -34.22
N ILE N 122 -1.35 -14.14 -34.49
CA ILE N 122 -1.17 -15.48 -34.04
C ILE N 122 0.12 -15.67 -33.29
N HIS N 123 0.09 -16.61 -32.36
CA HIS N 123 1.24 -16.87 -31.53
C HIS N 123 1.05 -18.14 -30.69
N GLN N 124 2.04 -18.49 -29.91
CA GLN N 124 1.92 -19.71 -29.11
C GLN N 124 1.17 -19.44 -27.82
N PRO N 125 0.66 -20.51 -27.19
CA PRO N 125 0.06 -20.25 -25.86
C PRO N 125 1.03 -19.82 -24.75
N LEU N 126 0.45 -19.17 -23.78
CA LEU N 126 1.12 -18.57 -22.69
C LEU N 126 0.64 -19.22 -21.43
N GLY N 127 1.55 -19.41 -20.48
CA GLY N 127 1.18 -19.89 -19.15
C GLY N 127 2.27 -19.70 -18.12
N GLY N 128 2.17 -20.49 -17.09
CA GLY N 128 3.12 -20.37 -15.95
C GLY N 128 3.14 -21.67 -15.18
N ALA N 129 4.15 -21.83 -14.33
CA ALA N 129 4.28 -23.01 -13.53
C ALA N 129 5.24 -22.68 -12.38
N GLN N 130 4.91 -23.15 -11.20
CA GLN N 130 5.66 -22.91 -9.99
C GLN N 130 5.60 -24.20 -9.14
N GLY N 131 6.62 -24.49 -8.34
CA GLY N 131 6.63 -25.63 -7.43
C GLY N 131 7.78 -26.60 -7.68
N GLN N 132 7.50 -27.87 -7.48
CA GLN N 132 8.53 -28.89 -7.58
C GLN N 132 8.84 -29.16 -9.03
N ALA N 133 10.06 -29.61 -9.31
CA ALA N 133 10.41 -30.02 -10.70
C ALA N 133 9.37 -30.88 -11.45
N THR N 134 8.87 -31.89 -10.74
CA THR N 134 7.78 -32.74 -11.21
C THR N 134 6.50 -31.93 -11.61
N GLU N 135 6.10 -30.96 -10.77
CA GLU N 135 5.01 -30.00 -11.06
C GLU N 135 5.30 -29.21 -12.31
N ILE N 136 6.51 -28.72 -12.46
CA ILE N 136 6.90 -27.93 -13.61
C ILE N 136 6.82 -28.78 -14.87
N GLU N 137 7.25 -30.02 -14.76
CA GLU N 137 7.19 -30.92 -15.88
C GLU N 137 5.75 -31.20 -16.35
N ILE N 138 4.83 -31.42 -15.42
CA ILE N 138 3.43 -31.70 -15.74
C ILE N 138 2.81 -30.53 -16.47
N ALA N 139 3.11 -29.30 -16.00
CA ALA N 139 2.61 -28.06 -16.63
C ALA N 139 3.26 -27.82 -17.95
N ALA N 140 4.55 -28.11 -18.08
CA ALA N 140 5.16 -27.93 -19.39
C ALA N 140 4.55 -28.90 -20.40
N ASN N 141 4.37 -30.15 -20.01
CA ASN N 141 3.76 -31.14 -20.90
C ASN N 141 2.32 -30.80 -21.22
N HIS N 142 1.60 -30.26 -20.23
CA HIS N 142 0.24 -29.86 -20.53
C HIS N 142 0.22 -28.71 -21.55
N ILE N 143 1.09 -27.72 -21.40
CA ILE N 143 0.93 -26.59 -22.28
C ILE N 143 1.41 -26.95 -23.68
N LEU N 144 2.40 -27.81 -23.79
CA LEU N 144 2.91 -28.21 -25.13
C LEU N 144 1.88 -29.08 -25.86
N LYS N 145 1.19 -29.93 -25.13
CA LYS N 145 0.07 -30.72 -25.71
C LYS N 145 -1.06 -29.78 -26.19
N THR N 146 -1.38 -28.76 -25.37
CA THR N 146 -2.37 -27.74 -25.74
C THR N 146 -1.99 -27.05 -27.04
N ARG N 147 -0.71 -26.71 -27.18
CA ARG N 147 -0.18 -26.09 -28.41
C ARG N 147 -0.24 -27.01 -29.63
N GLU N 148 0.11 -28.29 -29.48
CA GLU N 148 -0.17 -29.27 -30.56
C GLU N 148 -1.64 -29.34 -30.97
N LYS N 149 -2.54 -29.40 -30.00
CA LYS N 149 -3.97 -29.45 -30.27
C LYS N 149 -4.43 -28.20 -31.04
N LEU N 150 -3.90 -27.03 -30.69
CA LEU N 150 -4.29 -25.79 -31.35
C LEU N 150 -3.79 -25.77 -32.76
N ASN N 151 -2.56 -26.20 -32.89
CA ASN N 151 -1.88 -26.13 -34.15
C ASN N 151 -2.45 -27.14 -35.12
N ARG N 152 -2.76 -28.33 -34.64
CA ARG N 152 -3.37 -29.31 -35.51
C ARG N 152 -4.68 -28.75 -36.05
N ILE N 153 -5.50 -28.08 -35.22
CA ILE N 153 -6.77 -27.56 -35.75
C ILE N 153 -6.57 -26.41 -36.71
N LEU N 154 -5.64 -25.51 -36.36
CA LEU N 154 -5.33 -24.41 -37.28
C LEU N 154 -4.82 -24.90 -38.61
N SER N 155 -3.98 -25.94 -38.60
CA SER N 155 -3.52 -26.55 -39.85
C SER N 155 -4.71 -26.90 -40.75
N GLU N 156 -5.65 -27.64 -40.21
CA GLU N 156 -6.80 -28.12 -40.94
C GLU N 156 -7.67 -27.01 -41.48
N ARG N 157 -7.80 -25.94 -40.68
CA ARG N 157 -8.60 -24.75 -41.08
C ARG N 157 -8.03 -23.80 -42.04
N THR N 158 -6.71 -23.62 -41.95
CA THR N 158 -6.06 -22.75 -42.89
C THR N 158 -5.62 -23.46 -44.13
N GLY N 159 -5.35 -24.77 -44.01
CA GLY N 159 -4.66 -25.51 -45.06
C GLY N 159 -3.14 -25.46 -44.97
N GLN N 160 -2.59 -24.81 -43.94
CA GLN N 160 -1.13 -24.77 -43.84
C GLN N 160 -0.69 -26.00 -43.12
N SER N 161 0.59 -26.35 -43.27
CA SER N 161 1.08 -27.53 -42.57
C SER N 161 1.27 -27.24 -41.07
N ILE N 162 1.27 -28.28 -40.27
CA ILE N 162 1.54 -28.15 -38.84
C ILE N 162 2.96 -27.61 -38.60
N GLU N 163 3.89 -28.02 -39.47
CA GLU N 163 5.30 -27.53 -39.43
C GLU N 163 5.39 -25.99 -39.58
N LYS N 164 4.66 -25.48 -40.54
CA LYS N 164 4.64 -24.09 -40.85
C LYS N 164 3.85 -23.30 -39.76
N ILE N 165 2.68 -23.78 -39.31
CA ILE N 165 1.96 -23.14 -38.20
C ILE N 165 2.91 -22.98 -36.97
N GLN N 166 3.60 -24.08 -36.61
CA GLN N 166 4.59 -24.11 -35.50
C GLN N 166 5.65 -23.00 -35.58
N LYS N 167 6.31 -22.94 -36.73
CA LYS N 167 7.29 -21.88 -36.98
C LYS N 167 6.66 -20.47 -36.93
N ASP N 168 5.50 -20.33 -37.54
CA ASP N 168 4.92 -19.02 -37.69
C ASP N 168 4.25 -18.48 -36.40
N THR N 169 4.04 -19.31 -35.39
CA THR N 169 3.50 -18.91 -34.08
C THR N 169 4.57 -18.89 -32.97
N ASP N 170 5.83 -19.12 -33.34
CA ASP N 170 6.94 -19.15 -32.38
C ASP N 170 7.03 -17.83 -31.57
N ARG N 171 6.84 -16.72 -32.28
CA ARG N 171 6.68 -15.38 -31.69
C ARG N 171 5.43 -14.74 -32.27
N ASP N 172 5.08 -13.60 -31.71
CA ASP N 172 3.89 -12.87 -32.06
C ASP N 172 4.02 -12.55 -33.52
N ASN N 173 3.00 -12.89 -34.29
CA ASN N 173 3.03 -12.69 -35.70
C ASN N 173 1.71 -11.96 -36.15
N PHE N 174 1.90 -10.73 -36.56
CA PHE N 174 0.83 -9.79 -36.84
C PHE N 174 0.54 -9.88 -38.31
N LEU N 175 -0.72 -10.12 -38.68
CA LEU N 175 -1.13 -10.11 -40.08
C LEU N 175 -2.12 -9.02 -40.42
N THR N 176 -1.94 -8.35 -41.57
CA THR N 176 -3.03 -7.53 -42.14
C THR N 176 -4.19 -8.48 -42.62
N ALA N 177 -5.30 -7.87 -43.00
CA ALA N 177 -6.48 -8.64 -43.39
C ALA N 177 -6.17 -9.49 -44.64
N GLU N 178 -5.46 -8.85 -45.56
CA GLU N 178 -5.10 -9.43 -46.80
C GLU N 178 -4.16 -10.59 -46.55
N GLU N 179 -3.22 -10.44 -45.62
CA GLU N 179 -2.30 -11.53 -45.29
C GLU N 179 -3.00 -12.65 -44.60
N ALA N 180 -3.99 -12.35 -43.75
CA ALA N 180 -4.80 -13.38 -43.11
C ALA N 180 -5.53 -14.22 -44.15
N LYS N 181 -5.99 -13.58 -45.21
CA LYS N 181 -6.65 -14.30 -46.32
C LYS N 181 -5.64 -15.20 -47.08
N GLU N 182 -4.49 -14.64 -47.43
CA GLU N 182 -3.39 -15.42 -48.03
C GLU N 182 -2.99 -16.61 -47.17
N TYR N 183 -2.98 -16.40 -45.88
CA TYR N 183 -2.67 -17.47 -44.96
C TYR N 183 -3.76 -18.59 -44.84
N GLY N 184 -5.00 -18.29 -45.24
CA GLY N 184 -6.12 -19.16 -44.94
C GLY N 184 -6.83 -18.95 -43.60
N LEU N 185 -6.55 -17.87 -42.87
CA LEU N 185 -7.24 -17.62 -41.61
C LEU N 185 -8.64 -17.13 -41.88
N ILE N 186 -8.78 -16.44 -42.99
CA ILE N 186 -10.06 -15.97 -43.48
C ILE N 186 -10.20 -16.27 -44.95
N ASP N 187 -11.43 -16.14 -45.44
CA ASP N 187 -11.72 -16.33 -46.87
C ASP N 187 -11.75 -15.07 -47.69
N GLU N 188 -12.27 -13.99 -47.13
CA GLU N 188 -12.43 -12.74 -47.86
C GLU N 188 -12.16 -11.50 -46.95
N VAL N 189 -11.59 -10.47 -47.55
CA VAL N 189 -11.49 -9.20 -46.97
C VAL N 189 -12.76 -8.52 -47.39
N MET N 190 -13.61 -8.20 -46.41
CA MET N 190 -14.79 -7.43 -46.69
C MET N 190 -14.41 -5.99 -47.10
N VAL N 191 -14.46 -5.66 -48.38
CA VAL N 191 -14.16 -4.31 -48.86
C VAL N 191 -15.41 -3.40 -48.89
N PRO N 192 -15.20 -2.07 -48.81
CA PRO N 192 -16.35 -1.20 -48.69
C PRO N 192 -16.98 -0.93 -50.04
N GLU N 193 -18.28 -1.18 -50.20
CA GLU N 193 -19.01 -0.81 -51.44
C GLU N 193 -19.13 0.73 -51.60
N THR N 194 -18.32 1.31 -52.50
CA THR N 194 -18.30 2.75 -52.84
C THR N 194 -17.62 3.61 -51.80
N PHE O 2 44.43 3.46 -16.55
CA PHE O 2 44.53 3.18 -18.00
C PHE O 2 45.77 3.86 -18.61
N SER O 3 46.95 3.33 -18.25
CA SER O 3 48.25 3.88 -18.63
C SER O 3 49.16 2.82 -19.33
N PRO O 4 49.79 3.15 -20.48
CA PRO O 4 49.69 4.51 -21.11
C PRO O 4 48.33 4.77 -21.80
N ALA O 6 46.46 7.40 -19.76
CA ALA O 6 45.59 8.17 -18.87
C ALA O 6 45.36 7.59 -17.44
N PHE P 2 42.26 -21.32 -6.39
CA PHE P 2 42.15 -22.59 -7.15
C PHE P 2 43.47 -22.93 -7.85
N SER P 3 44.46 -23.31 -7.05
CA SER P 3 45.82 -23.56 -7.51
C SER P 3 46.34 -24.99 -7.10
N PRO P 4 46.97 -25.74 -8.04
CA PRO P 4 47.25 -25.30 -9.42
C PRO P 4 45.95 -25.31 -10.25
N ALA P 6 45.09 -21.70 -11.09
CA ALA P 6 44.52 -20.36 -11.15
C ALA P 6 44.22 -19.64 -9.80
N PHE Q 2 33.72 -28.84 18.02
CA PHE Q 2 33.19 -30.18 18.40
C PHE Q 2 34.28 -31.25 18.43
N SER Q 3 35.24 -31.10 19.38
CA SER Q 3 36.40 -31.98 19.51
C SER Q 3 36.52 -32.70 20.91
N PRO Q 4 36.78 -34.02 20.93
CA PRO Q 4 37.02 -34.86 19.70
C PRO Q 4 35.71 -35.18 18.92
N ALA Q 6 35.91 -33.27 15.59
CA ALA Q 6 35.74 -32.35 14.46
C ALA Q 6 35.81 -30.82 14.79
N PHE R 2 25.59 -13.15 38.24
CA PHE R 2 24.70 -13.51 39.37
C PHE R 2 25.42 -14.44 40.37
N SER R 3 26.44 -13.90 41.05
CA SER R 3 27.31 -14.65 41.94
C SER R 3 27.32 -14.07 43.40
N PRO R 4 27.19 -14.93 44.44
CA PRO R 4 27.07 -16.43 44.30
C PRO R 4 25.68 -16.84 43.77
N ALA R 6 26.12 -18.23 40.23
CA ALA R 6 26.16 -18.47 38.79
C ALA R 6 26.69 -17.30 37.90
N PHE S 2 24.13 13.59 38.97
CA PHE S 2 23.30 14.43 39.90
C PHE S 2 23.82 14.34 41.34
N SER S 3 25.02 14.92 41.59
CA SER S 3 25.74 14.89 42.86
C SER S 3 26.05 16.34 43.41
N PRO S 4 25.78 16.62 44.71
CA PRO S 4 25.25 15.60 45.68
C PRO S 4 23.75 15.30 45.47
N ALA S 6 23.47 11.69 44.13
CA ALA S 6 23.32 10.48 43.34
C ALA S 6 24.04 10.43 41.96
N PHE T 2 30.04 31.22 19.50
CA PHE T 2 29.56 32.63 19.39
C PHE T 2 30.20 33.52 20.47
N SER T 3 31.49 33.80 20.31
CA SER T 3 32.30 34.52 21.30
C SER T 3 33.02 35.74 20.68
N PRO T 4 32.98 36.92 21.34
CA PRO T 4 32.29 37.12 22.66
C PRO T 4 30.76 37.17 22.50
N ALA T 6 29.42 33.99 24.18
CA ALA T 6 28.84 32.71 24.52
C ALA T 6 29.38 31.50 23.72
N PHE U 2 38.91 26.89 -5.34
CA PHE U 2 38.82 27.83 -6.50
C PHE U 2 39.75 29.02 -6.31
N SER U 3 41.08 28.77 -6.38
CA SER U 3 42.12 29.77 -6.13
C SER U 3 43.10 29.91 -7.35
N PRO U 4 43.45 31.15 -7.78
CA PRO U 4 42.93 32.43 -7.18
C PRO U 4 41.45 32.71 -7.55
N ALA U 6 39.38 32.30 -4.33
CA ALA U 6 38.52 31.85 -3.23
C ALA U 6 38.67 30.35 -2.77
N PHE V 2 -27.27 19.30 -33.53
CA PHE V 2 -26.66 20.49 -34.16
C PHE V 2 -27.17 20.74 -35.58
N SER V 3 -28.44 21.19 -35.67
CA SER V 3 -29.19 21.35 -36.92
C SER V 3 -29.80 22.78 -37.04
N PRO V 4 -29.67 23.46 -38.20
CA PRO V 4 -28.99 22.91 -39.42
C PRO V 4 -27.45 22.90 -39.26
N ALA V 6 -26.32 19.21 -39.04
CA ALA V 6 -25.92 17.88 -38.62
C ALA V 6 -26.62 17.25 -37.37
N PHE W 2 -36.35 28.88 -10.29
CA PHE W 2 -36.16 30.24 -9.74
C PHE W 2 -37.00 31.25 -10.53
N SER W 3 -38.33 31.17 -10.36
CA SER W 3 -39.29 31.94 -11.12
C SER W 3 -40.27 32.75 -10.20
N PRO W 4 -40.52 34.05 -10.47
CA PRO W 4 -39.88 34.80 -11.63
C PRO W 4 -38.37 35.08 -11.42
N ALA W 6 -36.44 32.93 -13.94
CA ALA W 6 -35.61 31.96 -14.62
C ALA W 6 -35.86 30.46 -14.23
N PHE X 2 -43.60 15.51 11.75
CA PHE X 2 -43.69 16.02 13.15
C PHE X 2 -44.82 17.04 13.34
N SER X 3 -46.07 16.53 13.27
CA SER X 3 -47.28 17.33 13.31
C SER X 3 -48.26 16.90 14.46
N PRO X 4 -48.83 17.86 15.22
CA PRO X 4 -48.60 19.32 15.03
C PRO X 4 -47.20 19.75 15.52
N ALA X 6 -45.20 20.76 12.41
CA ALA X 6 -44.29 20.85 11.28
C ALA X 6 -44.13 19.58 10.39
N PHE Y 2 -43.80 -10.86 15.71
CA PHE Y 2 -43.79 -11.57 17.02
C PHE Y 2 -45.12 -11.38 17.75
N SER Y 3 -46.17 -12.04 17.21
CA SER Y 3 -47.54 -11.93 17.75
C SER Y 3 -48.18 -13.33 18.12
N PRO Y 4 -48.84 -13.47 19.28
CA PRO Y 4 -49.01 -12.35 20.29
C PRO Y 4 -47.70 -12.01 21.04
N ALA Y 6 -46.53 -8.51 19.91
CA ALA Y 6 -45.86 -7.36 19.30
C ALA Y 6 -45.53 -7.45 17.77
N PHE Z 2 -36.59 -30.32 -1.45
CA PHE Z 2 -36.22 -31.72 -1.09
C PHE Z 2 -37.43 -32.53 -0.56
N SER Z 3 -38.36 -32.86 -1.48
CA SER Z 3 -39.63 -33.51 -1.15
C SER Z 3 -39.83 -34.80 -1.99
N PRO Z 4 -40.24 -35.94 -1.36
CA PRO Z 4 -40.52 -36.01 0.10
C PRO Z 4 -39.24 -35.98 0.94
N ALA Z 6 -39.15 -32.68 2.89
CA ALA Z 6 -38.89 -31.32 3.37
C ALA Z 6 -38.81 -30.18 2.32
N PHE AA 2 -27.60 -28.52 -26.66
CA PHE AA 2 -26.84 -29.56 -27.39
C PHE AA 2 -27.69 -30.79 -27.77
N SER AA 3 -28.67 -30.57 -28.67
CA SER AA 3 -29.66 -31.59 -29.05
C SER AA 3 -29.67 -31.86 -30.59
N PRO AA 4 -29.66 -33.14 -31.04
CA PRO AA 4 -29.67 -34.34 -30.12
C PRO AA 4 -28.30 -34.58 -29.42
N ALA AA 6 -28.74 -33.82 -25.68
CA ALA AA 6 -28.76 -33.22 -24.36
C ALA AA 6 -29.15 -31.71 -24.26
N PHE BA 2 -23.42 -6.22 -41.00
CA PHE BA 2 -22.53 -6.07 -42.18
C PHE BA 2 -23.10 -6.82 -43.40
N SER BA 3 -24.20 -6.31 -43.96
CA SER BA 3 -24.98 -6.95 -45.02
C SER BA 3 -25.16 -5.97 -46.22
N PRO BA 4 -24.90 -6.42 -47.46
CA PRO BA 4 -24.50 -7.84 -47.75
C PRO BA 4 -23.04 -8.10 -47.35
N ALA BA 6 -23.08 -10.52 -44.38
CA ALA BA 6 -23.03 -11.19 -43.09
C ALA BA 6 -23.72 -10.46 -41.91
#